data_4YHA
#
_entry.id   4YHA
#
_cell.length_a   42.450
_cell.length_b   135.650
_cell.length_c   166.580
_cell.angle_alpha   90.000
_cell.angle_beta   90.050
_cell.angle_gamma   90.000
#
_symmetry.space_group_name_H-M   'P 1 21 1'
#
loop_
_entity.id
_entity.type
_entity.pdbx_description
1 polymer 'Alpha-carbonic anhydrase'
2 non-polymer 'ZINC ION'
3 non-polymer 'CHLORIDE ION'
4 non-polymer N-(3-methyl-5-sulfamoyl-1,3,4-thiadiazol-2(3H)-ylidene)acetamide
5 non-polymer GLYCEROL
6 water water
#
_entity_poly.entity_id   1
_entity_poly.type   'polypeptide(L)'
_entity_poly.pdbx_seq_one_letter_code
;GIDPFTNTKWDYKNKENGPHRWDKLHKDFEVCKSGKSQSPINIEHYYHTQDKADLQFKYAASKPKAVFFTHHTLKASFEP
TNHINYRGHDYVLDNVHFHAPMEFLINNKTRPLSAHFVHKDAKGRLLVLAIGFEEGKENPNLDPILEGIQKKQNFKEVAL
DAFLPKSINYYHFNGSLTAPPCTEGVAWFVIEEPLEVSAKQLAEIKKRMKNSPNQRPVQPDYNTVIIKSSAETR
;
_entity_poly.pdbx_strand_id   A,B,C,D,E,F,G,H
#
loop_
_chem_comp.id
_chem_comp.type
_chem_comp.name
_chem_comp.formula
CL non-polymer 'CHLORIDE ION' 'Cl -1'
GOL non-polymer GLYCEROL 'C3 H8 O3'
MZM non-polymer N-(3-methyl-5-sulfamoyl-1,3,4-thiadiazol-2(3H)-ylidene)acetamide 'C5 H8 N4 O3 S2'
ZN non-polymer 'ZINC ION' 'Zn 2'
#
# COMPACT_ATOMS: atom_id res chain seq x y z
N THR A 8 6.57 -16.54 3.88
CA THR A 8 7.24 -15.24 3.87
C THR A 8 7.26 -14.55 5.25
N LYS A 9 8.35 -14.75 5.98
CA LYS A 9 8.43 -14.35 7.38
C LYS A 9 9.46 -13.26 7.71
N TRP A 10 9.11 -12.42 8.69
CA TRP A 10 9.87 -11.23 9.05
C TRP A 10 11.14 -11.52 9.85
N ASP A 11 12.21 -10.80 9.51
CA ASP A 11 13.47 -10.95 10.21
C ASP A 11 14.07 -9.59 10.52
N TYR A 12 15.27 -9.61 11.10
CA TYR A 12 16.02 -8.40 11.40
C TYR A 12 17.25 -8.33 10.47
N LYS A 13 17.24 -9.16 9.45
CA LYS A 13 18.33 -9.33 8.49
C LYS A 13 18.37 -8.19 7.47
N ASN A 14 19.51 -8.04 6.78
CA ASN A 14 19.76 -6.90 5.89
C ASN A 14 18.93 -6.73 4.64
N LYS A 15 18.18 -7.75 4.21
CA LYS A 15 17.58 -7.63 2.89
C LYS A 15 16.06 -7.48 3.02
N GLU A 16 15.32 -8.28 2.29
CA GLU A 16 13.91 -8.03 2.07
C GLU A 16 13.04 -8.23 3.28
N ASN A 17 13.34 -9.19 4.15
CA ASN A 17 12.43 -9.41 5.27
C ASN A 17 12.82 -8.64 6.54
N GLY A 18 13.70 -7.66 6.40
CA GLY A 18 14.14 -6.82 7.50
C GLY A 18 13.12 -5.79 7.97
N PRO A 19 13.44 -5.09 9.08
CA PRO A 19 12.61 -4.09 9.78
C PRO A 19 12.19 -2.93 8.90
N HIS A 20 13.07 -2.53 8.00
CA HIS A 20 12.75 -1.48 7.06
C HIS A 20 11.62 -1.89 6.14
N ARG A 21 11.33 -3.18 6.10
CA ARG A 21 10.37 -3.74 5.16
C ARG A 21 9.22 -4.54 5.75
N TRP A 22 9.09 -4.54 7.06
CA TRP A 22 8.05 -5.31 7.70
C TRP A 22 6.65 -5.01 7.16
N ASP A 23 6.40 -3.73 6.87
CA ASP A 23 5.12 -3.27 6.35
C ASP A 23 4.78 -3.91 5.02
N LYS A 24 5.82 -4.25 4.27
CA LYS A 24 5.64 -4.79 2.94
C LYS A 24 5.29 -6.29 3.00
N LEU A 25 5.73 -6.96 4.06
CA LEU A 25 5.54 -8.40 4.19
C LEU A 25 4.09 -8.87 4.37
N HIS A 26 3.29 -8.08 5.06
CA HIS A 26 1.94 -8.50 5.37
C HIS A 26 1.18 -7.20 5.56
N LYS A 27 -0.07 -7.16 5.10
CA LYS A 27 -0.86 -5.94 5.25
C LYS A 27 -1.23 -5.72 6.71
N ASP A 28 -1.19 -6.78 7.49
CA ASP A 28 -1.42 -6.68 8.92
C ASP A 28 -0.33 -5.83 9.54
N PHE A 29 0.76 -5.66 8.81
CA PHE A 29 1.94 -4.96 9.29
C PHE A 29 2.04 -3.52 8.76
N GLU A 30 0.95 -2.97 8.24
CA GLU A 30 0.99 -1.63 7.64
C GLU A 30 1.41 -0.55 8.64
N VAL A 31 0.98 -0.71 9.88
CA VAL A 31 1.25 0.29 10.91
C VAL A 31 2.71 0.31 11.33
N CYS A 32 3.46 -0.73 10.98
CA CYS A 32 4.89 -0.74 11.28
C CYS A 32 5.61 0.43 10.68
N LYS A 33 5.16 0.94 9.55
CA LYS A 33 5.80 2.12 9.00
C LYS A 33 4.92 3.35 9.17
N SER A 34 3.61 3.20 9.02
CA SER A 34 2.73 4.37 8.93
C SER A 34 2.32 4.96 10.29
N GLY A 35 2.40 4.16 11.34
CA GLY A 35 2.02 4.59 12.67
C GLY A 35 2.81 5.76 13.22
N LYS A 36 2.20 6.53 14.10
CA LYS A 36 2.85 7.72 14.58
C LYS A 36 3.32 7.55 15.99
N SER A 37 3.15 6.35 16.54
CA SER A 37 3.58 6.07 17.90
CA SER A 37 3.59 6.08 17.90
C SER A 37 4.32 4.75 17.96
N GLN A 38 5.28 4.59 17.07
CA GLN A 38 6.04 3.37 16.91
C GLN A 38 7.25 3.27 17.83
N SER A 39 7.48 2.06 18.34
CA SER A 39 8.58 1.72 19.24
C SER A 39 9.61 0.77 18.58
N PRO A 40 10.87 0.79 19.05
CA PRO A 40 11.40 1.53 20.20
C PRO A 40 11.84 2.93 19.82
N ILE A 41 12.15 3.73 20.81
CA ILE A 41 12.64 5.06 20.53
C ILE A 41 13.82 5.40 21.42
N ASN A 42 14.45 6.51 21.09
CA ASN A 42 15.52 7.03 21.92
C ASN A 42 14.93 8.00 22.93
N ILE A 43 14.99 7.60 24.20
CA ILE A 43 14.45 8.39 25.29
C ILE A 43 15.43 9.47 25.79
N GLU A 44 15.18 10.72 25.41
CA GLU A 44 16.03 11.86 25.81
C GLU A 44 15.23 13.00 26.43
N HIS A 45 13.99 13.15 25.99
CA HIS A 45 13.13 14.21 26.47
C HIS A 45 11.98 13.64 27.30
N TYR A 46 11.87 14.05 28.54
CA TYR A 46 10.81 13.55 29.38
C TYR A 46 10.45 14.55 30.40
N TYR A 47 9.42 14.23 31.16
CA TYR A 47 8.90 15.10 32.17
C TYR A 47 9.11 14.47 33.52
N HIS A 48 9.67 15.21 34.45
CA HIS A 48 9.80 14.66 35.78
C HIS A 48 8.45 14.81 36.46
N THR A 49 8.10 13.90 37.36
CA THR A 49 6.80 13.97 38.02
C THR A 49 6.89 13.36 39.41
N GLN A 50 5.74 13.30 40.09
CA GLN A 50 5.67 12.78 41.44
C GLN A 50 5.20 11.34 41.37
N ASP A 51 4.96 10.73 42.50
CA ASP A 51 4.52 9.36 42.44
C ASP A 51 3.03 9.31 42.74
N LYS A 52 2.22 9.78 41.81
CA LYS A 52 0.81 9.52 41.94
C LYS A 52 0.63 8.17 41.28
N ALA A 53 1.68 7.78 40.57
CA ALA A 53 1.76 6.55 39.79
C ALA A 53 1.12 5.35 40.45
N ASP A 54 -0.02 4.92 39.90
CA ASP A 54 -0.72 3.78 40.45
C ASP A 54 -0.26 2.50 39.74
N LEU A 55 0.91 2.00 40.09
CA LEU A 55 1.46 0.82 39.45
C LEU A 55 1.92 -0.16 40.52
N GLN A 56 1.09 -1.15 40.83
CA GLN A 56 1.48 -2.07 41.90
C GLN A 56 1.64 -3.46 41.36
N PHE A 57 2.76 -4.09 41.71
CA PHE A 57 3.04 -5.40 41.20
C PHE A 57 2.40 -6.48 42.03
N LYS A 58 1.93 -7.48 41.31
CA LYS A 58 1.31 -8.62 41.92
C LYS A 58 1.99 -9.84 41.33
N TYR A 59 3.30 -9.93 41.55
CA TYR A 59 4.08 -11.03 41.01
C TYR A 59 4.43 -12.07 42.04
N ALA A 60 4.55 -13.32 41.58
CA ALA A 60 5.01 -14.40 42.43
C ALA A 60 5.89 -15.34 41.62
N ALA A 61 6.60 -16.23 42.30
CA ALA A 61 7.36 -17.25 41.60
C ALA A 61 6.38 -18.11 40.84
N SER A 62 6.64 -18.29 39.54
CA SER A 62 5.71 -19.04 38.72
C SER A 62 6.48 -19.91 37.76
N LYS A 63 5.96 -21.11 37.51
CA LYS A 63 6.55 -21.97 36.51
C LYS A 63 5.88 -21.68 35.17
N PRO A 64 6.69 -21.42 34.15
CA PRO A 64 6.23 -21.10 32.81
C PRO A 64 5.35 -22.20 32.26
N LYS A 65 4.34 -21.84 31.50
CA LYS A 65 3.64 -22.86 30.74
C LYS A 65 4.66 -23.45 29.79
N ALA A 66 5.52 -22.61 29.23
CA ALA A 66 6.55 -23.10 28.32
C ALA A 66 7.67 -22.12 28.15
N VAL A 67 8.85 -22.66 27.84
CA VAL A 67 9.99 -21.86 27.46
C VAL A 67 10.46 -22.35 26.11
N PHE A 68 10.41 -21.46 25.13
CA PHE A 68 10.71 -21.88 23.79
C PHE A 68 11.19 -20.73 22.97
N PHE A 69 11.85 -21.07 21.88
CA PHE A 69 12.26 -20.10 20.91
C PHE A 69 11.14 -19.87 19.91
N THR A 70 10.79 -18.62 19.68
CA THR A 70 9.84 -18.26 18.65
C THR A 70 10.13 -16.85 18.14
N HIS A 71 10.12 -16.65 16.82
CA HIS A 71 10.31 -15.30 16.26
C HIS A 71 11.52 -14.53 16.78
N HIS A 72 12.69 -15.17 16.74
CA HIS A 72 13.99 -14.52 16.98
C HIS A 72 14.26 -14.25 18.46
N THR A 73 13.34 -14.65 19.33
CA THR A 73 13.49 -14.40 20.74
C THR A 73 13.33 -15.64 21.60
N LEU A 74 13.82 -15.53 22.82
CA LEU A 74 13.59 -16.56 23.80
C LEU A 74 12.42 -16.15 24.68
N LYS A 75 11.39 -16.99 24.73
CA LYS A 75 10.16 -16.58 25.37
C LYS A 75 9.72 -17.55 26.46
N ALA A 76 9.28 -17.01 27.59
CA ALA A 76 8.68 -17.82 28.63
C ALA A 76 7.27 -17.34 28.88
N SER A 77 6.32 -18.17 28.51
CA SER A 77 4.92 -17.85 28.70
C SER A 77 4.55 -18.32 30.07
N PHE A 78 3.48 -17.77 30.62
CA PHE A 78 3.11 -18.12 31.98
C PHE A 78 1.64 -18.40 32.19
N GLU A 79 1.37 -19.08 33.29
CA GLU A 79 0.02 -19.26 33.73
C GLU A 79 -0.48 -17.87 34.05
N PRO A 80 -1.78 -17.64 33.91
CA PRO A 80 -2.28 -16.31 34.23
C PRO A 80 -2.30 -16.06 35.73
N THR A 81 -1.17 -16.25 36.40
CA THR A 81 -1.12 -16.15 37.84
C THR A 81 -0.40 -14.89 38.27
N ASN A 82 0.37 -14.29 37.36
CA ASN A 82 1.13 -13.10 37.72
C ASN A 82 0.57 -11.82 37.08
N HIS A 83 0.44 -10.77 37.90
CA HIS A 83 -0.32 -9.56 37.52
C HIS A 83 0.41 -8.23 37.69
N ILE A 84 -0.07 -7.23 36.95
CA ILE A 84 0.25 -5.84 37.24
C ILE A 84 -1.03 -5.02 37.31
N ASN A 85 -1.12 -4.18 38.32
CA ASN A 85 -2.22 -3.23 38.51
C ASN A 85 -1.86 -1.82 38.11
N TYR A 86 -2.66 -1.21 37.26
CA TYR A 86 -2.39 0.16 36.86
C TYR A 86 -3.67 1.02 36.89
N ARG A 87 -3.77 1.90 37.89
CA ARG A 87 -4.95 2.75 38.08
C ARG A 87 -6.27 2.00 38.15
N GLY A 88 -6.31 0.90 38.90
CA GLY A 88 -7.54 0.14 39.03
C GLY A 88 -7.83 -0.64 37.75
N HIS A 89 -6.76 -0.91 37.00
CA HIS A 89 -6.86 -1.71 35.78
C HIS A 89 -5.76 -2.77 35.83
N ASP A 90 -6.13 -4.03 36.07
CA ASP A 90 -5.16 -5.11 36.27
C ASP A 90 -4.73 -5.85 34.99
N TYR A 91 -3.42 -5.91 34.74
CA TYR A 91 -2.86 -6.55 33.54
C TYR A 91 -2.13 -7.86 33.81
N VAL A 92 -2.63 -8.96 33.28
CA VAL A 92 -2.00 -10.24 33.55
CA VAL A 92 -2.01 -10.25 33.54
C VAL A 92 -0.77 -10.46 32.67
N LEU A 93 0.27 -11.05 33.24
CA LEU A 93 1.50 -11.30 32.52
C LEU A 93 1.28 -12.42 31.51
N ASP A 94 1.57 -12.16 30.25
CA ASP A 94 1.43 -13.18 29.23
C ASP A 94 2.72 -13.95 29.08
N ASN A 95 3.81 -13.21 28.89
CA ASN A 95 5.09 -13.84 28.67
C ASN A 95 6.24 -12.89 28.92
N VAL A 96 7.42 -13.45 29.08
CA VAL A 96 8.65 -12.66 29.16
CA VAL A 96 8.63 -12.64 29.14
C VAL A 96 9.56 -13.09 28.02
N HIS A 97 10.05 -12.14 27.24
CA HIS A 97 10.91 -12.48 26.12
C HIS A 97 12.05 -11.51 26.08
N PHE A 98 12.99 -11.76 25.19
CA PHE A 98 14.27 -11.07 25.23
C PHE A 98 14.67 -10.39 23.96
N HIS A 99 15.41 -9.31 24.11
CA HIS A 99 15.99 -8.62 22.98
C HIS A 99 17.46 -8.35 23.27
N ALA A 100 18.30 -8.62 22.28
CA ALA A 100 19.73 -8.32 22.39
C ALA A 100 20.22 -7.72 21.07
N PRO A 101 20.74 -6.48 21.12
CA PRO A 101 20.76 -5.64 22.31
C PRO A 101 19.40 -5.12 22.72
N MET A 102 19.38 -4.38 23.82
CA MET A 102 18.16 -3.73 24.29
C MET A 102 17.63 -2.78 23.22
N GLU A 103 16.31 -2.76 23.03
CA GLU A 103 15.74 -2.02 21.92
C GLU A 103 15.50 -0.54 22.23
N PHE A 104 14.96 -0.21 23.41
CA PHE A 104 14.80 1.20 23.77
C PHE A 104 16.13 1.78 24.22
N LEU A 105 16.33 3.05 23.93
CA LEU A 105 17.56 3.68 24.36
C LEU A 105 17.27 4.66 25.49
N ILE A 106 18.11 4.64 26.51
CA ILE A 106 17.95 5.59 27.58
C ILE A 106 19.05 6.59 27.43
N ASN A 107 18.67 7.78 26.99
CA ASN A 107 19.60 8.85 26.71
C ASN A 107 20.74 8.40 25.79
N ASN A 108 20.37 7.66 24.75
CA ASN A 108 21.31 7.20 23.72
C ASN A 108 22.25 6.14 24.23
N LYS A 109 21.89 5.53 25.34
CA LYS A 109 22.73 4.47 25.89
C LYS A 109 22.18 3.11 25.54
N THR A 110 23.10 2.20 25.26
CA THR A 110 22.80 0.88 24.73
C THR A 110 23.05 -0.16 25.79
N ARG A 111 22.14 -1.12 25.93
CA ARG A 111 22.38 -2.23 26.84
C ARG A 111 22.54 -3.47 25.98
N PRO A 112 23.30 -4.46 26.46
CA PRO A 112 23.46 -5.67 25.65
C PRO A 112 22.23 -6.57 25.60
N LEU A 113 21.22 -6.27 26.40
CA LEU A 113 20.05 -7.13 26.52
C LEU A 113 18.85 -6.48 27.19
N SER A 114 17.64 -6.91 26.85
CA SER A 114 16.47 -6.47 27.60
C SER A 114 15.44 -7.56 27.83
N ALA A 115 14.50 -7.29 28.74
CA ALA A 115 13.39 -8.19 28.98
C ALA A 115 12.08 -7.43 28.93
N HIS A 116 11.06 -8.05 28.35
CA HIS A 116 9.76 -7.41 28.22
C HIS A 116 8.69 -8.17 28.95
N PHE A 117 8.01 -7.52 29.87
CA PHE A 117 6.95 -8.17 30.58
C PHE A 117 5.65 -7.78 29.93
N VAL A 118 5.13 -8.71 29.15
CA VAL A 118 4.00 -8.45 28.30
C VAL A 118 2.72 -8.81 29.00
N HIS A 119 1.84 -7.82 29.10
CA HIS A 119 0.56 -7.97 29.76
C HIS A 119 -0.61 -7.64 28.85
N LYS A 120 -1.75 -8.23 29.19
CA LYS A 120 -3.00 -8.01 28.48
C LYS A 120 -4.08 -7.89 29.53
N ASP A 121 -5.02 -6.96 29.36
CA ASP A 121 -6.14 -6.93 30.28
C ASP A 121 -7.21 -7.78 29.62
N ALA A 122 -8.43 -7.76 30.12
CA ALA A 122 -9.50 -8.59 29.54
C ALA A 122 -9.83 -8.14 28.10
N LYS A 123 -9.91 -6.84 27.89
CA LYS A 123 -10.29 -6.31 26.60
C LYS A 123 -9.13 -6.17 25.63
N GLY A 124 -8.01 -6.78 25.97
CA GLY A 124 -6.88 -6.82 25.07
C GLY A 124 -5.94 -5.63 25.10
N ARG A 125 -6.04 -4.81 26.15
CA ARG A 125 -5.13 -3.69 26.27
C ARG A 125 -3.75 -4.12 26.77
N LEU A 126 -2.73 -3.54 26.15
CA LEU A 126 -1.36 -4.02 26.25
C LEU A 126 -0.52 -3.18 27.14
N LEU A 127 0.23 -3.84 27.99
CA LEU A 127 1.21 -3.17 28.82
C LEU A 127 2.49 -3.95 28.74
N VAL A 128 3.55 -3.32 28.28
CA VAL A 128 4.80 -4.01 28.22
C VAL A 128 5.76 -3.30 29.13
N LEU A 129 6.55 -4.10 29.81
CA LEU A 129 7.47 -3.63 30.78
C LEU A 129 8.85 -3.96 30.28
N ALA A 130 9.72 -2.96 30.19
CA ALA A 130 11.07 -3.18 29.69
C ALA A 130 12.16 -2.86 30.69
N ILE A 131 13.14 -3.75 30.79
CA ILE A 131 14.31 -3.49 31.62
C ILE A 131 15.59 -3.97 30.93
N GLY A 132 16.66 -3.18 31.03
CA GLY A 132 17.88 -3.58 30.36
C GLY A 132 18.73 -4.44 31.27
N PHE A 133 19.69 -5.14 30.67
CA PHE A 133 20.62 -5.96 31.42
C PHE A 133 22.02 -5.49 31.18
N GLU A 134 22.84 -5.49 32.21
CA GLU A 134 24.24 -5.13 32.06
C GLU A 134 25.16 -6.29 32.45
N GLU A 135 26.19 -6.50 31.63
CA GLU A 135 27.13 -7.59 31.86
C GLU A 135 27.81 -7.43 33.20
N GLY A 136 27.83 -8.50 33.98
CA GLY A 136 28.38 -8.47 35.31
C GLY A 136 28.26 -9.79 36.02
N LYS A 137 27.63 -9.75 37.20
CA LYS A 137 27.51 -10.92 38.06
C LYS A 137 26.52 -11.96 37.54
N GLU A 138 26.80 -13.21 37.88
CA GLU A 138 25.91 -14.32 37.57
C GLU A 138 24.50 -13.99 38.00
N ASN A 139 23.56 -14.00 37.06
CA ASN A 139 22.20 -13.78 37.46
C ASN A 139 21.50 -15.10 37.71
N PRO A 140 21.12 -15.33 38.97
CA PRO A 140 20.52 -16.60 39.39
C PRO A 140 19.14 -16.84 38.81
N ASN A 141 18.43 -15.75 38.51
CA ASN A 141 17.09 -15.86 37.95
C ASN A 141 17.13 -16.33 36.51
N LEU A 142 18.25 -16.09 35.82
CA LEU A 142 18.30 -16.40 34.41
C LEU A 142 18.39 -17.87 34.08
N ASP A 143 19.19 -18.61 34.84
CA ASP A 143 19.45 -19.99 34.49
C ASP A 143 18.24 -20.90 34.61
N PRO A 144 17.30 -20.63 35.54
CA PRO A 144 16.05 -21.42 35.51
C PRO A 144 15.37 -21.33 34.15
N ILE A 145 15.60 -20.22 33.45
CA ILE A 145 15.07 -20.07 32.12
C ILE A 145 15.98 -20.81 31.16
N LEU A 146 17.27 -20.71 31.42
CA LEU A 146 18.26 -21.40 30.62
C LEU A 146 18.28 -22.88 30.99
N GLU A 147 17.52 -23.24 32.02
CA GLU A 147 17.45 -24.63 32.46
C GLU A 147 16.10 -25.22 32.10
N GLY A 148 15.21 -24.38 31.57
CA GLY A 148 13.89 -24.85 31.18
C GLY A 148 13.67 -24.99 29.68
N ILE A 149 14.54 -24.35 28.91
CA ILE A 149 14.42 -24.33 27.46
C ILE A 149 14.74 -25.66 26.75
N GLN A 150 15.63 -26.48 27.29
CA GLN A 150 15.88 -27.78 26.67
C GLN A 150 14.91 -28.85 27.15
N LYS A 151 14.27 -28.59 28.27
CA LYS A 151 13.23 -29.51 28.75
C LYS A 151 12.00 -29.38 27.88
N LYS A 152 10.91 -30.03 28.27
CA LYS A 152 9.72 -30.02 27.42
C LYS A 152 8.42 -29.98 28.22
N PHE A 155 9.05 -27.60 33.92
CA PHE A 155 9.62 -26.26 33.99
C PHE A 155 9.73 -25.78 35.45
N LYS A 156 10.87 -25.19 35.78
CA LYS A 156 11.14 -24.71 37.13
C LYS A 156 10.45 -23.36 37.40
N GLU A 157 10.18 -23.06 38.67
CA GLU A 157 9.53 -21.81 39.06
C GLU A 157 10.38 -20.64 38.57
N VAL A 158 9.77 -19.54 38.15
CA VAL A 158 10.57 -18.36 37.86
C VAL A 158 10.41 -17.36 38.97
N ALA A 159 11.53 -16.94 39.55
CA ALA A 159 11.46 -16.03 40.67
C ALA A 159 11.13 -14.64 40.16
N LEU A 160 9.89 -14.49 39.72
CA LEU A 160 9.39 -13.22 39.25
C LEU A 160 9.31 -12.29 40.43
N ASP A 161 8.99 -12.90 41.56
CA ASP A 161 8.87 -12.17 42.82
C ASP A 161 10.22 -11.63 43.19
N ALA A 162 11.25 -12.14 42.54
CA ALA A 162 12.61 -11.69 42.80
C ALA A 162 13.22 -11.05 41.57
N PHE A 163 12.52 -11.10 40.45
CA PHE A 163 13.14 -10.72 39.21
C PHE A 163 13.46 -9.24 39.08
N LEU A 164 12.46 -8.39 39.31
CA LEU A 164 12.66 -6.96 39.14
C LEU A 164 13.18 -6.36 40.44
N PRO A 165 13.87 -5.20 40.34
CA PRO A 165 14.27 -4.43 41.52
C PRO A 165 13.10 -3.93 42.35
N LYS A 166 13.33 -3.80 43.65
CA LYS A 166 12.29 -3.36 44.57
C LYS A 166 11.96 -1.92 44.34
N SER A 167 13.01 -1.14 44.10
CA SER A 167 12.87 0.28 43.86
C SER A 167 13.35 0.56 42.45
N ILE A 168 12.43 1.04 41.62
CA ILE A 168 12.73 1.24 40.20
C ILE A 168 12.46 2.65 39.73
N ASN A 169 13.33 3.19 38.90
CA ASN A 169 13.04 4.42 38.18
C ASN A 169 12.62 3.99 36.79
N TYR A 170 11.47 4.46 36.32
CA TYR A 170 10.99 4.03 35.01
C TYR A 170 10.43 5.18 34.18
N TYR A 171 10.34 4.97 32.89
CA TYR A 171 9.74 5.94 31.99
C TYR A 171 8.44 5.40 31.42
N HIS A 172 7.39 6.21 31.43
CA HIS A 172 6.10 5.73 30.97
C HIS A 172 5.54 6.54 29.82
N PHE A 173 5.03 5.85 28.80
CA PHE A 173 4.48 6.48 27.60
C PHE A 173 3.70 5.46 26.81
N ASN A 174 3.01 5.90 25.76
CA ASN A 174 2.34 4.99 24.84
C ASN A 174 3.13 4.81 23.56
N GLY A 175 3.29 3.56 23.16
CA GLY A 175 4.05 3.20 21.98
C GLY A 175 3.43 2.00 21.30
N SER A 176 4.27 1.23 20.64
CA SER A 176 3.81 0.05 19.91
C SER A 176 4.55 -1.21 20.32
N LEU A 177 4.10 -2.37 19.85
CA LEU A 177 4.91 -3.56 19.94
C LEU A 177 6.12 -3.35 19.03
N THR A 178 7.26 -3.89 19.40
CA THR A 178 8.49 -3.61 18.67
C THR A 178 8.77 -4.60 17.55
N ALA A 179 7.85 -5.56 17.40
CA ALA A 179 7.92 -6.57 16.35
C ALA A 179 6.55 -6.60 15.66
N PRO A 180 6.50 -7.04 14.40
CA PRO A 180 5.20 -7.11 13.71
C PRO A 180 4.16 -7.87 14.53
N PRO A 181 2.89 -7.43 14.52
CA PRO A 181 2.24 -6.39 13.69
C PRO A 181 2.42 -4.91 14.13
N CYS A 182 3.30 -4.65 15.08
CA CYS A 182 3.58 -3.28 15.53
C CYS A 182 2.39 -2.56 16.10
N THR A 183 1.53 -3.32 16.76
CA THR A 183 0.31 -2.80 17.34
C THR A 183 0.56 -1.61 18.24
N GLU A 184 -0.22 -0.53 18.06
CA GLU A 184 -0.06 0.67 18.88
C GLU A 184 -1.05 0.67 20.05
N GLY A 185 -1.00 1.70 20.87
CA GLY A 185 -1.84 1.73 22.05
C GLY A 185 -1.23 0.91 23.17
N VAL A 186 0.09 0.77 23.12
CA VAL A 186 0.87 0.02 24.10
C VAL A 186 1.41 0.89 25.23
N ALA A 187 1.04 0.58 26.46
CA ALA A 187 1.56 1.32 27.60
C ALA A 187 2.92 0.80 27.96
N TRP A 188 3.94 1.59 27.68
CA TRP A 188 5.30 1.14 27.93
C TRP A 188 5.76 1.63 29.29
N PHE A 189 6.42 0.73 30.02
CA PHE A 189 7.12 1.10 31.22
C PHE A 189 8.53 0.63 31.07
N VAL A 190 9.41 1.58 30.88
CA VAL A 190 10.80 1.26 30.72
C VAL A 190 11.53 1.60 32.01
N ILE A 191 12.11 0.59 32.63
CA ILE A 191 12.78 0.75 33.89
C ILE A 191 14.23 1.14 33.63
N GLU A 192 14.71 2.14 34.34
CA GLU A 192 16.04 2.69 34.10
C GLU A 192 17.18 1.79 34.61
N GLU A 193 17.00 1.23 35.80
CA GLU A 193 18.08 0.45 36.41
C GLU A 193 18.27 -0.85 35.66
N PRO A 194 19.49 -1.04 35.13
CA PRO A 194 19.83 -2.27 34.41
C PRO A 194 20.09 -3.42 35.36
N LEU A 195 19.62 -4.60 35.00
CA LEU A 195 19.93 -5.80 35.75
C LEU A 195 21.30 -6.34 35.39
N GLU A 196 21.74 -7.35 36.12
CA GLU A 196 23.09 -7.88 35.94
C GLU A 196 23.08 -9.25 35.28
N VAL A 197 24.05 -9.49 34.40
CA VAL A 197 24.19 -10.74 33.69
C VAL A 197 25.65 -11.16 33.52
N SER A 198 25.94 -12.47 33.63
CA SER A 198 27.31 -12.94 33.45
C SER A 198 27.69 -12.99 31.98
N ALA A 199 28.99 -13.03 31.69
CA ALA A 199 29.47 -13.03 30.31
C ALA A 199 29.04 -14.25 29.53
N LYS A 200 29.05 -15.42 30.16
CA LYS A 200 28.56 -16.61 29.47
C LYS A 200 27.04 -16.70 29.50
N GLN A 201 26.39 -16.19 30.55
CA GLN A 201 24.94 -16.12 30.49
C GLN A 201 24.58 -15.26 29.31
N LEU A 202 25.35 -14.20 29.08
CA LEU A 202 25.14 -13.30 27.96
C LEU A 202 25.44 -13.97 26.64
N ALA A 203 26.54 -14.70 26.61
CA ALA A 203 26.97 -15.32 25.36
C ALA A 203 26.03 -16.45 24.95
N GLU A 204 25.79 -17.35 25.88
CA GLU A 204 24.95 -18.53 25.66
C GLU A 204 23.53 -18.24 25.17
N ILE A 205 22.88 -17.27 25.76
CA ILE A 205 21.49 -17.00 25.41
C ILE A 205 21.37 -16.43 24.02
N LYS A 206 22.38 -15.70 23.57
CA LYS A 206 22.37 -15.17 22.22
C LYS A 206 22.40 -16.34 21.26
N LYS A 207 22.99 -17.45 21.69
CA LYS A 207 23.01 -18.59 20.81
C LYS A 207 21.64 -19.27 20.87
N ARG A 208 20.95 -19.17 22.00
CA ARG A 208 19.60 -19.70 22.07
C ARG A 208 18.69 -18.75 21.34
N MET A 209 19.10 -17.49 21.23
CA MET A 209 18.40 -16.60 20.34
C MET A 209 19.16 -16.59 19.03
N LYS A 210 19.83 -17.70 18.81
CA LYS A 210 20.48 -18.05 17.54
C LYS A 210 21.45 -17.01 17.00
N ASN A 211 22.05 -16.25 17.89
CA ASN A 211 23.03 -15.23 17.52
C ASN A 211 22.62 -14.36 16.33
N SER A 212 21.33 -14.16 16.13
CA SER A 212 20.87 -13.20 15.13
C SER A 212 20.09 -12.14 15.89
N PRO A 213 20.65 -10.92 15.97
CA PRO A 213 20.09 -9.78 16.72
C PRO A 213 18.62 -9.59 16.45
N ASN A 214 17.83 -9.41 17.50
CA ASN A 214 16.41 -9.19 17.33
C ASN A 214 16.04 -7.84 17.92
N GLN A 215 16.71 -6.83 17.40
CA GLN A 215 16.56 -5.46 17.86
C GLN A 215 16.01 -4.58 16.75
N ARG A 216 14.77 -4.13 16.90
CA ARG A 216 14.21 -3.21 15.91
C ARG A 216 14.89 -1.86 16.06
N PRO A 217 15.27 -1.26 14.93
CA PRO A 217 15.89 0.06 14.97
C PRO A 217 14.97 1.09 15.61
N VAL A 218 15.57 2.15 16.12
CA VAL A 218 14.85 3.27 16.71
C VAL A 218 13.90 3.84 15.68
N GLN A 219 12.65 4.08 16.09
CA GLN A 219 11.63 4.58 15.19
C GLN A 219 11.43 6.08 15.23
N PRO A 220 10.78 6.64 14.21
CA PRO A 220 10.53 8.08 14.23
C PRO A 220 9.70 8.51 15.41
N ASP A 221 10.16 9.57 16.06
CA ASP A 221 9.51 10.02 17.25
C ASP A 221 8.75 11.32 16.98
N TYR A 222 7.43 11.25 17.18
CA TYR A 222 6.56 12.39 17.02
C TYR A 222 6.28 13.05 18.36
N ASN A 223 7.36 13.55 18.98
CA ASN A 223 7.30 14.27 20.25
C ASN A 223 6.58 13.50 21.32
N THR A 224 6.94 12.23 21.49
CA THR A 224 6.29 11.38 22.45
C THR A 224 6.36 12.01 23.84
N VAL A 225 5.23 12.08 24.50
CA VAL A 225 5.14 12.60 25.86
C VAL A 225 5.52 11.51 26.84
N ILE A 226 6.64 11.71 27.54
CA ILE A 226 7.18 10.71 28.48
C ILE A 226 7.33 11.28 29.89
N ILE A 227 6.89 10.55 30.91
CA ILE A 227 7.14 10.97 32.28
C ILE A 227 8.16 10.07 32.99
N LYS A 228 9.01 10.64 33.83
CA LYS A 228 9.89 9.83 34.66
C LYS A 228 9.44 9.83 36.10
N SER A 229 9.32 8.64 36.66
CA SER A 229 8.92 8.48 38.04
C SER A 229 9.61 7.24 38.56
N SER A 230 9.24 6.82 39.76
CA SER A 230 9.87 5.66 40.34
C SER A 230 8.84 4.94 41.20
N ALA A 231 9.10 3.67 41.51
CA ALA A 231 8.15 2.95 42.33
C ALA A 231 8.71 1.73 43.05
N GLU A 232 7.86 1.22 43.95
CA GLU A 232 8.11 0.01 44.71
C GLU A 232 7.22 -1.08 44.15
N THR A 233 7.85 -2.18 43.77
CA THR A 233 7.11 -3.28 43.19
C THR A 233 6.55 -4.14 44.33
N ARG A 234 7.47 -4.67 45.14
CA ARG A 234 7.15 -5.39 46.36
C ARG A 234 7.64 -4.65 47.61
N THR B 8 -14.94 16.06 -1.25
CA THR B 8 -16.06 16.96 -1.02
C THR B 8 -17.20 16.11 -0.43
N LYS B 9 -16.84 15.22 0.49
CA LYS B 9 -17.81 14.24 0.99
C LYS B 9 -18.11 14.36 2.50
N TRP B 10 -17.06 14.44 3.32
CA TRP B 10 -17.24 14.38 4.79
C TRP B 10 -17.79 15.67 5.45
N ASP B 11 -18.77 15.46 6.33
CA ASP B 11 -19.41 16.53 7.06
C ASP B 11 -19.64 16.08 8.48
N TYR B 12 -20.39 16.88 9.23
CA TYR B 12 -20.72 16.59 10.62
C TYR B 12 -22.17 16.12 10.75
N LYS B 13 -22.80 15.76 9.63
CA LYS B 13 -24.20 15.38 9.70
C LYS B 13 -24.34 13.98 10.32
N ASN B 14 -25.34 13.85 11.21
CA ASN B 14 -25.50 12.70 12.11
C ASN B 14 -25.88 11.39 11.43
N LYS B 15 -25.82 11.41 10.10
CA LYS B 15 -26.29 10.33 9.28
C LYS B 15 -25.02 9.78 8.61
N GLU B 16 -25.01 9.81 7.29
CA GLU B 16 -23.98 9.10 6.55
C GLU B 16 -22.57 9.69 6.58
N ASN B 17 -22.44 10.99 6.42
CA ASN B 17 -21.09 11.54 6.30
C ASN B 17 -20.62 11.98 7.66
N GLY B 18 -21.31 11.51 8.68
CA GLY B 18 -20.96 11.88 10.02
C GLY B 18 -19.67 11.23 10.42
N PRO B 19 -19.14 11.68 11.55
CA PRO B 19 -17.85 11.26 12.09
C PRO B 19 -17.75 9.76 12.37
N HIS B 20 -18.82 9.14 12.88
CA HIS B 20 -18.78 7.70 13.18
C HIS B 20 -18.62 6.88 11.90
N ARG B 21 -18.71 7.53 10.75
CA ARG B 21 -18.60 6.78 9.52
C ARG B 21 -17.52 7.34 8.61
N TRP B 22 -16.71 8.27 9.10
CA TRP B 22 -15.64 8.88 8.29
C TRP B 22 -14.67 7.91 7.65
N ASP B 23 -14.32 6.86 8.38
CA ASP B 23 -13.45 5.80 7.86
C ASP B 23 -14.11 5.07 6.69
N LYS B 24 -15.43 5.05 6.68
CA LYS B 24 -16.18 4.42 5.60
C LYS B 24 -16.25 5.33 4.38
N LEU B 25 -16.24 6.63 4.57
CA LEU B 25 -16.34 7.53 3.42
C LEU B 25 -15.13 7.46 2.52
N HIS B 26 -13.98 7.21 3.11
CA HIS B 26 -12.74 7.16 2.37
C HIS B 26 -11.79 6.28 3.11
N LYS B 27 -10.90 5.60 2.41
CA LYS B 27 -9.92 4.77 3.10
C LYS B 27 -8.86 5.62 3.81
N ASP B 28 -8.58 6.83 3.32
CA ASP B 28 -7.61 7.72 3.98
C ASP B 28 -8.01 8.10 5.37
N PHE B 29 -9.29 7.92 5.66
CA PHE B 29 -9.84 8.27 6.94
C PHE B 29 -9.93 7.00 7.77
N GLU B 30 -9.27 5.94 7.33
CA GLU B 30 -9.44 4.66 7.98
C GLU B 30 -8.92 4.75 9.41
N VAL B 31 -7.90 5.60 9.59
CA VAL B 31 -7.28 5.81 10.89
C VAL B 31 -8.23 6.51 11.82
N CYS B 32 -9.26 7.15 11.28
CA CYS B 32 -10.26 7.76 12.12
C CYS B 32 -10.81 6.69 13.05
N LYS B 33 -10.81 5.45 12.56
CA LYS B 33 -11.27 4.30 13.32
C LYS B 33 -10.17 3.43 13.90
N SER B 34 -9.14 3.19 13.11
CA SER B 34 -8.14 2.19 13.47
C SER B 34 -7.05 2.72 14.40
N GLY B 35 -6.81 4.03 14.38
CA GLY B 35 -5.81 4.63 15.23
C GLY B 35 -6.14 4.51 16.70
N LYS B 36 -5.11 4.48 17.54
CA LYS B 36 -5.26 4.35 18.99
C LYS B 36 -4.95 5.65 19.72
N SER B 37 -4.69 6.72 18.96
CA SER B 37 -4.44 8.05 19.50
CA SER B 37 -4.49 8.03 19.56
C SER B 37 -5.35 9.09 18.88
N GLN B 38 -6.64 8.79 18.76
CA GLN B 38 -7.53 9.70 18.07
C GLN B 38 -8.04 10.80 18.97
N SER B 39 -8.13 12.00 18.41
CA SER B 39 -8.59 13.14 19.16
C SER B 39 -9.94 13.65 18.65
N PRO B 40 -10.74 14.29 19.51
CA PRO B 40 -10.52 14.73 20.89
C PRO B 40 -10.89 13.73 22.00
N ILE B 41 -10.51 14.06 23.24
CA ILE B 41 -10.82 13.26 24.43
C ILE B 41 -11.15 14.09 25.69
N ASN B 42 -11.63 13.43 26.75
CA ASN B 42 -11.79 14.10 28.04
C ASN B 42 -10.57 13.91 28.96
N ILE B 43 -9.90 15.01 29.24
CA ILE B 43 -8.66 14.98 29.99
C ILE B 43 -9.01 14.78 31.44
N GLU B 44 -8.76 13.58 31.93
CA GLU B 44 -9.23 13.27 33.25
C GLU B 44 -8.09 12.78 34.12
N HIS B 45 -7.18 12.03 33.52
CA HIS B 45 -6.00 11.57 34.23
C HIS B 45 -4.70 12.10 33.64
N TYR B 46 -3.94 12.76 34.49
CA TYR B 46 -2.70 13.41 34.09
C TYR B 46 -1.68 13.46 35.21
N TYR B 47 -0.49 13.90 34.84
CA TYR B 47 0.65 13.94 35.73
C TYR B 47 1.12 15.36 35.95
N HIS B 48 1.30 15.76 37.20
CA HIS B 48 1.80 17.10 37.46
C HIS B 48 3.29 17.20 37.33
N THR B 49 3.74 18.33 36.81
CA THR B 49 5.14 18.60 36.68
C THR B 49 5.31 20.11 36.61
N ALA B 53 8.65 24.73 31.02
CA ALA B 53 8.06 25.34 29.85
C ALA B 53 8.68 24.71 28.62
N ASP B 54 9.85 25.21 28.27
CA ASP B 54 10.62 24.79 27.10
C ASP B 54 9.75 24.99 25.87
N LEU B 55 8.92 26.02 25.94
CA LEU B 55 7.93 26.32 24.93
C LEU B 55 7.96 27.80 24.63
N GLN B 56 8.46 28.17 23.46
CA GLN B 56 8.60 29.57 23.12
C GLN B 56 7.69 30.02 22.00
N PHE B 57 6.98 31.11 22.25
CA PHE B 57 6.12 31.69 21.25
C PHE B 57 6.90 32.71 20.47
N LYS B 58 6.65 32.77 19.17
CA LYS B 58 7.26 33.79 18.35
C LYS B 58 6.11 34.39 17.57
N TYR B 59 5.19 35.02 18.30
CA TYR B 59 4.01 35.57 17.66
C TYR B 59 4.14 37.06 17.48
N ALA B 60 3.46 37.54 16.45
CA ALA B 60 3.32 38.96 16.23
C ALA B 60 1.94 39.20 15.68
N ALA B 61 1.49 40.43 15.76
CA ALA B 61 0.27 40.78 15.10
C ALA B 61 0.57 40.57 13.65
N SER B 62 -0.27 39.80 12.96
CA SER B 62 0.04 39.42 11.60
C SER B 62 -1.18 39.52 10.71
N LYS B 63 -0.93 39.98 9.49
CA LYS B 63 -1.94 40.07 8.47
C LYS B 63 -1.99 38.78 7.68
N PRO B 64 -3.18 38.15 7.64
CA PRO B 64 -3.43 36.85 7.01
C PRO B 64 -3.10 36.78 5.54
N LYS B 65 -2.51 35.66 5.13
CA LYS B 65 -2.34 35.43 3.71
C LYS B 65 -3.72 35.36 3.10
N ALA B 66 -4.64 34.74 3.82
CA ALA B 66 -6.02 34.65 3.39
C ALA B 66 -6.90 34.34 4.58
N VAL B 67 -8.13 34.80 4.56
CA VAL B 67 -9.09 34.43 5.59
C VAL B 67 -10.34 33.85 4.99
N PHE B 68 -10.63 32.60 5.33
CA PHE B 68 -11.75 31.94 4.72
C PHE B 68 -12.35 30.84 5.55
N PHE B 69 -13.63 30.59 5.28
CA PHE B 69 -14.36 29.49 5.85
C PHE B 69 -14.15 28.36 4.87
N THR B 70 -13.65 27.23 5.36
CA THR B 70 -13.39 26.06 4.53
C THR B 70 -13.63 24.80 5.33
N HIS B 71 -14.29 23.82 4.70
CA HIS B 71 -14.54 22.55 5.35
C HIS B 71 -15.13 22.74 6.72
N HIS B 72 -16.13 23.63 6.82
CA HIS B 72 -16.98 23.79 8.00
C HIS B 72 -16.43 24.58 9.21
N THR B 73 -15.25 25.17 9.08
CA THR B 73 -14.66 26.02 10.14
C THR B 73 -14.24 27.39 9.58
N LEU B 74 -14.03 28.37 10.45
CA LEU B 74 -13.53 29.65 9.98
C LEU B 74 -12.02 29.69 10.11
N LYS B 75 -11.34 29.94 9.01
CA LYS B 75 -9.89 29.80 8.99
C LYS B 75 -9.19 31.05 8.54
N ALA B 76 -8.08 31.35 9.20
CA ALA B 76 -7.21 32.40 8.76
C ALA B 76 -5.88 31.76 8.46
N SER B 77 -5.46 31.78 7.21
CA SER B 77 -4.18 31.19 6.87
C SER B 77 -3.11 32.25 7.02
N PHE B 78 -1.87 31.83 7.25
CA PHE B 78 -0.83 32.80 7.46
C PHE B 78 0.50 32.50 6.81
N GLU B 79 1.26 33.56 6.59
CA GLU B 79 2.63 33.44 6.17
C GLU B 79 3.48 32.79 7.23
N PRO B 80 4.57 32.14 6.79
CA PRO B 80 5.49 31.48 7.73
C PRO B 80 6.34 32.46 8.50
N THR B 81 5.73 33.42 9.20
CA THR B 81 6.49 34.44 9.92
C THR B 81 6.38 34.28 11.44
N ASN B 82 5.37 33.54 11.88
CA ASN B 82 5.12 33.34 13.30
C ASN B 82 5.45 31.90 13.71
N HIS B 83 6.21 31.75 14.79
CA HIS B 83 6.78 30.46 15.14
C HIS B 83 6.45 30.04 16.55
N ILE B 84 6.49 28.74 16.78
CA ILE B 84 6.56 28.22 18.13
C ILE B 84 7.75 27.31 18.14
N ASN B 85 8.62 27.49 19.12
CA ASN B 85 9.72 26.59 19.27
C ASN B 85 9.45 25.65 20.44
N TYR B 86 9.59 24.35 20.17
CA TYR B 86 9.30 23.32 21.15
C TYR B 86 10.42 22.28 21.16
N ARG B 87 11.12 22.20 22.29
CA ARG B 87 12.25 21.30 22.45
C ARG B 87 13.30 21.53 21.39
N GLY B 88 13.57 22.80 21.11
CA GLY B 88 14.61 23.14 20.17
C GLY B 88 14.26 22.88 18.72
N HIS B 89 12.97 22.87 18.40
CA HIS B 89 12.48 22.77 17.02
C HIS B 89 11.38 23.77 16.73
N ASP B 90 11.50 24.46 15.60
CA ASP B 90 10.58 25.52 15.23
C ASP B 90 9.39 24.97 14.48
N TYR B 91 8.21 25.28 15.02
CA TYR B 91 6.95 24.90 14.42
C TYR B 91 6.23 26.12 13.88
N VAL B 92 6.08 26.18 12.55
CA VAL B 92 5.45 27.31 11.88
C VAL B 92 3.94 27.28 11.97
N LEU B 93 3.34 28.40 12.36
CA LEU B 93 1.89 28.47 12.40
C LEU B 93 1.36 28.49 10.97
N ASP B 94 0.46 27.57 10.66
CA ASP B 94 -0.13 27.57 9.33
C ASP B 94 -1.41 28.37 9.32
N ASN B 95 -2.28 28.07 10.27
CA ASN B 95 -3.55 28.75 10.29
C ASN B 95 -4.12 28.66 11.67
N VAL B 96 -5.11 29.50 11.94
CA VAL B 96 -5.92 29.37 13.13
C VAL B 96 -7.34 29.23 12.67
N HIS B 97 -8.02 28.25 13.21
CA HIS B 97 -9.40 28.05 12.84
C HIS B 97 -10.16 27.70 14.07
N PHE B 98 -11.47 27.59 13.93
CA PHE B 98 -12.29 27.52 15.10
C PHE B 98 -13.15 26.30 15.04
N HIS B 99 -13.49 25.78 16.20
CA HIS B 99 -14.39 24.64 16.31
C HIS B 99 -15.45 25.08 17.31
N ALA B 100 -16.71 24.82 17.02
CA ALA B 100 -17.77 25.12 17.97
C ALA B 100 -18.72 23.94 17.98
N PRO B 101 -18.97 23.38 19.16
CA PRO B 101 -18.38 23.71 20.45
C PRO B 101 -16.93 23.25 20.57
N MET B 102 -16.34 23.44 21.75
CA MET B 102 -15.01 22.96 22.05
C MET B 102 -14.97 21.45 21.86
N GLU B 103 -13.89 20.95 21.26
CA GLU B 103 -13.80 19.53 21.00
C GLU B 103 -13.21 18.80 22.22
N PHE B 104 -12.09 19.28 22.76
CA PHE B 104 -11.47 18.63 23.91
C PHE B 104 -12.20 18.89 25.18
N LEU B 105 -12.22 17.94 26.09
CA LEU B 105 -12.82 18.20 27.38
C LEU B 105 -11.80 18.05 28.50
N ILE B 106 -11.88 18.93 29.49
CA ILE B 106 -11.01 18.84 30.65
C ILE B 106 -11.75 18.48 31.93
N ASN B 107 -11.50 17.29 32.48
CA ASN B 107 -12.20 16.87 33.70
C ASN B 107 -13.69 17.07 33.64
N ASN B 108 -14.28 16.65 32.53
CA ASN B 108 -15.72 16.62 32.36
C ASN B 108 -16.32 18.01 32.14
N LYS B 109 -15.47 19.01 31.82
CA LYS B 109 -15.91 20.39 31.54
C LYS B 109 -15.95 20.86 30.08
N THR B 110 -16.96 21.63 29.72
CA THR B 110 -17.13 22.07 28.34
C THR B 110 -17.33 23.57 28.18
N ARG B 111 -16.62 24.16 27.22
CA ARG B 111 -16.91 25.51 26.83
C ARG B 111 -17.44 25.47 25.40
N PRO B 112 -18.32 26.41 25.04
CA PRO B 112 -18.96 26.51 23.72
C PRO B 112 -18.09 26.89 22.52
N LEU B 113 -16.80 27.12 22.69
CA LEU B 113 -15.97 27.50 21.53
C LEU B 113 -14.49 27.32 21.76
N SER B 114 -13.73 26.97 20.72
CA SER B 114 -12.27 26.96 20.82
C SER B 114 -11.64 27.41 19.51
N ALA B 115 -10.34 27.68 19.54
CA ALA B 115 -9.58 28.04 18.35
C ALA B 115 -8.37 27.14 18.26
N HIS B 116 -7.99 26.74 17.06
CA HIS B 116 -6.83 25.86 16.96
C HIS B 116 -5.71 26.50 16.19
N PHE B 117 -4.55 26.54 16.81
CA PHE B 117 -3.36 27.14 16.25
C PHE B 117 -2.46 26.02 15.69
N VAL B 118 -2.44 25.87 14.38
CA VAL B 118 -1.77 24.74 13.73
C VAL B 118 -0.34 24.97 13.25
N HIS B 119 0.60 24.16 13.74
CA HIS B 119 2.01 24.32 13.40
C HIS B 119 2.69 23.11 12.81
N LYS B 120 3.73 23.34 12.01
CA LYS B 120 4.51 22.25 11.43
C LYS B 120 6.00 22.58 11.47
N ASP B 121 6.85 21.63 11.86
CA ASP B 121 8.30 21.87 11.90
C ASP B 121 9.07 21.50 10.66
N ALA B 122 10.39 21.40 10.82
CA ALA B 122 11.30 21.05 9.74
C ALA B 122 10.99 19.66 9.18
N LYS B 123 10.63 18.73 10.06
CA LYS B 123 10.32 17.35 9.65
C LYS B 123 8.82 17.17 9.30
N GLY B 124 8.05 18.24 9.31
CA GLY B 124 6.65 18.18 8.93
C GLY B 124 5.71 17.71 10.05
N ARG B 125 6.21 17.64 11.27
CA ARG B 125 5.43 17.21 12.43
C ARG B 125 4.49 18.31 12.91
N LEU B 126 3.35 17.92 13.45
CA LEU B 126 2.27 18.86 13.78
C LEU B 126 2.23 19.23 15.28
N LEU B 127 2.01 20.51 15.53
CA LEU B 127 1.77 21.01 16.89
C LEU B 127 0.53 21.89 16.83
N VAL B 128 -0.51 21.47 17.55
CA VAL B 128 -1.76 22.19 17.57
C VAL B 128 -2.11 22.61 18.98
N LEU B 129 -2.68 23.79 19.08
CA LEU B 129 -3.02 24.43 20.34
C LEU B 129 -4.51 24.63 20.47
N ALA B 130 -5.11 24.18 21.56
CA ALA B 130 -6.53 24.41 21.72
C ALA B 130 -6.74 25.28 22.93
N ILE B 131 -7.53 26.33 22.75
CA ILE B 131 -7.85 27.25 23.83
C ILE B 131 -9.29 27.66 23.74
N GLY B 132 -9.91 27.83 24.89
CA GLY B 132 -11.29 28.20 24.94
C GLY B 132 -11.65 29.65 24.99
N PHE B 133 -12.94 29.88 24.75
CA PHE B 133 -13.54 31.18 24.84
C PHE B 133 -14.63 31.05 25.89
N GLU B 134 -14.77 32.06 26.73
CA GLU B 134 -15.80 32.02 27.75
C GLU B 134 -16.82 33.14 27.56
N GLU B 135 -18.10 32.79 27.66
CA GLU B 135 -19.15 33.76 27.44
C GLU B 135 -19.06 34.90 28.46
N GLY B 136 -18.85 36.11 27.98
CA GLY B 136 -18.66 37.24 28.85
C GLY B 136 -18.34 38.50 28.07
N LYS B 137 -17.22 39.14 28.40
CA LYS B 137 -16.87 40.39 27.73
C LYS B 137 -16.34 40.16 26.34
N GLU B 138 -16.71 41.03 25.41
CA GLU B 138 -16.18 41.03 24.05
C GLU B 138 -14.66 41.16 23.98
N ASN B 139 -14.01 40.17 23.39
CA ASN B 139 -12.56 40.21 23.18
C ASN B 139 -12.22 40.68 21.75
N PRO B 140 -11.42 41.75 21.66
CA PRO B 140 -11.02 42.51 20.49
C PRO B 140 -10.23 41.74 19.46
N ASN B 141 -9.59 40.66 19.89
CA ASN B 141 -8.72 39.91 19.01
C ASN B 141 -9.43 39.30 17.84
N LEU B 142 -10.73 39.10 18.02
CA LEU B 142 -11.56 38.45 17.04
C LEU B 142 -11.80 39.35 15.84
N ASP B 143 -11.77 40.65 16.05
CA ASP B 143 -12.25 41.58 15.04
C ASP B 143 -11.42 41.69 13.75
N PRO B 144 -10.08 41.64 13.83
CA PRO B 144 -9.31 41.72 12.56
C PRO B 144 -9.61 40.62 11.56
N ILE B 145 -10.02 39.45 12.05
CA ILE B 145 -10.36 38.35 11.16
C ILE B 145 -11.82 38.44 10.69
N LEU B 146 -12.71 38.90 11.57
CA LEU B 146 -14.13 38.99 11.25
C LEU B 146 -14.43 40.13 10.31
N GLU B 147 -13.41 40.95 10.05
CA GLU B 147 -13.49 41.97 9.02
C GLU B 147 -12.41 41.64 7.99
N GLY B 148 -12.50 40.46 7.38
CA GLY B 148 -11.44 39.97 6.51
C GLY B 148 -11.98 39.09 5.41
N ILE B 149 -13.25 39.28 5.08
CA ILE B 149 -13.91 38.51 4.06
C ILE B 149 -13.36 38.85 2.68
N GLN B 150 -12.87 40.07 2.52
CA GLN B 150 -12.32 40.47 1.24
C GLN B 150 -10.82 40.14 1.14
N ASN B 154 -8.52 45.36 2.14
CA ASN B 154 -7.36 44.50 2.37
C ASN B 154 -7.64 43.66 3.63
N PHE B 155 -6.72 42.76 3.99
CA PHE B 155 -6.84 42.02 5.25
C PHE B 155 -6.18 42.84 6.37
N LYS B 156 -6.83 43.02 7.53
CA LYS B 156 -6.16 43.73 8.63
C LYS B 156 -5.32 42.80 9.50
N GLU B 157 -4.28 43.34 10.13
CA GLU B 157 -3.36 42.55 10.96
C GLU B 157 -4.08 41.89 12.11
N VAL B 158 -3.71 40.64 12.41
CA VAL B 158 -4.29 39.92 13.53
C VAL B 158 -3.36 39.82 14.72
N ALA B 159 -3.84 40.22 15.89
CA ALA B 159 -3.01 40.29 17.10
C ALA B 159 -2.72 38.94 17.75
N LEU B 160 -1.78 38.21 17.16
CA LEU B 160 -1.41 36.91 17.68
C LEU B 160 -0.73 36.92 19.04
N ASP B 161 0.26 37.79 19.20
CA ASP B 161 0.99 37.83 20.47
C ASP B 161 0.11 38.34 21.60
N ALA B 162 -1.09 38.79 21.28
CA ALA B 162 -1.99 39.27 22.33
C ALA B 162 -3.17 38.34 22.51
N PHE B 163 -3.28 37.35 21.64
CA PHE B 163 -4.46 36.49 21.59
C PHE B 163 -4.53 35.60 22.85
N LEU B 164 -3.42 34.95 23.17
CA LEU B 164 -3.29 34.01 24.28
C LEU B 164 -2.95 34.70 25.61
N PRO B 165 -3.30 34.08 26.76
CA PRO B 165 -2.84 34.64 28.03
C PRO B 165 -1.33 34.63 28.18
N LYS B 166 -0.77 35.61 28.90
CA LYS B 166 0.66 35.67 29.13
C LYS B 166 1.10 34.50 29.97
N SER B 167 0.24 34.13 30.91
CA SER B 167 0.49 33.05 31.85
C SER B 167 -0.49 31.93 31.58
N ILE B 168 0.02 30.76 31.25
CA ILE B 168 -0.85 29.65 30.89
C ILE B 168 -0.58 28.33 31.65
N ASN B 169 -1.66 27.66 32.04
CA ASN B 169 -1.61 26.27 32.48
C ASN B 169 -2.14 25.37 31.37
N TYR B 170 -1.41 24.31 31.02
CA TYR B 170 -1.81 23.51 29.87
C TYR B 170 -1.68 22.00 30.01
N TYR B 171 -2.37 21.28 29.15
CA TYR B 171 -2.24 19.83 29.04
C TYR B 171 -1.58 19.42 27.76
N HIS B 172 -0.59 18.55 27.88
CA HIS B 172 0.20 18.12 26.74
C HIS B 172 0.15 16.62 26.57
N PHE B 173 -0.06 16.17 25.35
CA PHE B 173 -0.20 14.75 25.09
C PHE B 173 -0.09 14.51 23.60
N ASN B 174 -0.06 13.24 23.21
CA ASN B 174 -0.03 12.91 21.79
C ASN B 174 -1.40 12.48 21.32
N GLY B 175 -1.84 13.03 20.21
CA GLY B 175 -3.16 12.69 19.69
C GLY B 175 -3.21 12.66 18.20
N SER B 176 -4.40 12.94 17.66
CA SER B 176 -4.64 12.98 16.21
C SER B 176 -5.32 14.27 15.85
N LEU B 177 -5.49 14.49 14.55
CA LEU B 177 -6.35 15.57 14.06
C LEU B 177 -7.75 15.27 14.46
N THR B 178 -8.54 16.30 14.67
CA THR B 178 -9.92 16.11 15.06
C THR B 178 -10.79 16.10 13.82
N ALA B 179 -10.16 16.27 12.66
CA ALA B 179 -10.86 16.22 11.37
C ALA B 179 -10.11 15.30 10.41
N PRO B 180 -10.84 14.71 9.45
CA PRO B 180 -10.20 13.85 8.46
C PRO B 180 -9.04 14.55 7.77
N PRO B 181 -7.96 13.82 7.50
CA PRO B 181 -7.83 12.36 7.60
C PRO B 181 -7.51 11.84 8.99
N CYS B 182 -7.65 12.69 10.00
CA CYS B 182 -7.43 12.29 11.38
C CYS B 182 -6.00 11.85 11.63
N THR B 183 -5.07 12.43 10.88
CA THR B 183 -3.68 12.07 10.96
C THR B 183 -3.16 12.18 12.38
N GLU B 184 -2.33 11.23 12.76
CA GLU B 184 -1.74 11.26 14.08
C GLU B 184 -0.33 11.85 14.07
N GLY B 185 0.33 11.72 15.21
CA GLY B 185 1.64 12.32 15.42
C GLY B 185 1.46 13.77 15.83
N VAL B 186 0.30 14.07 16.41
CA VAL B 186 -0.04 15.41 16.84
C VAL B 186 0.28 15.70 18.30
N ALA B 187 1.15 16.69 18.53
CA ALA B 187 1.43 17.19 19.85
C ALA B 187 0.38 18.20 20.23
N TRP B 188 -0.47 17.83 21.17
CA TRP B 188 -1.52 18.71 21.60
C TRP B 188 -1.10 19.48 22.83
N PHE B 189 -1.46 20.74 22.87
CA PHE B 189 -1.34 21.51 24.06
C PHE B 189 -2.70 22.14 24.30
N VAL B 190 -3.42 21.69 25.31
CA VAL B 190 -4.73 22.27 25.57
C VAL B 190 -4.60 23.21 26.76
N ILE B 191 -4.95 24.46 26.54
CA ILE B 191 -4.80 25.50 27.55
C ILE B 191 -6.03 25.55 28.45
N GLU B 192 -5.76 25.63 29.75
CA GLU B 192 -6.78 25.58 30.77
C GLU B 192 -7.59 26.87 30.87
N GLU B 193 -6.90 28.00 30.78
CA GLU B 193 -7.56 29.28 30.95
C GLU B 193 -8.45 29.58 29.76
N PRO B 194 -9.74 29.85 30.04
CA PRO B 194 -10.63 30.20 28.93
C PRO B 194 -10.44 31.65 28.51
N LEU B 195 -10.46 31.93 27.21
CA LEU B 195 -10.49 33.31 26.76
C LEU B 195 -11.93 33.76 26.88
N GLU B 196 -12.23 35.01 26.62
CA GLU B 196 -13.60 35.48 26.78
C GLU B 196 -14.22 35.77 25.44
N VAL B 197 -15.50 35.44 25.34
CA VAL B 197 -16.25 35.71 24.13
C VAL B 197 -17.60 36.28 24.50
N SER B 198 -18.02 37.31 23.78
CA SER B 198 -19.31 37.89 24.05
C SER B 198 -20.44 37.05 23.44
N ALA B 199 -21.64 37.22 23.97
CA ALA B 199 -22.80 36.47 23.49
C ALA B 199 -23.18 36.88 22.04
N LYS B 200 -22.99 38.17 21.72
CA LYS B 200 -23.25 38.69 20.36
C LYS B 200 -22.21 38.16 19.37
N GLN B 201 -20.95 38.17 19.78
CA GLN B 201 -19.90 37.57 18.98
C GLN B 201 -20.08 36.07 18.80
N LEU B 202 -20.61 35.41 19.83
CA LEU B 202 -20.77 33.96 19.80
C LEU B 202 -21.74 33.51 18.74
N ALA B 203 -22.90 34.15 18.72
CA ALA B 203 -23.96 33.82 17.80
C ALA B 203 -23.49 34.24 16.40
N GLU B 204 -22.96 35.45 16.30
CA GLU B 204 -22.46 35.97 15.02
C GLU B 204 -21.47 35.07 14.31
N ILE B 205 -20.43 34.62 15.00
CA ILE B 205 -19.45 33.75 14.36
C ILE B 205 -19.93 32.30 14.12
N LYS B 206 -20.89 31.87 14.94
CA LYS B 206 -21.52 30.55 14.82
C LYS B 206 -22.34 30.55 13.54
N LYS B 207 -22.75 31.74 13.10
CA LYS B 207 -23.50 31.88 11.86
C LYS B 207 -22.58 31.68 10.67
N ARG B 208 -21.31 32.01 10.85
CA ARG B 208 -20.31 31.67 9.84
C ARG B 208 -19.95 30.20 9.99
N MET B 209 -20.35 29.62 11.11
CA MET B 209 -20.28 28.19 11.27
C MET B 209 -21.66 27.65 10.90
N LYS B 210 -22.40 28.47 10.14
CA LYS B 210 -23.72 28.11 9.65
C LYS B 210 -24.61 27.62 10.79
N ASN B 211 -24.32 28.07 12.01
CA ASN B 211 -25.04 27.63 13.20
C ASN B 211 -25.23 26.12 13.16
N SER B 212 -24.28 25.46 12.51
CA SER B 212 -24.19 24.02 12.43
C SER B 212 -22.89 23.59 13.03
N PRO B 213 -22.96 22.85 14.14
CA PRO B 213 -21.80 22.36 14.87
C PRO B 213 -20.71 21.77 13.97
N ASN B 214 -19.47 22.13 14.26
CA ASN B 214 -18.34 21.53 13.57
C ASN B 214 -17.39 20.91 14.59
N GLN B 215 -17.94 20.09 15.49
CA GLN B 215 -17.18 19.49 16.59
C GLN B 215 -17.11 17.97 16.58
N ARG B 216 -15.92 17.42 16.36
CA ARG B 216 -15.77 15.96 16.42
C ARG B 216 -15.98 15.45 17.84
N PRO B 217 -16.75 14.37 17.98
CA PRO B 217 -17.00 13.71 19.27
C PRO B 217 -15.74 13.17 19.92
N VAL B 218 -15.81 12.97 21.23
CA VAL B 218 -14.74 12.37 21.99
C VAL B 218 -14.41 10.97 21.48
N GLN B 219 -13.12 10.70 21.30
CA GLN B 219 -12.68 9.45 20.73
C GLN B 219 -12.36 8.51 21.88
N PRO B 220 -12.27 7.19 21.61
CA PRO B 220 -11.88 6.23 22.65
C PRO B 220 -10.46 6.46 23.22
N ASP B 221 -10.31 6.44 24.54
CA ASP B 221 -9.04 6.80 25.20
C ASP B 221 -8.26 5.59 25.72
N TYR B 222 -7.07 5.35 25.14
CA TYR B 222 -6.23 4.22 25.54
C TYR B 222 -5.13 4.60 26.55
N ASN B 223 -5.56 5.14 27.69
CA ASN B 223 -4.65 5.57 28.74
C ASN B 223 -3.57 6.52 28.24
N THR B 224 -4.01 7.57 27.57
CA THR B 224 -3.13 8.58 27.06
C THR B 224 -2.32 9.18 28.19
N VAL B 225 -1.01 9.29 28.00
CA VAL B 225 -0.19 9.93 28.98
C VAL B 225 -0.20 11.44 28.79
N ILE B 226 -0.66 12.13 29.84
CA ILE B 226 -0.84 13.57 29.83
C ILE B 226 -0.02 14.28 30.91
N ILE B 227 0.72 15.33 30.56
CA ILE B 227 1.39 16.13 31.59
C ILE B 227 0.67 17.48 31.74
N LYS B 228 0.55 17.94 32.98
CA LYS B 228 0.05 19.29 33.24
C LYS B 228 1.23 20.15 33.60
N SER B 229 1.36 21.28 32.92
CA SER B 229 2.50 22.13 33.17
C SER B 229 2.04 23.56 32.97
N SER B 230 3.00 24.46 32.95
CA SER B 230 2.70 25.87 32.81
C SER B 230 3.79 26.54 32.01
N ALA B 231 3.47 27.71 31.47
CA ALA B 231 4.44 28.46 30.73
C ALA B 231 4.02 29.92 30.63
N GLU B 232 4.94 30.73 30.13
CA GLU B 232 4.67 32.12 29.84
C GLU B 232 4.71 32.29 28.33
N THR B 233 3.67 32.89 27.78
CA THR B 233 3.60 33.02 26.34
C THR B 233 4.38 34.24 25.89
N ARG B 234 4.04 35.40 26.44
CA ARG B 234 4.81 36.59 26.20
C ARG B 234 5.53 37.04 27.48
N THR C 8 -2.55 -19.85 9.64
CA THR C 8 -3.55 -18.78 9.65
C THR C 8 -4.79 -19.36 10.36
N LYS C 9 -5.86 -18.57 10.51
CA LYS C 9 -6.97 -18.96 11.35
C LYS C 9 -8.29 -19.12 10.58
N TRP C 10 -8.27 -18.95 9.26
CA TRP C 10 -9.52 -18.96 8.47
C TRP C 10 -10.09 -20.36 8.26
N ASP C 11 -11.42 -20.48 8.33
CA ASP C 11 -12.11 -21.74 8.08
C ASP C 11 -13.37 -21.59 7.22
N TYR C 12 -14.11 -22.68 7.06
CA TYR C 12 -15.35 -22.70 6.28
C TYR C 12 -16.55 -22.80 7.18
N LYS C 13 -16.31 -22.62 8.47
CA LYS C 13 -17.30 -22.83 9.52
C LYS C 13 -18.32 -21.71 9.65
N ASN C 14 -19.38 -22.05 10.37
CA ASN C 14 -20.52 -21.17 10.67
C ASN C 14 -20.19 -20.05 11.66
N LYS C 15 -18.91 -19.85 11.93
CA LYS C 15 -18.52 -19.06 13.07
C LYS C 15 -17.89 -17.73 12.62
N GLU C 16 -16.96 -17.24 13.41
CA GLU C 16 -16.40 -15.93 13.23
C GLU C 16 -15.42 -15.98 12.08
N ASN C 17 -14.70 -17.09 12.00
CA ASN C 17 -13.59 -17.23 11.08
C ASN C 17 -14.00 -17.87 9.76
N GLY C 18 -15.30 -17.95 9.52
CA GLY C 18 -15.86 -18.52 8.31
C GLY C 18 -15.68 -17.59 7.13
N PRO C 19 -16.06 -18.07 5.93
CA PRO C 19 -15.90 -17.32 4.68
C PRO C 19 -16.53 -15.92 4.67
N HIS C 20 -17.65 -15.67 5.36
CA HIS C 20 -18.20 -14.31 5.39
C HIS C 20 -17.29 -13.28 6.06
N ARG C 21 -16.30 -13.74 6.82
CA ARG C 21 -15.42 -12.81 7.53
C ARG C 21 -13.93 -12.99 7.28
N TRP C 22 -13.54 -13.75 6.28
CA TRP C 22 -12.12 -13.95 5.98
C TRP C 22 -11.35 -12.65 5.86
N ASP C 23 -11.98 -11.68 5.23
CA ASP C 23 -11.44 -10.36 5.01
C ASP C 23 -11.13 -9.64 6.32
N LYS C 24 -11.90 -9.98 7.35
CA LYS C 24 -11.80 -9.33 8.65
C LYS C 24 -10.65 -9.92 9.44
N LEU C 25 -10.30 -11.16 9.14
CA LEU C 25 -9.25 -11.87 9.87
C LEU C 25 -7.82 -11.33 9.71
N HIS C 26 -7.49 -10.81 8.53
CA HIS C 26 -6.16 -10.35 8.23
C HIS C 26 -6.28 -9.25 7.22
N LYS C 27 -5.40 -8.27 7.25
CA LYS C 27 -5.50 -7.18 6.28
C LYS C 27 -5.17 -7.75 4.91
N ASP C 28 -4.41 -8.83 4.88
CA ASP C 28 -4.07 -9.49 3.63
C ASP C 28 -5.26 -10.06 2.86
N PHE C 29 -6.37 -10.32 3.56
CA PHE C 29 -7.55 -10.98 2.99
C PHE C 29 -8.68 -10.02 2.65
N GLU C 30 -8.39 -8.73 2.60
CA GLU C 30 -9.44 -7.74 2.38
C GLU C 30 -10.09 -7.91 1.03
N VAL C 31 -9.34 -8.40 0.05
CA VAL C 31 -9.84 -8.59 -1.30
C VAL C 31 -10.92 -9.69 -1.39
N CYS C 32 -11.02 -10.55 -0.38
CA CYS C 32 -12.11 -11.53 -0.33
C CYS C 32 -13.48 -10.87 -0.36
N LYS C 33 -13.57 -9.63 0.12
CA LYS C 33 -14.83 -8.88 0.04
C LYS C 33 -14.78 -7.79 -1.01
N SER C 34 -13.67 -7.08 -1.12
CA SER C 34 -13.61 -5.91 -1.98
C SER C 34 -13.39 -6.22 -3.46
N GLY C 35 -12.89 -7.42 -3.76
CA GLY C 35 -12.65 -7.83 -5.13
C GLY C 35 -13.89 -7.99 -5.97
N LYS C 36 -13.77 -7.78 -7.26
CA LYS C 36 -14.90 -7.86 -8.16
C LYS C 36 -14.85 -9.05 -9.06
N SER C 37 -13.86 -9.91 -8.86
CA SER C 37 -13.70 -11.09 -9.69
CA SER C 37 -13.73 -11.11 -9.70
C SER C 37 -13.39 -12.32 -8.84
N GLN C 38 -14.21 -12.55 -7.82
CA GLN C 38 -13.95 -13.57 -6.83
C GLN C 38 -14.51 -14.90 -7.26
N SER C 39 -13.78 -15.97 -6.95
CA SER C 39 -14.25 -17.31 -7.27
C SER C 39 -14.53 -18.06 -5.98
N PRO C 40 -15.46 -19.01 -6.02
CA PRO C 40 -16.20 -19.48 -7.19
C PRO C 40 -17.44 -18.70 -7.50
N ILE C 41 -18.02 -19.03 -8.65
CA ILE C 41 -19.28 -18.50 -9.10
C ILE C 41 -20.05 -19.64 -9.72
N ASN C 42 -21.33 -19.38 -10.03
CA ASN C 42 -22.13 -20.33 -10.77
C ASN C 42 -22.04 -20.03 -12.25
N ILE C 43 -21.46 -20.96 -13.01
CA ILE C 43 -21.21 -20.73 -14.42
C ILE C 43 -22.53 -20.87 -15.17
N GLU C 44 -23.12 -19.76 -15.58
CA GLU C 44 -24.47 -19.78 -16.16
C GLU C 44 -24.58 -19.21 -17.57
N HIS C 45 -23.87 -18.12 -17.81
CA HIS C 45 -23.96 -17.44 -19.09
C HIS C 45 -22.60 -17.48 -19.77
N TYR C 46 -22.53 -17.99 -20.99
CA TYR C 46 -21.24 -18.12 -21.66
C TYR C 46 -21.32 -17.98 -23.17
N TYR C 47 -20.16 -17.89 -23.80
CA TYR C 47 -20.02 -17.69 -25.23
C TYR C 47 -19.34 -18.87 -25.90
N HIS C 48 -19.94 -19.42 -26.95
CA HIS C 48 -19.24 -20.43 -27.74
C HIS C 48 -18.32 -19.72 -28.70
N THR C 49 -17.23 -20.37 -29.09
CA THR C 49 -16.30 -19.79 -30.04
C THR C 49 -15.63 -20.86 -30.86
N GLN C 50 -14.76 -20.48 -31.78
CA GLN C 50 -14.02 -21.45 -32.56
C GLN C 50 -12.57 -21.50 -32.11
N ASP C 51 -12.05 -22.71 -32.10
CA ASP C 51 -10.89 -23.09 -31.31
C ASP C 51 -9.52 -22.85 -31.89
N LYS C 52 -8.54 -23.20 -31.06
CA LYS C 52 -7.12 -23.25 -31.38
C LYS C 52 -6.47 -23.95 -30.15
N ALA C 53 -5.15 -24.07 -30.17
CA ALA C 53 -4.39 -24.65 -29.07
C ALA C 53 -4.31 -23.70 -27.90
N ASP C 54 -5.47 -23.23 -27.49
CA ASP C 54 -5.60 -22.28 -26.40
C ASP C 54 -4.80 -22.78 -25.22
N LEU C 55 -4.91 -24.08 -25.02
CA LEU C 55 -4.35 -24.74 -23.86
C LEU C 55 -3.62 -26.02 -24.27
N GLN C 56 -2.30 -26.03 -24.16
CA GLN C 56 -1.55 -27.20 -24.58
C GLN C 56 -0.84 -27.84 -23.39
N PHE C 57 -1.03 -29.15 -23.19
CA PHE C 57 -0.45 -29.82 -22.01
C PHE C 57 0.91 -30.44 -22.19
N LYS C 58 1.77 -30.25 -21.19
CA LYS C 58 3.09 -30.87 -21.15
C LYS C 58 3.36 -31.51 -19.78
N TYR C 59 2.55 -32.51 -19.46
CA TYR C 59 2.56 -33.21 -18.18
C TYR C 59 3.25 -34.55 -18.28
N ALA C 60 3.81 -35.03 -17.19
CA ALA C 60 4.30 -36.38 -17.15
C ALA C 60 4.04 -36.98 -15.79
N ALA C 61 4.12 -38.29 -15.69
CA ALA C 61 4.00 -38.92 -14.39
C ALA C 61 5.12 -38.44 -13.48
N SER C 62 4.76 -37.97 -12.30
CA SER C 62 5.72 -37.31 -11.42
C SER C 62 5.51 -37.70 -10.00
N LYS C 63 6.58 -37.90 -9.25
CA LYS C 63 6.39 -38.10 -7.81
C LYS C 63 6.43 -36.76 -7.10
N PRO C 64 5.41 -36.51 -6.29
CA PRO C 64 5.28 -35.30 -5.48
C PRO C 64 6.44 -35.04 -4.55
N LYS C 65 6.75 -33.76 -4.40
CA LYS C 65 7.65 -33.28 -3.38
C LYS C 65 7.08 -33.73 -2.06
N ALA C 66 5.77 -33.64 -1.94
CA ALA C 66 5.08 -34.04 -0.74
C ALA C 66 3.63 -34.25 -1.03
N VAL C 67 2.99 -35.08 -0.21
CA VAL C 67 1.53 -35.20 -0.18
C VAL C 67 1.10 -34.99 1.27
N PHE C 68 0.32 -33.95 1.52
CA PHE C 68 0.05 -33.59 2.90
C PHE C 68 -1.20 -32.77 3.00
N PHE C 69 -1.74 -32.73 4.22
CA PHE C 69 -2.86 -31.89 4.56
C PHE C 69 -2.35 -30.53 4.98
N THR C 70 -2.86 -29.48 4.36
CA THR C 70 -2.49 -28.14 4.75
C THR C 70 -3.63 -27.22 4.42
N HIS C 71 -3.94 -26.31 5.34
CA HIS C 71 -5.00 -25.34 5.13
C HIS C 71 -6.29 -26.02 4.71
N HIS C 72 -6.65 -27.11 5.39
CA HIS C 72 -7.94 -27.79 5.23
C HIS C 72 -8.07 -28.62 3.95
N THR C 73 -7.01 -28.71 3.16
CA THR C 73 -7.12 -29.44 1.91
C THR C 73 -6.09 -30.52 1.85
N LEU C 74 -6.33 -31.49 1.00
CA LEU C 74 -5.34 -32.49 0.77
C LEU C 74 -4.60 -32.11 -0.49
N LYS C 75 -3.31 -31.93 -0.37
CA LYS C 75 -2.53 -31.34 -1.43
C LYS C 75 -1.36 -32.18 -1.83
N ALA C 76 -1.12 -32.24 -3.12
CA ALA C 76 0.07 -32.89 -3.59
C ALA C 76 0.93 -31.87 -4.29
N SER C 77 2.08 -31.56 -3.71
CA SER C 77 2.98 -30.59 -4.30
C SER C 77 3.94 -31.29 -5.22
N PHE C 78 4.46 -30.59 -6.21
CA PHE C 78 5.40 -31.22 -7.14
C PHE C 78 6.60 -30.35 -7.35
N GLU C 79 7.69 -30.98 -7.76
CA GLU C 79 8.83 -30.25 -8.25
C GLU C 79 8.43 -29.68 -9.60
N PRO C 80 9.08 -28.58 -10.00
CA PRO C 80 8.63 -27.87 -11.20
C PRO C 80 8.91 -28.52 -12.56
N THR C 81 8.45 -29.75 -12.80
CA THR C 81 8.80 -30.44 -14.05
C THR C 81 7.64 -30.50 -15.02
N ASN C 82 6.44 -30.22 -14.53
CA ASN C 82 5.24 -30.25 -15.37
C ASN C 82 4.73 -28.86 -15.73
N HIS C 83 4.37 -28.68 -16.99
CA HIS C 83 4.12 -27.36 -17.51
C HIS C 83 2.79 -27.28 -18.25
N ILE C 84 2.23 -26.09 -18.35
CA ILE C 84 1.13 -25.79 -19.27
C ILE C 84 1.47 -24.60 -20.15
N ASN C 85 1.26 -24.69 -21.46
CA ASN C 85 1.55 -23.51 -22.25
C ASN C 85 0.26 -22.80 -22.63
N TYR C 86 0.19 -21.52 -22.27
CA TYR C 86 -0.94 -20.66 -22.54
C TYR C 86 -0.44 -19.27 -22.91
N ARG C 87 -0.66 -18.88 -24.17
CA ARG C 87 -0.23 -17.57 -24.68
C ARG C 87 1.27 -17.31 -24.58
N GLY C 88 2.10 -18.27 -24.94
CA GLY C 88 3.54 -18.03 -24.98
C GLY C 88 4.20 -17.93 -23.62
N HIS C 89 3.54 -18.53 -22.63
CA HIS C 89 4.06 -18.66 -21.29
C HIS C 89 3.85 -20.05 -20.73
N ASP C 90 4.90 -20.61 -20.16
CA ASP C 90 4.78 -21.89 -19.49
C ASP C 90 4.36 -21.60 -18.07
N TYR C 91 3.29 -22.23 -17.65
CA TYR C 91 2.85 -22.09 -16.28
C TYR C 91 3.20 -23.39 -15.61
N VAL C 92 4.09 -23.33 -14.64
CA VAL C 92 4.55 -24.52 -13.96
C VAL C 92 3.49 -24.97 -12.98
N LEU C 93 3.19 -26.26 -13.00
CA LEU C 93 2.28 -26.84 -12.03
C LEU C 93 2.94 -26.92 -10.66
N ASP C 94 2.31 -26.29 -9.67
CA ASP C 94 2.80 -26.31 -8.29
C ASP C 94 2.21 -27.45 -7.49
N ASN C 95 0.90 -27.60 -7.58
CA ASN C 95 0.20 -28.59 -6.80
C ASN C 95 -1.18 -28.97 -7.35
N VAL C 96 -1.67 -30.09 -6.86
CA VAL C 96 -3.04 -30.45 -7.04
C VAL C 96 -3.64 -30.62 -5.67
N HIS C 97 -4.78 -30.00 -5.42
CA HIS C 97 -5.44 -30.17 -4.14
C HIS C 97 -6.91 -30.36 -4.41
N PHE C 98 -7.66 -30.69 -3.38
CA PHE C 98 -9.03 -31.12 -3.54
C PHE C 98 -10.00 -30.32 -2.72
N HIS C 99 -11.21 -30.20 -3.22
CA HIS C 99 -12.29 -29.55 -2.53
C HIS C 99 -13.48 -30.46 -2.53
N ALA C 100 -14.17 -30.51 -1.41
CA ALA C 100 -15.38 -31.26 -1.30
C ALA C 100 -16.33 -30.36 -0.56
N PRO C 101 -17.49 -30.05 -1.16
CA PRO C 101 -17.85 -30.38 -2.53
C PRO C 101 -17.08 -29.55 -3.54
N MET C 102 -17.33 -29.77 -4.81
CA MET C 102 -16.74 -28.96 -5.85
C MET C 102 -17.19 -27.53 -5.63
N GLU C 103 -16.28 -26.59 -5.85
CA GLU C 103 -16.53 -25.20 -5.53
C GLU C 103 -17.27 -24.49 -6.63
N PHE C 104 -16.83 -24.69 -7.87
CA PHE C 104 -17.53 -24.13 -9.02
C PHE C 104 -18.73 -24.97 -9.38
N LEU C 105 -19.81 -24.32 -9.76
CA LEU C 105 -20.99 -25.01 -10.24
C LEU C 105 -21.21 -24.63 -11.69
N ILE C 106 -21.63 -25.59 -12.51
CA ILE C 106 -22.04 -25.29 -13.88
C ILE C 106 -23.54 -25.54 -14.01
N ASN C 107 -24.31 -24.48 -14.23
CA ASN C 107 -25.76 -24.56 -14.32
C ASN C 107 -26.37 -25.22 -13.10
N ASN C 108 -25.89 -24.81 -11.94
CA ASN C 108 -26.37 -25.27 -10.65
C ASN C 108 -26.04 -26.70 -10.33
N LYS C 109 -25.13 -27.30 -11.07
CA LYS C 109 -24.82 -28.67 -10.74
C LYS C 109 -23.54 -28.72 -9.94
N THR C 110 -23.55 -29.52 -8.88
CA THR C 110 -22.42 -29.54 -7.96
C THR C 110 -21.94 -30.98 -7.79
N ARG C 111 -20.63 -31.13 -7.77
CA ARG C 111 -20.02 -32.44 -7.61
C ARG C 111 -19.54 -32.59 -6.19
N PRO C 112 -19.48 -33.83 -5.70
CA PRO C 112 -19.05 -34.03 -4.33
C PRO C 112 -17.57 -33.77 -4.11
N LEU C 113 -16.82 -33.57 -5.18
CA LEU C 113 -15.40 -33.40 -5.01
C LEU C 113 -14.86 -32.75 -6.24
N SER C 114 -13.80 -31.97 -6.09
CA SER C 114 -13.13 -31.44 -7.26
C SER C 114 -11.65 -31.45 -7.02
N ALA C 115 -10.90 -31.23 -8.08
CA ALA C 115 -9.46 -31.11 -7.98
C ALA C 115 -9.03 -29.82 -8.65
N HIS C 116 -8.03 -29.17 -8.06
CA HIS C 116 -7.45 -27.95 -8.62
C HIS C 116 -6.02 -28.17 -9.01
N PHE C 117 -5.70 -27.82 -10.25
CA PHE C 117 -4.35 -27.90 -10.75
C PHE C 117 -3.76 -26.51 -10.74
N VAL C 118 -2.88 -26.24 -9.80
CA VAL C 118 -2.39 -24.88 -9.62
C VAL C 118 -1.09 -24.59 -10.38
N HIS C 119 -1.08 -23.58 -11.25
CA HIS C 119 0.13 -23.25 -11.99
C HIS C 119 0.53 -21.81 -11.77
N LYS C 120 1.83 -21.50 -11.94
CA LYS C 120 2.32 -20.12 -11.86
C LYS C 120 3.38 -19.89 -12.95
N ASP C 121 3.39 -18.73 -13.58
CA ASP C 121 4.40 -18.46 -14.58
C ASP C 121 5.63 -17.80 -13.96
N ALA C 122 6.51 -17.27 -14.79
CA ALA C 122 7.78 -16.73 -14.31
C ALA C 122 7.63 -15.56 -13.33
N LYS C 123 6.75 -14.63 -13.68
CA LYS C 123 6.48 -13.49 -12.82
C LYS C 123 5.32 -13.78 -11.86
N GLY C 124 4.95 -15.05 -11.72
CA GLY C 124 3.96 -15.41 -10.71
C GLY C 124 2.49 -15.32 -11.09
N ARG C 125 2.21 -15.28 -12.37
CA ARG C 125 0.83 -15.22 -12.84
C ARG C 125 0.19 -16.57 -12.68
N LEU C 126 -1.09 -16.58 -12.33
CA LEU C 126 -1.75 -17.81 -11.94
C LEU C 126 -2.71 -18.36 -12.97
N LEU C 127 -2.63 -19.68 -13.18
CA LEU C 127 -3.56 -20.42 -14.01
C LEU C 127 -4.03 -21.64 -13.23
N VAL C 128 -5.32 -21.70 -12.96
CA VAL C 128 -5.83 -22.82 -12.21
C VAL C 128 -6.93 -23.55 -12.99
N LEU C 129 -6.86 -24.85 -12.87
CA LEU C 129 -7.66 -25.74 -13.65
C LEU C 129 -8.52 -26.56 -12.74
N ALA C 130 -9.83 -26.53 -12.95
CA ALA C 130 -10.73 -27.24 -12.06
C ALA C 130 -11.48 -28.35 -12.77
N ILE C 131 -11.54 -29.51 -12.13
CA ILE C 131 -12.31 -30.60 -12.69
C ILE C 131 -13.07 -31.34 -11.58
N GLY C 132 -14.31 -31.70 -11.84
CA GLY C 132 -15.13 -32.33 -10.85
C GLY C 132 -15.03 -33.84 -10.87
N PHE C 133 -15.47 -34.46 -9.79
CA PHE C 133 -15.48 -35.90 -9.71
C PHE C 133 -16.89 -36.39 -9.53
N GLU C 134 -17.20 -37.49 -10.17
CA GLU C 134 -18.50 -38.10 -10.10
C GLU C 134 -18.33 -39.43 -9.38
N GLU C 135 -19.22 -39.75 -8.47
CA GLU C 135 -19.11 -41.04 -7.78
C GLU C 135 -19.22 -42.15 -8.78
N GLY C 136 -18.29 -43.07 -8.75
CA GLY C 136 -18.31 -44.14 -9.70
C GLY C 136 -17.19 -45.11 -9.57
N LYS C 137 -16.50 -45.32 -10.67
CA LYS C 137 -15.44 -46.28 -10.69
C LYS C 137 -14.22 -45.74 -9.93
N GLU C 138 -13.59 -46.63 -9.18
CA GLU C 138 -12.36 -46.36 -8.44
C GLU C 138 -11.36 -45.69 -9.34
N ASN C 139 -10.83 -44.54 -8.91
CA ASN C 139 -9.87 -43.82 -9.72
C ASN C 139 -8.46 -44.21 -9.36
N PRO C 140 -7.73 -44.81 -10.31
CA PRO C 140 -6.38 -45.31 -10.02
C PRO C 140 -5.39 -44.19 -9.79
N ASN C 141 -5.69 -43.04 -10.37
CA ASN C 141 -4.84 -41.88 -10.26
C ASN C 141 -4.89 -41.31 -8.85
N LEU C 142 -6.00 -41.54 -8.14
CA LEU C 142 -6.14 -41.03 -6.79
C LEU C 142 -5.35 -41.80 -5.79
N ASP C 143 -5.16 -43.08 -6.04
CA ASP C 143 -4.57 -43.92 -5.01
C ASP C 143 -3.14 -43.58 -4.61
N PRO C 144 -2.30 -43.12 -5.55
CA PRO C 144 -0.96 -42.69 -5.16
C PRO C 144 -0.97 -41.58 -4.11
N ILE C 145 -2.02 -40.78 -4.16
CA ILE C 145 -2.16 -39.65 -3.26
C ILE C 145 -2.77 -40.08 -1.94
N LEU C 146 -3.73 -40.99 -2.03
CA LEU C 146 -4.40 -41.49 -0.84
C LEU C 146 -3.50 -42.47 -0.12
N GLU C 147 -2.41 -42.83 -0.77
CA GLU C 147 -1.45 -43.70 -0.13
C GLU C 147 -0.18 -42.93 0.18
N GLY C 148 -0.12 -41.70 -0.27
CA GLY C 148 1.08 -40.90 -0.12
C GLY C 148 0.90 -39.96 1.04
N ILE C 149 -0.35 -39.71 1.40
CA ILE C 149 -0.65 -38.87 2.55
C ILE C 149 -0.25 -39.64 3.82
N GLN C 150 -0.11 -40.95 3.68
CA GLN C 150 0.31 -41.86 4.75
C GLN C 150 1.86 -41.96 4.83
N LYS C 151 2.55 -41.35 3.88
CA LYS C 151 4.01 -41.34 3.86
C LYS C 151 4.59 -39.98 4.22
N LYS C 152 5.93 -39.88 4.20
CA LYS C 152 6.60 -38.60 4.45
C LYS C 152 7.95 -38.56 3.72
N GLN C 153 8.23 -39.62 2.95
CA GLN C 153 9.44 -39.79 2.16
C GLN C 153 9.18 -40.23 0.71
N ASN C 154 9.35 -41.52 0.44
CA ASN C 154 9.12 -42.06 -0.89
C ASN C 154 7.64 -41.96 -1.29
N PHE C 155 7.23 -40.84 -1.90
CA PHE C 155 5.86 -40.70 -2.40
C PHE C 155 5.79 -41.31 -3.80
N LYS C 156 4.79 -42.13 -4.09
CA LYS C 156 4.76 -42.79 -5.38
C LYS C 156 4.26 -41.93 -6.53
N GLU C 157 4.43 -42.46 -7.73
CA GLU C 157 4.09 -41.84 -9.02
C GLU C 157 2.67 -41.32 -9.10
N VAL C 158 2.50 -40.10 -9.59
CA VAL C 158 1.18 -39.63 -10.02
C VAL C 158 1.21 -39.49 -11.53
N ALA C 159 0.36 -40.23 -12.21
CA ALA C 159 0.36 -40.20 -13.66
C ALA C 159 -0.36 -38.96 -14.12
N LEU C 160 0.33 -37.83 -14.05
CA LEU C 160 -0.28 -36.55 -14.39
C LEU C 160 -0.77 -36.51 -15.83
N ASP C 161 -0.05 -37.18 -16.73
CA ASP C 161 -0.48 -37.24 -18.12
C ASP C 161 -1.74 -38.09 -18.34
N ALA C 162 -2.16 -38.85 -17.33
CA ALA C 162 -3.32 -39.72 -17.48
C ALA C 162 -4.50 -39.28 -16.66
N PHE C 163 -4.30 -38.26 -15.83
CA PHE C 163 -5.26 -37.85 -14.85
C PHE C 163 -6.53 -37.30 -15.47
N LEU C 164 -6.37 -36.35 -16.38
CA LEU C 164 -7.49 -35.65 -16.98
C LEU C 164 -7.99 -36.43 -18.18
N PRO C 165 -9.24 -36.20 -18.60
CA PRO C 165 -9.80 -36.77 -19.83
C PRO C 165 -9.03 -36.30 -21.06
N LYS C 166 -9.01 -37.13 -22.09
CA LYS C 166 -8.27 -36.81 -23.28
C LYS C 166 -8.87 -35.61 -23.98
N SER C 167 -10.18 -35.54 -23.93
CA SER C 167 -10.95 -34.51 -24.56
C SER C 167 -11.69 -33.72 -23.51
N ILE C 168 -11.43 -32.42 -23.43
CA ILE C 168 -12.10 -31.61 -22.45
C ILE C 168 -12.82 -30.42 -23.09
N ASN C 169 -14.04 -30.17 -22.60
CA ASN C 169 -14.80 -28.94 -22.83
C ASN C 169 -14.68 -28.15 -21.57
N TYR C 170 -14.33 -26.87 -21.68
CA TYR C 170 -14.11 -26.10 -20.47
C TYR C 170 -14.73 -24.72 -20.56
N TYR C 171 -14.89 -24.10 -19.40
CA TYR C 171 -15.29 -22.72 -19.33
C TYR C 171 -14.10 -21.95 -18.80
N HIS C 172 -13.73 -20.88 -19.50
CA HIS C 172 -12.53 -20.11 -19.17
C HIS C 172 -12.89 -18.66 -18.87
N PHE C 173 -12.30 -18.13 -17.81
CA PHE C 173 -12.65 -16.82 -17.33
C PHE C 173 -11.61 -16.35 -16.33
N ASN C 174 -11.75 -15.11 -15.89
CA ASN C 174 -10.90 -14.55 -14.86
C ASN C 174 -11.60 -14.55 -13.52
N GLY C 175 -10.93 -15.09 -12.51
CA GLY C 175 -11.52 -15.16 -11.19
C GLY C 175 -10.47 -15.01 -10.12
N SER C 176 -10.75 -15.55 -8.96
CA SER C 176 -9.81 -15.44 -7.86
C SER C 176 -9.49 -16.78 -7.32
N LEU C 177 -8.55 -16.81 -6.41
CA LEU C 177 -8.35 -17.99 -5.60
C LEU C 177 -9.57 -18.13 -4.72
N THR C 178 -9.93 -19.35 -4.37
CA THR C 178 -11.14 -19.62 -3.62
C THR C 178 -10.90 -19.69 -2.10
N ALA C 179 -9.66 -19.46 -1.70
CA ALA C 179 -9.27 -19.47 -0.29
C ALA C 179 -8.43 -18.23 -0.01
N PRO C 180 -8.40 -17.76 1.25
CA PRO C 180 -7.52 -16.63 1.54
C PRO C 180 -6.09 -16.87 1.08
N PRO C 181 -5.43 -15.85 0.49
CA PRO C 181 -5.81 -14.45 0.40
C PRO C 181 -6.77 -14.06 -0.73
N CYS C 182 -7.38 -15.02 -1.42
CA CYS C 182 -8.39 -14.78 -2.47
C CYS C 182 -7.91 -13.91 -3.61
N THR C 183 -6.63 -14.00 -3.92
CA THR C 183 -6.00 -13.19 -4.95
C THR C 183 -6.68 -13.25 -6.30
N GLU C 184 -6.80 -12.13 -6.99
CA GLU C 184 -7.41 -12.15 -8.31
C GLU C 184 -6.39 -12.21 -9.43
N GLY C 185 -6.87 -12.15 -10.67
CA GLY C 185 -5.99 -12.27 -11.80
C GLY C 185 -5.69 -13.73 -12.07
N VAL C 186 -6.60 -14.60 -11.65
CA VAL C 186 -6.44 -16.03 -11.90
C VAL C 186 -7.12 -16.44 -13.19
N ALA C 187 -6.35 -17.04 -14.08
CA ALA C 187 -6.91 -17.61 -15.28
C ALA C 187 -7.49 -18.95 -14.92
N TRP C 188 -8.81 -19.07 -14.94
CA TRP C 188 -9.52 -20.30 -14.62
C TRP C 188 -9.90 -21.11 -15.84
N PHE C 189 -9.74 -22.41 -15.74
CA PHE C 189 -10.32 -23.30 -16.73
C PHE C 189 -11.16 -24.31 -16.00
N VAL C 190 -12.47 -24.18 -16.11
CA VAL C 190 -13.35 -25.10 -15.43
C VAL C 190 -13.88 -26.12 -16.43
N ILE C 191 -13.48 -27.37 -16.20
CA ILE C 191 -13.76 -28.49 -17.08
C ILE C 191 -15.09 -29.15 -16.77
N GLU C 192 -15.85 -29.38 -17.84
CA GLU C 192 -17.21 -29.91 -17.80
C GLU C 192 -17.32 -31.41 -17.46
N GLU C 193 -16.44 -32.20 -18.04
CA GLU C 193 -16.44 -33.66 -17.87
C GLU C 193 -16.01 -34.05 -16.46
N PRO C 194 -16.87 -34.81 -15.78
CA PRO C 194 -16.53 -35.30 -14.45
C PRO C 194 -15.60 -36.48 -14.55
N LEU C 195 -14.64 -36.55 -13.64
CA LEU C 195 -13.84 -37.74 -13.46
C LEU C 195 -14.64 -38.65 -12.57
N GLU C 196 -14.18 -39.86 -12.36
CA GLU C 196 -14.89 -40.78 -11.49
C GLU C 196 -14.06 -41.06 -10.24
N VAL C 197 -14.75 -41.21 -9.11
CA VAL C 197 -14.11 -41.52 -7.85
C VAL C 197 -14.97 -42.55 -7.17
N SER C 198 -14.39 -43.59 -6.58
CA SER C 198 -15.27 -44.57 -5.97
C SER C 198 -15.77 -44.02 -4.66
N ALA C 199 -16.85 -44.60 -4.19
CA ALA C 199 -17.47 -44.17 -2.95
C ALA C 199 -16.50 -44.34 -1.78
N LYS C 200 -15.67 -45.38 -1.86
CA LYS C 200 -14.68 -45.65 -0.83
C LYS C 200 -13.50 -44.70 -0.94
N GLN C 201 -13.11 -44.35 -2.16
CA GLN C 201 -12.09 -43.33 -2.37
C GLN C 201 -12.57 -41.99 -1.87
N LEU C 202 -13.86 -41.72 -2.09
CA LEU C 202 -14.49 -40.48 -1.68
C LEU C 202 -14.52 -40.33 -0.18
N ALA C 203 -14.82 -41.43 0.50
CA ALA C 203 -14.87 -41.39 1.94
C ALA C 203 -13.45 -41.18 2.41
N GLU C 204 -12.54 -41.97 1.84
CA GLU C 204 -11.13 -41.95 2.17
C GLU C 204 -10.54 -40.56 2.10
N ILE C 205 -10.86 -39.83 1.04
CA ILE C 205 -10.37 -38.45 0.93
C ILE C 205 -11.16 -37.45 1.79
N LYS C 206 -12.45 -37.66 2.00
CA LYS C 206 -13.20 -36.75 2.86
C LYS C 206 -12.66 -36.86 4.27
N LYS C 207 -12.22 -38.05 4.66
CA LYS C 207 -11.71 -38.22 5.99
C LYS C 207 -10.29 -37.66 6.09
N ARG C 208 -9.55 -37.64 4.99
CA ARG C 208 -8.22 -37.05 5.03
C ARG C 208 -8.32 -35.55 5.11
N MET C 209 -9.47 -35.01 4.72
CA MET C 209 -9.73 -33.59 4.89
C MET C 209 -10.57 -33.32 6.15
N LYS C 210 -10.32 -34.11 7.19
CA LYS C 210 -10.95 -33.99 8.51
C LYS C 210 -12.48 -34.04 8.49
N ASN C 211 -13.05 -34.70 7.49
CA ASN C 211 -14.51 -34.78 7.35
C ASN C 211 -15.20 -33.42 7.52
N SER C 212 -14.50 -32.37 7.13
CA SER C 212 -15.05 -31.01 7.06
C SER C 212 -14.89 -30.40 5.67
N PRO C 213 -16.02 -30.05 5.02
CA PRO C 213 -16.03 -29.43 3.69
C PRO C 213 -15.01 -28.32 3.58
N ASN C 214 -14.28 -28.27 2.47
CA ASN C 214 -13.41 -27.14 2.26
C ASN C 214 -13.85 -26.44 1.00
N GLN C 215 -15.12 -26.07 0.99
CA GLN C 215 -15.74 -25.47 -0.17
C GLN C 215 -16.20 -24.05 0.07
N ARG C 216 -15.55 -23.08 -0.58
CA ARG C 216 -16.00 -21.71 -0.49
C ARG C 216 -17.29 -21.56 -1.25
N PRO C 217 -18.30 -20.90 -0.66
CA PRO C 217 -19.57 -20.62 -1.33
C PRO C 217 -19.42 -19.71 -2.58
N VAL C 218 -20.40 -19.77 -3.47
CA VAL C 218 -20.43 -18.95 -4.67
C VAL C 218 -20.41 -17.47 -4.31
N GLN C 219 -19.55 -16.72 -5.00
CA GLN C 219 -19.31 -15.30 -4.79
C GLN C 219 -20.12 -14.41 -5.74
N PRO C 220 -20.20 -13.12 -5.43
CA PRO C 220 -20.86 -12.14 -6.31
C PRO C 220 -20.21 -12.05 -7.69
N ASP C 221 -21.05 -12.06 -8.71
CA ASP C 221 -20.58 -12.08 -10.07
C ASP C 221 -20.77 -10.74 -10.77
N TYR C 222 -19.69 -10.14 -11.19
CA TYR C 222 -19.80 -8.89 -11.93
C TYR C 222 -19.80 -9.07 -13.42
N ASN C 223 -20.79 -9.80 -13.91
CA ASN C 223 -20.93 -10.06 -15.32
C ASN C 223 -19.64 -10.67 -15.86
N THR C 224 -19.15 -11.70 -15.19
CA THR C 224 -17.90 -12.34 -15.61
C THR C 224 -18.02 -12.83 -17.05
N VAL C 225 -17.02 -12.51 -17.88
CA VAL C 225 -16.96 -12.99 -19.25
C VAL C 225 -16.31 -14.38 -19.32
N ILE C 226 -17.12 -15.34 -19.75
CA ILE C 226 -16.75 -16.76 -19.80
C ILE C 226 -16.78 -17.29 -21.23
N ILE C 227 -15.68 -17.90 -21.66
CA ILE C 227 -15.67 -18.51 -22.97
C ILE C 227 -15.66 -19.99 -22.81
N LYS C 228 -16.35 -20.67 -23.71
CA LYS C 228 -16.28 -22.11 -23.73
C LYS C 228 -15.41 -22.53 -24.89
N SER C 229 -14.48 -23.43 -24.62
CA SER C 229 -13.60 -23.92 -25.65
C SER C 229 -13.25 -25.35 -25.33
N SER C 230 -12.32 -25.95 -26.08
CA SER C 230 -11.96 -27.35 -25.86
C SER C 230 -10.50 -27.59 -26.16
N ALA C 231 -9.96 -28.70 -25.67
CA ALA C 231 -8.58 -29.04 -25.96
C ALA C 231 -8.35 -30.51 -25.74
N GLU C 232 -7.19 -30.97 -26.19
CA GLU C 232 -6.81 -32.35 -25.98
C GLU C 232 -5.66 -32.39 -24.99
N THR C 233 -5.78 -33.19 -23.94
CA THR C 233 -4.75 -33.26 -22.90
C THR C 233 -3.61 -34.18 -23.33
N ARG C 234 -3.92 -35.39 -23.78
CA ARG C 234 -2.94 -36.22 -24.45
C ARG C 234 -3.32 -36.42 -25.94
N TRP D 10 -6.20 14.54 -8.48
CA TRP D 10 -5.61 13.64 -9.45
C TRP D 10 -5.66 14.23 -10.87
N ASP D 11 -4.58 14.05 -11.63
CA ASP D 11 -4.53 14.57 -12.99
C ASP D 11 -4.00 13.49 -13.91
N TYR D 12 -3.82 13.83 -15.18
CA TYR D 12 -3.23 12.88 -16.10
C TYR D 12 -1.82 13.31 -16.47
N LYS D 13 -1.29 14.30 -15.76
CA LYS D 13 0.05 14.76 -16.05
C LYS D 13 1.02 13.76 -15.47
N ASN D 14 2.20 13.72 -16.05
CA ASN D 14 3.22 12.76 -15.71
C ASN D 14 3.82 12.96 -14.32
N LYS D 15 3.21 13.82 -13.51
CA LYS D 15 3.87 14.26 -12.29
C LYS D 15 3.20 13.77 -11.00
N GLU D 16 2.89 14.70 -10.10
CA GLU D 16 2.53 14.39 -8.73
C GLU D 16 1.14 13.76 -8.65
N ASN D 17 0.19 14.31 -9.40
CA ASN D 17 -1.19 13.82 -9.41
C ASN D 17 -1.52 12.93 -10.61
N GLY D 18 -0.49 12.43 -11.29
CA GLY D 18 -0.70 11.56 -12.43
C GLY D 18 -1.12 10.14 -12.12
N PRO D 19 -1.56 9.39 -13.15
CA PRO D 19 -2.14 8.05 -13.07
C PRO D 19 -1.21 7.04 -12.44
N HIS D 20 0.07 7.21 -12.76
CA HIS D 20 1.14 6.37 -12.25
C HIS D 20 1.27 6.47 -10.73
N ARG D 21 0.67 7.49 -10.14
CA ARG D 21 0.77 7.69 -8.70
C ARG D 21 -0.59 7.76 -8.03
N TRP D 22 -1.62 7.45 -8.81
CA TRP D 22 -2.99 7.47 -8.30
C TRP D 22 -3.26 6.69 -7.03
N ASP D 23 -2.65 5.52 -6.90
CA ASP D 23 -2.90 4.68 -5.72
C ASP D 23 -2.49 5.38 -4.44
N LYS D 24 -1.43 6.17 -4.53
CA LYS D 24 -0.85 6.86 -3.38
C LYS D 24 -1.54 8.14 -2.99
N LEU D 25 -2.23 8.79 -3.93
CA LEU D 25 -2.90 10.05 -3.60
C LEU D 25 -3.98 9.83 -2.55
N HIS D 26 -4.60 8.67 -2.57
CA HIS D 26 -5.68 8.42 -1.64
C HIS D 26 -5.74 6.91 -1.40
N LYS D 27 -6.06 6.47 -0.19
CA LYS D 27 -6.17 5.03 0.01
C LYS D 27 -7.42 4.52 -0.71
N ASP D 28 -8.38 5.41 -0.97
CA ASP D 28 -9.56 5.02 -1.77
C ASP D 28 -9.17 4.61 -3.17
N PHE D 29 -7.99 5.02 -3.59
CA PHE D 29 -7.51 4.75 -4.94
C PHE D 29 -6.50 3.62 -4.94
N GLU D 30 -6.44 2.85 -3.88
CA GLU D 30 -5.43 1.80 -3.80
C GLU D 30 -5.52 0.77 -4.92
N VAL D 31 -6.72 0.53 -5.44
CA VAL D 31 -6.93 -0.50 -6.45
C VAL D 31 -6.22 -0.20 -7.76
N CYS D 32 -5.92 1.06 -8.02
CA CYS D 32 -5.20 1.45 -9.24
C CYS D 32 -3.85 0.76 -9.38
N LYS D 33 -3.20 0.36 -8.28
CA LYS D 33 -1.95 -0.40 -8.39
C LYS D 33 -2.19 -1.88 -8.11
N SER D 34 -3.08 -2.14 -7.17
CA SER D 34 -3.31 -3.48 -6.64
C SER D 34 -4.26 -4.33 -7.51
N GLY D 35 -5.04 -3.69 -8.38
CA GLY D 35 -5.93 -4.40 -9.27
C GLY D 35 -5.29 -5.28 -10.34
N LYS D 36 -5.99 -6.35 -10.71
CA LYS D 36 -5.53 -7.32 -11.71
C LYS D 36 -6.38 -7.32 -12.97
N SER D 37 -7.38 -6.45 -12.97
N SER D 37 -7.40 -6.46 -12.99
CA SER D 37 -8.31 -6.28 -14.08
CA SER D 37 -8.21 -6.32 -14.20
C SER D 37 -8.48 -4.80 -14.38
C SER D 37 -8.47 -4.84 -14.44
N GLN D 38 -7.38 -4.08 -14.50
CA GLN D 38 -7.46 -2.64 -14.66
C GLN D 38 -7.66 -2.23 -16.11
N SER D 39 -8.47 -1.19 -16.27
CA SER D 39 -8.74 -0.62 -17.58
C SER D 39 -8.13 0.76 -17.63
N PRO D 40 -7.75 1.23 -18.83
CA PRO D 40 -7.94 0.52 -20.09
C PRO D 40 -6.82 -0.44 -20.41
N ILE D 41 -7.02 -1.23 -21.48
CA ILE D 41 -6.00 -2.14 -22.00
C ILE D 41 -6.02 -2.10 -23.52
N ASN D 42 -5.02 -2.68 -24.14
CA ASN D 42 -5.04 -2.80 -25.58
C ASN D 42 -5.59 -4.18 -25.96
N ILE D 43 -6.74 -4.14 -26.62
CA ILE D 43 -7.52 -5.32 -26.98
C ILE D 43 -6.89 -6.03 -28.16
N GLU D 44 -6.26 -7.17 -27.90
CA GLU D 44 -5.55 -7.89 -28.95
C GLU D 44 -5.92 -9.37 -29.05
N HIS D 45 -6.20 -10.00 -27.91
CA HIS D 45 -6.55 -11.42 -27.92
C HIS D 45 -8.02 -11.59 -27.56
N TYR D 46 -8.78 -12.23 -28.45
CA TYR D 46 -10.20 -12.41 -28.20
C TYR D 46 -10.76 -13.66 -28.87
N TYR D 47 -12.02 -13.95 -28.55
CA TYR D 47 -12.75 -15.12 -29.01
C TYR D 47 -13.97 -14.68 -29.84
N HIS D 48 -14.20 -15.25 -31.02
CA HIS D 48 -15.39 -14.88 -31.78
C HIS D 48 -16.64 -15.61 -31.32
N THR D 49 -17.81 -14.98 -31.40
CA THR D 49 -19.04 -15.61 -30.92
C THR D 49 -20.36 -15.07 -31.48
N GLN D 50 -21.47 -15.41 -30.83
CA GLN D 50 -22.83 -14.95 -31.19
C GLN D 50 -23.37 -13.86 -30.28
N ASP D 51 -24.68 -13.61 -30.32
CA ASP D 51 -25.31 -12.56 -29.50
C ASP D 51 -26.46 -13.14 -28.68
N ASP D 54 -26.83 -11.28 -25.31
CA ASP D 54 -28.15 -10.70 -25.21
C ASP D 54 -28.07 -9.22 -24.79
N LEU D 55 -28.03 -8.33 -25.79
CA LEU D 55 -27.78 -6.91 -25.59
C LEU D 55 -28.80 -6.00 -26.31
N GLN D 56 -29.75 -5.43 -25.55
CA GLN D 56 -30.81 -4.59 -26.09
C GLN D 56 -30.82 -3.15 -25.57
N PHE D 57 -30.97 -2.17 -26.46
CA PHE D 57 -31.04 -0.75 -26.08
C PHE D 57 -32.45 -0.18 -25.92
N LYS D 58 -32.63 0.70 -24.95
CA LYS D 58 -33.90 1.43 -24.79
C LYS D 58 -33.67 2.94 -24.63
N TYR D 59 -33.15 3.58 -25.68
CA TYR D 59 -32.86 5.01 -25.61
C TYR D 59 -33.92 5.86 -26.31
N ALA D 60 -34.06 7.08 -25.83
CA ALA D 60 -34.88 8.07 -26.48
C ALA D 60 -34.19 9.41 -26.32
N ALA D 61 -34.67 10.42 -27.06
CA ALA D 61 -34.16 11.78 -26.91
C ALA D 61 -34.37 12.31 -25.49
N SER D 62 -33.31 12.87 -24.93
CA SER D 62 -33.32 13.30 -23.54
C SER D 62 -32.64 14.65 -23.41
N LYS D 63 -33.14 15.46 -22.48
CA LYS D 63 -32.52 16.72 -22.12
C LYS D 63 -31.48 16.39 -21.04
N PRO D 64 -30.22 16.81 -21.23
CA PRO D 64 -29.27 16.50 -20.16
C PRO D 64 -29.73 17.12 -18.85
N LYS D 65 -29.60 16.40 -17.75
CA LYS D 65 -29.79 17.03 -16.46
C LYS D 65 -28.74 18.09 -16.36
N ALA D 66 -27.57 17.80 -16.91
CA ALA D 66 -26.50 18.78 -16.93
C ALA D 66 -25.46 18.47 -17.99
N VAL D 67 -24.81 19.53 -18.48
CA VAL D 67 -23.65 19.42 -19.34
C VAL D 67 -22.50 20.24 -18.75
N PHE D 68 -21.41 19.60 -18.37
CA PHE D 68 -20.34 20.34 -17.73
C PHE D 68 -18.99 19.65 -17.82
N PHE D 69 -17.93 20.43 -17.65
CA PHE D 69 -16.59 19.90 -17.56
C PHE D 69 -16.37 19.55 -16.09
N THR D 70 -15.98 18.31 -15.82
CA THR D 70 -15.76 17.83 -14.47
C THR D 70 -14.67 16.78 -14.46
N HIS D 71 -13.75 16.89 -13.50
CA HIS D 71 -12.64 15.94 -13.33
C HIS D 71 -11.83 15.71 -14.61
N HIS D 72 -11.47 16.80 -15.29
CA HIS D 72 -10.62 16.81 -16.48
C HIS D 72 -11.39 16.39 -17.72
N THR D 73 -12.68 16.11 -17.57
CA THR D 73 -13.50 15.69 -18.71
C THR D 73 -14.76 16.50 -18.84
N LEU D 74 -15.39 16.37 -19.99
CA LEU D 74 -16.70 16.93 -20.22
C LEU D 74 -17.79 15.91 -20.01
N LYS D 75 -18.77 16.21 -19.18
CA LYS D 75 -19.79 15.24 -18.81
C LYS D 75 -21.15 15.78 -19.22
N ALA D 76 -21.98 14.91 -19.77
CA ALA D 76 -23.38 15.24 -19.97
C ALA D 76 -24.19 14.23 -19.19
N SER D 77 -24.77 14.64 -18.08
CA SER D 77 -25.51 13.72 -17.24
C SER D 77 -26.96 13.69 -17.69
N PHE D 78 -27.66 12.63 -17.31
CA PHE D 78 -29.05 12.49 -17.71
C PHE D 78 -29.87 12.00 -16.52
N GLU D 79 -31.16 12.23 -16.58
CA GLU D 79 -32.08 11.67 -15.61
C GLU D 79 -32.24 10.15 -15.87
N PRO D 80 -32.67 9.36 -14.85
CA PRO D 80 -32.70 7.91 -15.08
C PRO D 80 -33.75 7.44 -16.05
N THR D 81 -33.73 7.97 -17.26
CA THR D 81 -34.78 7.64 -18.18
C THR D 81 -34.24 6.70 -19.25
N ASN D 82 -32.92 6.68 -19.43
CA ASN D 82 -32.31 5.83 -20.47
C ASN D 82 -31.58 4.60 -19.93
N HIS D 83 -31.88 3.45 -20.54
CA HIS D 83 -31.46 2.15 -20.03
C HIS D 83 -30.81 1.27 -21.09
N ILE D 84 -29.99 0.33 -20.63
CA ILE D 84 -29.55 -0.81 -21.43
C ILE D 84 -29.90 -2.05 -20.64
N ASN D 85 -30.48 -3.03 -21.31
CA ASN D 85 -30.83 -4.30 -20.66
C ASN D 85 -29.82 -5.39 -20.97
N TYR D 86 -29.22 -5.92 -19.93
CA TYR D 86 -28.18 -6.92 -20.10
C TYR D 86 -28.34 -8.06 -19.10
N ARG D 87 -28.69 -9.24 -19.62
CA ARG D 87 -28.96 -10.40 -18.77
C ARG D 87 -30.07 -10.17 -17.75
N GLY D 88 -31.18 -9.58 -18.19
CA GLY D 88 -32.31 -9.39 -17.32
C GLY D 88 -32.02 -8.32 -16.29
N HIS D 89 -31.07 -7.44 -16.58
CA HIS D 89 -30.75 -6.32 -15.71
C HIS D 89 -30.78 -5.04 -16.51
N ASP D 90 -31.50 -4.06 -16.00
CA ASP D 90 -31.62 -2.78 -16.67
C ASP D 90 -30.46 -1.93 -16.14
N TYR D 91 -29.65 -1.42 -17.04
CA TYR D 91 -28.57 -0.56 -16.60
C TYR D 91 -28.93 0.85 -17.03
N VAL D 92 -29.20 1.70 -16.05
CA VAL D 92 -29.67 3.06 -16.36
C VAL D 92 -28.49 3.95 -16.75
N LEU D 93 -28.66 4.66 -17.87
CA LEU D 93 -27.64 5.58 -18.31
C LEU D 93 -27.62 6.78 -17.38
N ASP D 94 -26.46 7.00 -16.78
CA ASP D 94 -26.28 8.09 -15.85
C ASP D 94 -25.74 9.30 -16.57
N ASN D 95 -24.70 9.08 -17.36
CA ASN D 95 -24.05 10.17 -18.06
C ASN D 95 -23.23 9.67 -19.22
N VAL D 96 -22.87 10.58 -20.10
CA VAL D 96 -21.88 10.31 -21.12
C VAL D 96 -20.76 11.32 -21.06
N HIS D 97 -19.52 10.85 -21.11
CA HIS D 97 -18.40 11.78 -21.04
C HIS D 97 -17.29 11.47 -22.05
N PHE D 98 -16.28 12.32 -22.08
CA PHE D 98 -15.33 12.29 -23.17
C PHE D 98 -13.90 12.12 -22.76
N HIS D 99 -13.17 11.43 -23.62
CA HIS D 99 -11.77 11.22 -23.37
C HIS D 99 -10.95 11.49 -24.60
N ALA D 100 -9.85 12.21 -24.38
CA ALA D 100 -8.93 12.56 -25.44
C ALA D 100 -7.50 12.26 -25.04
N PRO D 101 -6.82 11.41 -25.81
CA PRO D 101 -7.33 10.64 -26.95
C PRO D 101 -8.25 9.51 -26.49
N MET D 102 -8.72 8.70 -27.41
CA MET D 102 -9.52 7.55 -27.01
C MET D 102 -8.73 6.69 -26.04
N GLU D 103 -9.41 6.20 -25.01
CA GLU D 103 -8.71 5.51 -23.92
C GLU D 103 -8.43 4.06 -24.23
N PHE D 104 -9.41 3.34 -24.75
CA PHE D 104 -9.19 1.94 -25.10
C PHE D 104 -8.45 1.80 -26.43
N LEU D 105 -7.63 0.77 -26.53
CA LEU D 105 -6.89 0.48 -27.75
C LEU D 105 -7.37 -0.80 -28.40
N ILE D 106 -7.47 -0.81 -29.71
CA ILE D 106 -7.78 -2.02 -30.44
C ILE D 106 -6.68 -2.45 -31.39
N ASN D 107 -6.02 -3.58 -31.13
CA ASN D 107 -4.97 -4.10 -32.02
C ASN D 107 -3.90 -3.10 -32.40
N ASN D 108 -3.44 -2.39 -31.38
CA ASN D 108 -2.38 -1.38 -31.45
C ASN D 108 -2.88 -0.16 -32.20
N LYS D 109 -4.18 -0.17 -32.52
CA LYS D 109 -4.87 0.94 -33.18
C LYS D 109 -5.83 1.68 -32.24
N THR D 110 -5.96 2.99 -32.38
CA THR D 110 -6.74 3.79 -31.43
C THR D 110 -7.12 5.12 -32.08
N ARG D 111 -8.28 5.65 -31.67
CA ARG D 111 -8.80 6.94 -32.14
C ARG D 111 -8.37 8.10 -31.23
N PRO D 112 -8.36 9.32 -31.77
CA PRO D 112 -7.92 10.53 -31.06
C PRO D 112 -8.87 11.02 -29.98
N LEU D 113 -10.01 10.37 -29.78
CA LEU D 113 -11.00 10.81 -28.79
C LEU D 113 -11.94 9.67 -28.46
N SER D 114 -12.50 9.64 -27.25
CA SER D 114 -13.54 8.66 -26.98
C SER D 114 -14.69 9.23 -26.16
N ALA D 115 -15.78 8.49 -26.13
CA ALA D 115 -16.94 8.82 -25.31
C ALA D 115 -17.37 7.62 -24.49
N HIS D 116 -17.82 7.86 -23.27
CA HIS D 116 -18.20 6.77 -22.39
C HIS D 116 -19.65 6.77 -21.98
N PHE D 117 -20.33 5.66 -22.18
CA PHE D 117 -21.71 5.57 -21.71
C PHE D 117 -21.79 4.85 -20.42
N VAL D 118 -21.98 5.60 -19.36
CA VAL D 118 -21.93 5.07 -18.02
C VAL D 118 -23.31 4.71 -17.48
N HIS D 119 -23.45 3.43 -17.11
CA HIS D 119 -24.69 2.85 -16.58
C HIS D 119 -24.52 2.17 -15.23
N LYS D 120 -25.60 2.08 -14.46
CA LYS D 120 -25.59 1.34 -13.21
C LYS D 120 -26.93 0.64 -13.04
N ASP D 121 -26.95 -0.62 -12.60
CA ASP D 121 -28.23 -1.30 -12.42
C ASP D 121 -28.74 -1.16 -10.99
N ALA D 122 -29.72 -1.98 -10.65
CA ALA D 122 -30.34 -1.96 -9.32
C ALA D 122 -29.35 -2.30 -8.21
N LYS D 123 -28.51 -3.30 -8.43
CA LYS D 123 -27.57 -3.67 -7.39
C LYS D 123 -26.28 -2.86 -7.49
N GLY D 124 -26.25 -1.89 -8.40
CA GLY D 124 -25.11 -1.00 -8.49
C GLY D 124 -23.91 -1.45 -9.31
N ARG D 125 -24.06 -2.52 -10.10
CA ARG D 125 -22.99 -3.01 -10.99
C ARG D 125 -22.92 -2.15 -12.25
N LEU D 126 -21.72 -2.00 -12.79
CA LEU D 126 -21.44 -1.02 -13.83
C LEU D 126 -21.36 -1.60 -15.23
N LEU D 127 -21.95 -0.89 -16.17
CA LEU D 127 -21.85 -1.21 -17.58
C LEU D 127 -21.44 0.05 -18.28
N VAL D 128 -20.26 0.04 -18.87
CA VAL D 128 -19.81 1.24 -19.56
C VAL D 128 -19.53 0.94 -20.99
N LEU D 129 -19.88 1.89 -21.82
CA LEU D 129 -19.73 1.75 -23.24
C LEU D 129 -18.77 2.82 -23.71
N ALA D 130 -17.77 2.40 -24.49
CA ALA D 130 -16.79 3.33 -25.04
C ALA D 130 -16.85 3.29 -26.57
N ILE D 131 -16.85 4.48 -27.20
CA ILE D 131 -16.82 4.56 -28.67
C ILE D 131 -15.92 5.71 -29.15
N GLY D 132 -15.13 5.42 -30.17
CA GLY D 132 -14.20 6.39 -30.73
C GLY D 132 -14.75 7.18 -31.89
N PHE D 133 -14.07 8.26 -32.22
CA PHE D 133 -14.47 9.04 -33.38
C PHE D 133 -13.33 9.11 -34.40
N GLU D 134 -13.70 8.98 -35.67
CA GLU D 134 -12.75 9.15 -36.75
C GLU D 134 -13.20 10.40 -37.47
N GLU D 135 -12.52 11.50 -37.16
CA GLU D 135 -12.86 12.87 -37.59
C GLU D 135 -13.31 13.05 -39.03
N GLY D 136 -14.41 13.77 -39.20
CA GLY D 136 -15.02 13.89 -40.49
C GLY D 136 -16.28 14.73 -40.50
N LYS D 137 -17.38 14.12 -40.88
CA LYS D 137 -18.63 14.85 -41.10
C LYS D 137 -19.22 15.46 -39.84
N GLU D 138 -19.81 16.63 -40.00
CA GLU D 138 -20.58 17.24 -38.93
C GLU D 138 -21.62 16.26 -38.40
N ASN D 139 -21.44 15.86 -37.15
CA ASN D 139 -22.41 15.01 -36.49
C ASN D 139 -23.31 15.90 -35.65
N PRO D 140 -24.61 15.90 -35.96
CA PRO D 140 -25.56 16.75 -35.22
C PRO D 140 -25.73 16.30 -33.77
N ASN D 141 -25.40 15.05 -33.45
CA ASN D 141 -25.64 14.51 -32.11
C ASN D 141 -24.82 15.19 -31.02
N LEU D 142 -23.65 15.68 -31.41
CA LEU D 142 -22.70 16.33 -30.49
C LEU D 142 -23.15 17.73 -30.12
N ASP D 143 -23.89 18.33 -31.05
CA ASP D 143 -24.16 19.74 -30.97
C ASP D 143 -25.09 20.21 -29.84
N PRO D 144 -26.13 19.43 -29.50
CA PRO D 144 -26.98 19.89 -28.38
C PRO D 144 -26.21 20.10 -27.09
N ILE D 145 -25.15 19.32 -26.97
CA ILE D 145 -24.26 19.35 -25.81
C ILE D 145 -23.15 20.38 -25.87
N LEU D 146 -22.60 20.55 -27.06
CA LEU D 146 -21.43 21.40 -27.25
C LEU D 146 -21.76 22.89 -27.11
N GLU D 147 -23.06 23.18 -27.05
CA GLU D 147 -23.55 24.53 -26.75
C GLU D 147 -24.61 24.49 -25.66
N GLY D 148 -24.97 23.31 -25.19
CA GLY D 148 -26.01 23.26 -24.19
C GLY D 148 -25.29 23.20 -22.87
N ILE D 149 -23.99 23.50 -22.94
CA ILE D 149 -23.09 23.69 -21.81
C ILE D 149 -23.00 25.15 -21.46
N GLN D 150 -23.13 25.99 -22.48
CA GLN D 150 -22.97 27.42 -22.34
C GLN D 150 -24.30 27.97 -21.85
N LYS D 151 -25.18 27.03 -21.51
CA LYS D 151 -26.46 27.27 -20.88
C LYS D 151 -26.42 26.78 -19.42
N LYS D 152 -27.55 26.86 -18.75
CA LYS D 152 -27.71 26.36 -17.39
C LYS D 152 -29.15 25.94 -17.19
N GLU D 157 -32.13 18.75 -25.92
CA GLU D 157 -32.40 17.37 -26.32
C GLU D 157 -31.24 16.84 -27.12
N VAL D 158 -30.74 15.67 -26.75
CA VAL D 158 -29.72 15.00 -27.54
C VAL D 158 -30.24 13.69 -28.11
N ALA D 159 -30.07 13.50 -29.42
CA ALA D 159 -30.59 12.32 -30.10
C ALA D 159 -29.75 11.09 -29.78
N LEU D 160 -29.95 10.57 -28.57
CA LEU D 160 -29.25 9.39 -28.09
C LEU D 160 -29.68 8.21 -28.91
N ASP D 161 -30.95 8.23 -29.30
CA ASP D 161 -31.57 7.20 -30.11
C ASP D 161 -30.98 7.07 -31.50
N ALA D 162 -30.24 8.10 -31.90
CA ALA D 162 -29.58 8.19 -33.20
C ALA D 162 -28.07 8.28 -33.03
N PHE D 163 -27.68 8.35 -31.78
CA PHE D 163 -26.31 8.68 -31.42
C PHE D 163 -25.33 7.63 -31.87
N LEU D 164 -25.61 6.38 -31.49
CA LEU D 164 -24.75 5.24 -31.82
C LEU D 164 -25.13 4.64 -33.13
N PRO D 165 -24.20 3.91 -33.76
CA PRO D 165 -24.55 3.14 -34.95
C PRO D 165 -25.57 2.06 -34.61
N LYS D 166 -26.46 1.72 -35.55
CA LYS D 166 -27.44 0.67 -35.30
C LYS D 166 -26.86 -0.73 -35.22
N SER D 167 -25.85 -0.98 -36.04
CA SER D 167 -25.27 -2.31 -36.12
C SER D 167 -23.83 -2.31 -35.65
N ILE D 168 -23.57 -3.08 -34.61
CA ILE D 168 -22.27 -3.07 -33.99
C ILE D 168 -21.60 -4.43 -33.91
N ASN D 169 -20.31 -4.50 -34.23
CA ASN D 169 -19.47 -5.64 -33.87
C ASN D 169 -18.66 -5.12 -32.68
N TYR D 170 -18.64 -5.86 -31.58
CA TYR D 170 -18.08 -5.31 -30.34
C TYR D 170 -17.14 -6.20 -29.59
N TYR D 171 -16.35 -5.59 -28.71
CA TYR D 171 -15.48 -6.32 -27.79
C TYR D 171 -15.94 -6.18 -26.34
N HIS D 172 -16.07 -7.33 -25.68
CA HIS D 172 -16.64 -7.36 -24.34
C HIS D 172 -15.67 -8.03 -23.37
N PHE D 173 -15.49 -7.46 -22.19
CA PHE D 173 -14.57 -7.99 -21.19
C PHE D 173 -14.82 -7.31 -19.84
N ASN D 174 -14.16 -7.80 -18.79
CA ASN D 174 -14.25 -7.16 -17.49
C ASN D 174 -13.01 -6.38 -17.17
N GLY D 175 -13.20 -5.17 -16.70
CA GLY D 175 -12.10 -4.29 -16.37
C GLY D 175 -12.48 -3.37 -15.23
N SER D 176 -11.84 -2.20 -15.23
CA SER D 176 -12.07 -1.19 -14.19
C SER D 176 -12.50 0.15 -14.78
N LEU D 177 -12.89 1.07 -13.90
CA LEU D 177 -13.03 2.45 -14.32
C LEU D 177 -11.65 2.97 -14.67
N THR D 178 -11.62 3.87 -15.63
CA THR D 178 -10.37 4.38 -16.15
C THR D 178 -10.01 5.63 -15.35
N ALA D 179 -10.87 5.96 -14.39
CA ALA D 179 -10.64 7.09 -13.52
C ALA D 179 -10.78 6.69 -12.06
N PRO D 180 -10.08 7.39 -11.16
CA PRO D 180 -10.26 7.10 -9.75
C PRO D 180 -11.74 7.18 -9.41
N PRO D 181 -12.26 6.28 -8.56
CA PRO D 181 -11.51 5.31 -7.76
C PRO D 181 -11.12 4.05 -8.51
N CYS D 182 -11.26 4.04 -9.84
CA CYS D 182 -10.84 2.89 -10.66
C CYS D 182 -11.56 1.65 -10.23
N THR D 183 -12.80 1.79 -9.80
CA THR D 183 -13.58 0.66 -9.37
C THR D 183 -13.63 -0.40 -10.47
N GLU D 184 -13.47 -1.67 -10.11
CA GLU D 184 -13.50 -2.77 -11.06
C GLU D 184 -14.90 -3.34 -11.03
N GLY D 185 -15.14 -4.42 -11.77
CA GLY D 185 -16.49 -4.96 -11.82
C GLY D 185 -17.28 -4.19 -12.83
N VAL D 186 -16.57 -3.61 -13.79
CA VAL D 186 -17.21 -2.90 -14.87
C VAL D 186 -17.35 -3.80 -16.07
N ALA D 187 -18.57 -4.04 -16.52
CA ALA D 187 -18.77 -4.79 -17.74
C ALA D 187 -18.55 -3.82 -18.91
N TRP D 188 -17.43 -4.00 -19.62
CA TRP D 188 -17.07 -3.12 -20.74
C TRP D 188 -17.48 -3.66 -22.11
N PHE D 189 -18.05 -2.79 -22.92
CA PHE D 189 -18.33 -3.13 -24.31
C PHE D 189 -17.70 -2.04 -25.20
N VAL D 190 -16.63 -2.38 -25.88
CA VAL D 190 -15.94 -1.40 -26.71
C VAL D 190 -16.29 -1.63 -28.20
N ILE D 191 -16.85 -0.61 -28.83
CA ILE D 191 -17.31 -0.71 -30.21
C ILE D 191 -16.24 -0.37 -31.24
N GLU D 192 -16.14 -1.23 -32.26
CA GLU D 192 -15.17 -1.13 -33.34
C GLU D 192 -15.52 0.02 -34.31
N GLU D 193 -16.81 0.21 -34.57
CA GLU D 193 -17.33 1.22 -35.52
C GLU D 193 -17.22 2.68 -35.02
N PRO D 194 -16.57 3.56 -35.83
CA PRO D 194 -16.37 4.96 -35.44
C PRO D 194 -17.57 5.87 -35.62
N LEU D 195 -17.79 6.78 -34.67
CA LEU D 195 -18.68 7.85 -34.98
C LEU D 195 -17.79 8.88 -35.66
N GLU D 196 -18.40 9.89 -36.27
CA GLU D 196 -17.65 10.91 -36.98
C GLU D 196 -17.79 12.27 -36.32
N VAL D 197 -16.70 13.03 -36.39
CA VAL D 197 -16.66 14.38 -35.85
C VAL D 197 -15.83 15.37 -36.74
N SER D 198 -16.29 16.60 -36.84
CA SER D 198 -15.54 17.56 -37.64
C SER D 198 -14.32 18.01 -36.86
N ALA D 199 -13.31 18.53 -37.55
CA ALA D 199 -12.08 18.98 -36.88
C ALA D 199 -12.37 20.15 -35.94
N LYS D 200 -13.35 20.96 -36.32
CA LYS D 200 -13.78 22.12 -35.53
C LYS D 200 -14.59 21.75 -34.28
N GLN D 201 -15.46 20.75 -34.36
CA GLN D 201 -16.17 20.29 -33.17
C GLN D 201 -15.23 19.67 -32.17
N LEU D 202 -14.31 18.86 -32.67
CA LEU D 202 -13.38 18.10 -31.84
C LEU D 202 -12.38 19.00 -31.12
N ALA D 203 -11.87 20.01 -31.82
CA ALA D 203 -10.89 20.88 -31.21
C ALA D 203 -11.58 21.64 -30.07
N GLU D 204 -12.78 22.18 -30.33
CA GLU D 204 -13.52 22.88 -29.28
C GLU D 204 -13.67 21.97 -28.06
N ILE D 205 -13.99 20.70 -28.28
CA ILE D 205 -14.14 19.73 -27.19
C ILE D 205 -12.79 19.39 -26.58
N LYS D 206 -11.72 19.55 -27.34
CA LYS D 206 -10.40 19.39 -26.78
C LYS D 206 -10.13 20.59 -25.86
N LYS D 207 -10.65 21.75 -26.24
CA LYS D 207 -10.48 22.97 -25.43
C LYS D 207 -11.37 23.08 -24.21
N ARG D 208 -12.56 22.53 -24.27
CA ARG D 208 -13.39 22.63 -23.09
C ARG D 208 -12.93 21.62 -22.07
N MET D 209 -12.10 20.68 -22.51
CA MET D 209 -11.33 19.81 -21.61
C MET D 209 -9.93 20.42 -21.53
N LYS D 210 -9.89 21.72 -21.79
CA LYS D 210 -8.74 22.64 -21.65
C LYS D 210 -7.47 22.15 -22.36
N ASN D 211 -7.66 21.47 -23.50
CA ASN D 211 -6.57 20.90 -24.31
C ASN D 211 -5.58 20.14 -23.48
N SER D 212 -6.10 19.54 -22.40
CA SER D 212 -5.34 18.67 -21.49
C SER D 212 -5.89 17.24 -21.50
N PRO D 213 -5.09 16.30 -22.04
CA PRO D 213 -5.43 14.88 -22.21
C PRO D 213 -6.01 14.18 -20.98
N ASN D 214 -7.12 13.46 -21.18
CA ASN D 214 -7.74 12.63 -20.15
C ASN D 214 -7.88 11.18 -20.63
N GLN D 215 -6.76 10.60 -21.05
CA GLN D 215 -6.71 9.23 -21.53
C GLN D 215 -5.74 8.40 -20.68
N ARG D 216 -6.26 7.44 -19.92
CA ARG D 216 -5.41 6.57 -19.09
C ARG D 216 -4.59 5.59 -19.93
N PRO D 217 -3.30 5.43 -19.59
CA PRO D 217 -2.41 4.49 -20.27
C PRO D 217 -2.89 3.06 -20.14
N VAL D 218 -2.44 2.22 -21.07
CA VAL D 218 -2.76 0.81 -21.04
C VAL D 218 -2.29 0.22 -19.72
N GLN D 219 -3.14 -0.61 -19.13
CA GLN D 219 -2.85 -1.22 -17.83
C GLN D 219 -2.22 -2.60 -18.05
N PRO D 220 -1.54 -3.17 -17.03
CA PRO D 220 -1.07 -4.56 -17.17
C PRO D 220 -2.25 -5.53 -17.30
N ASP D 221 -2.20 -6.44 -18.27
CA ASP D 221 -3.33 -7.32 -18.52
C ASP D 221 -3.09 -8.71 -17.97
N TYR D 222 -3.96 -9.13 -17.06
CA TYR D 222 -3.87 -10.47 -16.53
C TYR D 222 -4.77 -11.43 -17.29
N ASN D 223 -4.50 -11.52 -18.59
CA ASN D 223 -5.20 -12.41 -19.49
C ASN D 223 -6.69 -12.19 -19.49
N THR D 224 -7.10 -10.94 -19.64
CA THR D 224 -8.50 -10.61 -19.64
C THR D 224 -9.19 -11.42 -20.71
N VAL D 225 -10.31 -12.03 -20.36
CA VAL D 225 -11.08 -12.81 -21.32
C VAL D 225 -12.00 -11.90 -22.12
N ILE D 226 -11.72 -11.77 -23.42
CA ILE D 226 -12.40 -10.82 -24.29
C ILE D 226 -13.14 -11.50 -25.45
N ILE D 227 -14.41 -11.19 -25.66
CA ILE D 227 -15.13 -11.70 -26.83
C ILE D 227 -15.51 -10.64 -27.87
N LYS D 228 -15.48 -11.04 -29.13
CA LYS D 228 -16.01 -10.23 -30.23
C LYS D 228 -17.36 -10.81 -30.65
N SER D 229 -18.35 -9.96 -30.69
CA SER D 229 -19.69 -10.35 -31.08
C SER D 229 -20.37 -9.14 -31.68
N SER D 230 -21.68 -9.21 -31.83
CA SER D 230 -22.42 -8.12 -32.43
C SER D 230 -23.81 -7.90 -31.83
N ALA D 231 -24.39 -6.75 -32.11
CA ALA D 231 -25.72 -6.44 -31.60
C ALA D 231 -26.40 -5.36 -32.44
N GLU D 232 -27.69 -5.16 -32.17
CA GLU D 232 -28.41 -4.09 -32.84
C GLU D 232 -28.87 -3.03 -31.84
N THR D 233 -28.53 -1.77 -32.09
CA THR D 233 -28.86 -0.73 -31.13
C THR D 233 -30.29 -0.20 -31.31
N ARG D 234 -30.65 0.21 -32.51
CA ARG D 234 -32.04 0.61 -32.77
C ARG D 234 -32.79 -0.35 -33.70
N THR E 8 43.62 49.63 59.07
CA THR E 8 42.37 50.23 59.50
C THR E 8 41.29 50.04 58.45
N LYS E 9 41.52 50.54 57.23
CA LYS E 9 40.47 50.62 56.21
C LYS E 9 40.75 49.81 54.93
N TRP E 10 39.93 48.81 54.63
CA TRP E 10 40.16 47.94 53.47
C TRP E 10 39.84 48.61 52.14
N ASP E 11 40.70 48.38 51.16
CA ASP E 11 40.50 48.87 49.80
C ASP E 11 40.88 47.81 48.78
N TYR E 12 40.92 48.20 47.51
CA TYR E 12 41.26 47.28 46.42
C TYR E 12 42.65 47.52 45.82
N LYS E 13 43.51 48.30 46.48
CA LYS E 13 44.83 48.63 45.95
C LYS E 13 45.77 47.46 46.09
N ASN E 14 46.79 47.40 45.24
CA ASN E 14 47.71 46.28 45.24
C ASN E 14 48.65 46.28 46.45
N LYS E 15 48.40 47.19 47.39
CA LYS E 15 49.32 47.48 48.47
C LYS E 15 48.81 47.08 49.84
N GLU E 16 48.75 48.08 50.73
CA GLU E 16 48.64 47.84 52.15
C GLU E 16 47.31 47.29 52.59
N ASN E 17 46.24 47.89 52.09
CA ASN E 17 44.86 47.56 52.48
C ASN E 17 44.10 46.75 51.43
N GLY E 18 44.85 46.19 50.48
CA GLY E 18 44.25 45.49 49.38
C GLY E 18 43.62 44.15 49.69
N PRO E 19 42.96 43.56 48.69
CA PRO E 19 42.18 42.32 48.77
C PRO E 19 43.01 41.15 49.25
N HIS E 20 44.26 41.12 48.81
CA HIS E 20 45.23 40.11 49.17
C HIS E 20 45.55 40.10 50.65
N ARG E 21 45.21 41.19 51.32
CA ARG E 21 45.52 41.39 52.72
C ARG E 21 44.29 41.71 53.56
N TRP E 22 43.11 41.61 52.97
CA TRP E 22 41.87 41.85 53.70
C TRP E 22 41.78 40.99 54.98
N ASP E 23 42.23 39.75 54.86
CA ASP E 23 42.23 38.82 55.97
C ASP E 23 43.03 39.31 57.17
N LYS E 24 44.06 40.10 56.91
CA LYS E 24 44.95 40.57 57.96
C LYS E 24 44.43 41.77 58.73
N LEU E 25 43.63 42.58 58.06
CA LEU E 25 43.16 43.85 58.62
C LEU E 25 42.26 43.69 59.84
N HIS E 26 41.47 42.64 59.86
CA HIS E 26 40.56 42.40 60.97
C HIS E 26 40.33 40.90 61.02
N LYS E 27 40.18 40.36 62.23
CA LYS E 27 39.95 38.95 62.42
C LYS E 27 38.59 38.55 61.86
N ASP E 28 37.69 39.52 61.75
CA ASP E 28 36.37 39.28 61.17
C ASP E 28 36.44 38.92 59.69
N PHE E 29 37.55 39.26 59.07
CA PHE E 29 37.76 39.07 57.65
C PHE E 29 38.57 37.81 57.45
N GLU E 30 38.60 36.96 58.47
CA GLU E 30 39.38 35.74 58.40
C GLU E 30 38.82 34.85 57.29
N VAL E 31 37.50 34.88 57.12
CA VAL E 31 36.86 34.06 56.11
C VAL E 31 37.18 34.57 54.70
N CYS E 32 37.61 35.83 54.58
CA CYS E 32 38.04 36.38 53.29
C CYS E 32 39.17 35.57 52.71
N LYS E 33 39.99 35.00 53.58
CA LYS E 33 41.05 34.12 53.14
C LYS E 33 40.76 32.64 53.46
N SER E 34 40.19 32.37 54.63
CA SER E 34 40.06 30.99 55.09
C SER E 34 38.86 30.23 54.54
N GLY E 35 37.83 30.93 54.08
CA GLY E 35 36.63 30.30 53.57
C GLY E 35 36.82 29.44 52.34
N LYS E 36 35.94 28.47 52.15
CA LYS E 36 36.04 27.56 51.00
C LYS E 36 34.96 27.77 49.94
N SER E 37 34.13 28.78 50.13
CA SER E 37 33.06 29.12 49.22
CA SER E 37 33.08 29.11 49.18
C SER E 37 33.12 30.60 48.86
N GLN E 38 34.32 31.06 48.50
CA GLN E 38 34.60 32.48 48.33
C GLN E 38 34.31 33.02 46.93
N SER E 39 33.75 34.22 46.88
CA SER E 39 33.42 34.91 45.64
C SER E 39 34.27 36.16 45.44
N PRO E 40 34.48 36.60 44.18
CA PRO E 40 33.90 36.05 42.96
C PRO E 40 34.70 34.92 42.36
N ILE E 41 34.14 34.26 41.35
CA ILE E 41 34.87 33.23 40.65
C ILE E 41 34.64 33.40 39.18
N ASN E 42 35.45 32.69 38.39
CA ASN E 42 35.24 32.61 36.96
C ASN E 42 34.45 31.37 36.61
N ILE E 43 33.22 31.60 36.16
CA ILE E 43 32.27 30.54 35.87
C ILE E 43 32.44 29.88 34.51
N GLU E 44 32.98 28.67 34.46
CA GLU E 44 33.15 28.01 33.17
C GLU E 44 32.57 26.58 33.12
N HIS E 45 32.60 25.87 34.25
CA HIS E 45 32.04 24.51 34.31
C HIS E 45 30.76 24.54 35.17
N TYR E 46 29.65 24.14 34.56
CA TYR E 46 28.32 24.21 35.19
C TYR E 46 27.34 23.15 34.68
N TYR E 47 26.17 23.05 35.30
CA TYR E 47 25.17 22.02 34.94
C TYR E 47 23.94 22.63 34.33
N HIS E 48 23.55 22.10 33.17
CA HIS E 48 22.36 22.57 32.48
C HIS E 48 21.08 22.01 33.07
N THR E 49 20.09 22.87 33.20
CA THR E 49 18.77 22.54 33.75
C THR E 49 17.93 23.78 33.58
N GLN E 50 16.62 23.69 33.84
CA GLN E 50 15.75 24.86 33.94
C GLN E 50 14.50 24.75 34.85
N ASP E 51 14.40 23.76 35.73
CA ASP E 51 13.13 23.51 36.41
C ASP E 51 12.68 24.68 37.29
N LYS E 52 13.62 25.17 38.09
CA LYS E 52 13.55 26.43 38.82
C LYS E 52 12.37 27.40 38.75
N LEU E 55 11.51 31.18 40.93
CA LEU E 55 12.11 32.46 41.29
C LEU E 55 11.21 33.60 40.86
N GLN E 56 10.56 34.21 41.84
CA GLN E 56 9.55 35.25 41.63
C GLN E 56 10.00 36.61 42.16
N PHE E 57 9.90 37.63 41.32
CA PHE E 57 10.27 38.98 41.73
C PHE E 57 9.04 39.69 42.25
N LYS E 58 9.19 40.46 43.33
CA LYS E 58 8.10 41.27 43.83
C LYS E 58 8.69 42.64 43.98
N TYR E 59 9.11 43.17 42.84
CA TYR E 59 9.77 44.44 42.73
C TYR E 59 8.76 45.49 42.27
N ALA E 60 8.97 46.72 42.68
CA ALA E 60 8.19 47.82 42.15
C ALA E 60 9.06 49.05 42.10
N ALA E 61 8.58 50.11 41.45
CA ALA E 61 9.27 51.39 41.44
C ALA E 61 9.40 51.93 42.86
N SER E 62 10.61 52.35 43.23
CA SER E 62 10.90 52.68 44.62
C SER E 62 11.75 53.90 44.71
N LYS E 63 11.48 54.74 45.69
CA LYS E 63 12.39 55.85 45.96
C LYS E 63 13.39 55.33 46.93
N PRO E 64 14.67 55.52 46.61
CA PRO E 64 15.75 55.07 47.49
C PRO E 64 15.59 55.66 48.86
N LYS E 65 15.88 54.87 49.88
CA LYS E 65 15.95 55.33 51.24
C LYS E 65 17.13 56.27 51.26
N ALA E 66 18.16 55.89 50.53
CA ALA E 66 19.34 56.72 50.42
C ALA E 66 20.14 56.30 49.20
N VAL E 67 20.88 57.25 48.63
CA VAL E 67 21.86 56.94 47.60
C VAL E 67 23.21 57.48 48.02
N PHE E 68 24.20 56.62 48.27
CA PHE E 68 25.46 57.12 48.80
C PHE E 68 26.67 56.26 48.46
N PHE E 69 27.84 56.91 48.49
CA PHE E 69 29.10 56.23 48.25
C PHE E 69 29.60 55.72 49.56
N THR E 70 29.88 54.44 49.60
CA THR E 70 30.43 53.85 50.78
C THR E 70 31.27 52.67 50.37
N HIS E 71 32.43 52.56 50.97
CA HIS E 71 33.27 51.39 50.75
C HIS E 71 33.47 51.06 49.29
N HIS E 72 33.88 52.07 48.53
CA HIS E 72 34.38 51.87 47.19
C HIS E 72 33.26 51.63 46.16
N THR E 73 32.00 51.70 46.61
CA THR E 73 30.87 51.51 45.70
C THR E 73 29.90 52.67 45.78
N LEU E 74 29.11 52.77 44.73
CA LEU E 74 28.00 53.69 44.71
C LEU E 74 26.79 52.89 45.12
N LYS E 75 26.14 53.29 46.19
CA LYS E 75 25.14 52.41 46.73
C LYS E 75 23.78 53.07 46.95
N ALA E 76 22.73 52.35 46.58
CA ALA E 76 21.38 52.78 46.81
C ALA E 76 20.60 51.82 47.68
N SER E 77 20.16 52.29 48.84
CA SER E 77 19.35 51.49 49.75
C SER E 77 17.88 51.73 49.54
N PHE E 78 17.05 50.76 49.92
CA PHE E 78 15.61 50.88 49.71
C PHE E 78 14.87 50.45 50.97
N GLU E 79 13.65 50.92 51.14
CA GLU E 79 12.78 50.43 52.22
C GLU E 79 12.41 48.97 51.94
N PRO E 80 12.09 48.20 52.99
CA PRO E 80 11.83 46.78 52.82
C PRO E 80 10.54 46.44 52.12
N THR E 81 10.35 46.97 50.93
CA THR E 81 9.10 46.78 50.23
C THR E 81 9.26 45.85 49.05
N ASN E 82 10.51 45.66 48.62
CA ASN E 82 10.80 44.89 47.43
C ASN E 82 11.33 43.51 47.75
N HIS E 83 10.80 42.50 47.06
CA HIS E 83 11.08 41.10 47.37
C HIS E 83 11.45 40.21 46.18
N ILE E 84 12.14 39.12 46.50
CA ILE E 84 12.34 37.98 45.62
C ILE E 84 11.83 36.75 46.34
N ASN E 85 11.06 35.92 45.66
CA ASN E 85 10.65 34.64 46.24
C ASN E 85 11.43 33.50 45.63
N TYR E 86 12.13 32.75 46.47
CA TYR E 86 12.98 31.66 46.06
C TYR E 86 12.86 30.50 47.03
N ARG E 87 12.45 29.34 46.52
CA ARG E 87 12.19 28.18 47.37
C ARG E 87 11.11 28.55 48.35
N GLY E 88 10.13 29.32 47.89
CA GLY E 88 9.00 29.65 48.73
C GLY E 88 9.44 30.51 49.90
N HIS E 89 10.56 31.21 49.74
CA HIS E 89 11.02 32.08 50.82
C HIS E 89 11.28 33.44 50.25
N ASP E 90 10.77 34.45 50.93
CA ASP E 90 10.93 35.81 50.44
C ASP E 90 12.18 36.48 50.93
N TYR E 91 12.95 37.00 49.99
CA TYR E 91 14.16 37.75 50.26
C TYR E 91 13.94 39.23 49.94
N VAL E 92 13.98 40.07 50.97
CA VAL E 92 13.71 41.47 50.76
C VAL E 92 14.94 42.13 50.17
N LEU E 93 14.74 42.94 49.14
CA LEU E 93 15.82 43.68 48.55
C LEU E 93 16.26 44.78 49.50
N ASP E 94 17.54 44.75 49.87
CA ASP E 94 18.15 45.73 50.76
C ASP E 94 18.74 46.93 50.03
N ASN E 95 19.55 46.65 49.00
CA ASN E 95 20.25 47.67 48.24
C ASN E 95 20.73 47.18 46.88
N VAL E 96 21.05 48.12 46.01
CA VAL E 96 21.76 47.81 44.77
C VAL E 96 23.03 48.62 44.76
N HIS E 97 24.17 48.00 44.45
CA HIS E 97 25.41 48.73 44.40
C HIS E 97 26.18 48.25 43.17
N PHE E 98 27.29 48.90 42.87
CA PHE E 98 27.96 48.71 41.62
C PHE E 98 29.40 48.34 41.73
N HIS E 99 29.87 47.59 40.77
CA HIS E 99 31.26 47.23 40.69
C HIS E 99 31.82 47.50 39.31
N ALA E 100 33.01 48.08 39.28
CA ALA E 100 33.73 48.31 38.05
C ALA E 100 35.15 47.89 38.28
N PRO E 101 35.64 46.92 37.52
CA PRO E 101 34.86 46.10 36.60
C PRO E 101 33.95 45.10 37.29
N MET E 102 33.21 44.36 36.49
CA MET E 102 32.40 43.27 36.97
C MET E 102 33.30 42.21 37.61
N GLU E 103 32.81 41.63 38.71
CA GLU E 103 33.56 40.70 39.55
C GLU E 103 33.49 39.25 39.12
N PHE E 104 32.28 38.76 38.85
CA PHE E 104 32.15 37.40 38.36
C PHE E 104 32.46 37.37 36.90
N LEU E 105 33.14 36.34 36.47
CA LEU E 105 33.43 36.17 35.07
C LEU E 105 32.71 34.92 34.60
N ILE E 106 32.14 34.97 33.40
CA ILE E 106 31.53 33.78 32.82
C ILE E 106 32.39 33.36 31.66
N ASN E 107 33.00 32.18 31.77
CA ASN E 107 33.90 31.70 30.74
C ASN E 107 34.91 32.77 30.39
N ASN E 108 35.38 33.46 31.41
CA ASN E 108 36.42 34.47 31.26
C ASN E 108 35.99 35.68 30.46
N LYS E 109 34.69 35.91 30.31
CA LYS E 109 34.31 37.10 29.59
C LYS E 109 34.06 38.20 30.62
N THR E 110 34.46 39.41 30.28
CA THR E 110 34.53 40.50 31.24
C THR E 110 33.57 41.62 30.83
N ARG E 111 32.90 42.21 31.82
CA ARG E 111 32.06 43.36 31.58
C ARG E 111 32.67 44.58 32.24
N PRO E 112 32.43 45.77 31.69
CA PRO E 112 32.99 46.98 32.32
C PRO E 112 32.28 47.40 33.60
N LEU E 113 31.17 46.77 33.93
CA LEU E 113 30.39 47.15 35.09
C LEU E 113 29.46 46.05 35.47
N SER E 114 29.13 45.94 36.76
CA SER E 114 28.07 45.03 37.17
C SER E 114 27.26 45.72 38.25
N ALA E 115 26.10 45.15 38.54
CA ALA E 115 25.27 45.64 39.61
C ALA E 115 24.92 44.47 40.48
N HIS E 116 24.85 44.72 41.78
CA HIS E 116 24.47 43.69 42.73
C HIS E 116 23.18 44.04 43.43
N PHE E 117 22.21 43.13 43.38
CA PHE E 117 20.95 43.29 44.08
C PHE E 117 21.00 42.42 45.30
N VAL E 118 21.23 43.04 46.46
CA VAL E 118 21.49 42.30 47.68
C VAL E 118 20.22 42.06 48.47
N HIS E 119 19.90 40.79 48.71
CA HIS E 119 18.70 40.45 49.45
C HIS E 119 19.03 39.62 50.66
N LYS E 120 18.15 39.72 51.65
CA LYS E 120 18.25 38.97 52.90
C LYS E 120 16.89 38.47 53.31
N ASP E 121 16.77 37.25 53.78
CA ASP E 121 15.44 36.87 54.23
C ASP E 121 15.28 37.19 55.70
N ALA E 122 14.18 36.72 56.28
CA ALA E 122 13.86 37.04 57.65
C ALA E 122 14.93 36.49 58.57
N LYS E 123 15.34 35.26 58.29
CA LYS E 123 16.30 34.56 59.13
C LYS E 123 17.72 34.88 58.72
N GLY E 124 17.87 35.89 57.86
CA GLY E 124 19.17 36.44 57.55
C GLY E 124 20.01 35.77 56.49
N ARG E 125 19.43 34.86 55.74
CA ARG E 125 20.16 34.26 54.66
C ARG E 125 20.18 35.21 53.50
N LEU E 126 21.30 35.20 52.78
CA LEU E 126 21.62 36.19 51.78
C LEU E 126 21.41 35.70 50.37
N LEU E 127 20.78 36.53 49.57
CA LEU E 127 20.61 36.24 48.18
C LEU E 127 21.05 37.47 47.41
N VAL E 128 22.07 37.28 46.58
CA VAL E 128 22.59 38.37 45.82
C VAL E 128 22.49 38.05 44.34
N LEU E 129 22.13 39.07 43.61
CA LEU E 129 21.84 38.99 42.22
C LEU E 129 22.86 39.86 41.50
N ALA E 130 23.57 39.28 40.54
CA ALA E 130 24.57 40.01 39.77
C ALA E 130 24.21 40.02 38.29
N ILE E 131 24.31 41.18 37.68
CA ILE E 131 24.10 41.35 36.25
C ILE E 131 25.14 42.33 35.69
N GLY E 132 25.71 42.00 34.54
CA GLY E 132 26.77 42.83 33.98
C GLY E 132 26.21 43.90 33.08
N PHE E 133 27.02 44.88 32.74
CA PHE E 133 26.62 45.89 31.79
C PHE E 133 27.56 45.90 30.59
N GLU E 134 27.01 46.13 29.41
CA GLU E 134 27.78 46.27 28.17
C GLU E 134 27.58 47.72 27.76
N GLU E 135 28.62 48.37 27.26
CA GLU E 135 28.48 49.74 26.77
C GLU E 135 27.49 49.82 25.60
N GLY E 136 26.58 50.77 25.65
CA GLY E 136 25.58 50.85 24.61
C GLY E 136 24.61 51.99 24.77
N LYS E 137 23.32 51.68 24.75
CA LYS E 137 22.30 52.72 24.81
C LYS E 137 22.25 53.31 26.22
N GLU E 138 21.95 54.59 26.31
CA GLU E 138 21.72 55.27 27.57
C GLU E 138 20.72 54.49 28.40
N ASN E 139 21.09 54.11 29.63
CA ASN E 139 20.16 53.40 30.50
C ASN E 139 19.39 54.33 31.42
N PRO E 140 18.07 54.37 31.28
CA PRO E 140 17.20 55.27 32.06
C PRO E 140 17.09 54.90 33.51
N ASN E 141 17.28 53.62 33.84
CA ASN E 141 17.17 53.19 35.21
C ASN E 141 18.32 53.74 36.04
N LEU E 142 19.42 54.07 35.36
CA LEU E 142 20.58 54.61 36.03
C LEU E 142 20.35 56.04 36.45
N ASP E 143 19.52 56.76 35.73
CA ASP E 143 19.39 58.17 36.01
C ASP E 143 18.80 58.51 37.40
N PRO E 144 17.84 57.73 37.90
CA PRO E 144 17.41 58.02 39.27
C PRO E 144 18.54 57.88 40.26
N ILE E 145 19.50 57.06 39.91
CA ILE E 145 20.64 56.78 40.77
C ILE E 145 21.77 57.80 40.62
N LEU E 146 22.00 58.22 39.39
CA LEU E 146 23.05 59.17 39.05
C LEU E 146 22.66 60.60 39.45
N GLU E 147 21.43 60.78 39.88
CA GLU E 147 21.01 62.11 40.30
C GLU E 147 20.84 62.20 41.80
N GLY E 148 20.88 61.06 42.49
CA GLY E 148 20.56 61.06 43.90
C GLY E 148 21.79 61.02 44.75
N ILE E 149 22.94 60.84 44.10
CA ILE E 149 24.21 60.90 44.79
C ILE E 149 24.47 62.39 45.10
N GLN E 150 23.82 63.27 44.34
CA GLN E 150 23.90 64.70 44.55
C GLN E 150 22.87 65.27 45.54
N LYS E 151 21.85 64.49 45.91
CA LYS E 151 20.81 64.96 46.83
C LYS E 151 20.92 64.31 48.22
N LYS E 152 19.98 64.63 49.12
CA LYS E 152 19.93 64.06 50.49
C LYS E 152 18.51 63.94 51.09
N GLN E 153 17.48 64.19 50.28
CA GLN E 153 16.09 64.10 50.75
C GLN E 153 15.29 63.26 49.77
N ASN E 154 14.32 63.89 49.15
CA ASN E 154 13.52 63.24 48.13
C ASN E 154 14.30 62.69 46.94
N PHE E 155 14.52 61.37 46.95
CA PHE E 155 15.13 60.67 45.82
C PHE E 155 14.11 60.21 44.78
N LYS E 156 14.41 60.40 43.50
CA LYS E 156 13.41 60.01 42.52
C LYS E 156 13.41 58.51 42.36
N GLU E 157 12.23 58.03 42.01
CA GLU E 157 11.94 56.62 41.93
C GLU E 157 12.84 55.87 40.98
N VAL E 158 13.18 54.66 41.39
CA VAL E 158 13.84 53.69 40.53
C VAL E 158 12.86 52.59 40.12
N ALA E 159 12.70 52.40 38.82
CA ALA E 159 11.82 51.38 38.29
C ALA E 159 12.48 50.01 38.41
N LEU E 160 12.45 49.45 39.60
CA LEU E 160 13.08 48.17 39.88
C LEU E 160 12.49 47.03 39.09
N ASP E 161 11.18 47.04 38.90
CA ASP E 161 10.51 46.01 38.13
C ASP E 161 10.85 46.11 36.65
N ALA E 162 11.51 47.17 36.22
CA ALA E 162 11.86 47.34 34.83
C ALA E 162 13.36 47.20 34.59
N PHE E 163 14.11 47.04 35.67
CA PHE E 163 15.57 47.08 35.62
C PHE E 163 16.20 45.91 34.88
N LEU E 164 15.79 44.72 35.26
CA LEU E 164 16.38 43.52 34.72
C LEU E 164 15.69 43.21 33.42
N PRO E 165 16.36 42.45 32.55
CA PRO E 165 15.71 41.98 31.34
C PRO E 165 14.46 41.18 31.67
N LYS E 166 13.50 41.12 30.76
CA LYS E 166 12.29 40.37 31.07
C LYS E 166 12.55 38.87 31.19
N SER E 167 13.45 38.36 30.36
CA SER E 167 13.86 36.96 30.40
C SER E 167 15.34 36.91 30.73
N ILE E 168 15.68 36.19 31.79
CA ILE E 168 17.07 36.11 32.21
C ILE E 168 17.56 34.67 32.27
N ASN E 169 18.78 34.46 31.82
CA ASN E 169 19.51 33.22 32.06
C ASN E 169 20.57 33.41 33.13
N TYR E 170 20.60 32.52 34.10
CA TYR E 170 21.53 32.69 35.21
C TYR E 170 22.22 31.44 35.70
N TYR E 171 23.31 31.70 36.43
CA TYR E 171 24.08 30.69 37.13
C TYR E 171 23.90 30.85 38.65
N HIS E 172 23.57 29.75 39.31
CA HIS E 172 23.23 29.74 40.73
C HIS E 172 24.13 28.80 41.50
N PHE E 173 24.63 29.28 42.62
CA PHE E 173 25.56 28.53 43.41
C PHE E 173 25.64 29.18 44.77
N ASN E 174 26.38 28.55 45.66
CA ASN E 174 26.58 29.05 47.00
C ASN E 174 27.91 29.75 47.03
N GLY E 175 27.94 30.97 47.56
CA GLY E 175 29.18 31.72 47.62
C GLY E 175 29.34 32.61 48.82
N SER E 176 30.14 33.64 48.68
CA SER E 176 30.35 34.53 49.78
C SER E 176 30.05 35.92 49.31
N LEU E 177 30.06 36.87 50.23
CA LEU E 177 30.08 38.25 49.83
C LEU E 177 31.41 38.47 49.19
N THR E 178 31.46 39.41 48.27
CA THR E 178 32.68 39.66 47.52
C THR E 178 33.52 40.72 48.20
N ALA E 179 33.01 41.24 49.32
CA ALA E 179 33.70 42.27 50.08
C ALA E 179 33.71 41.93 51.56
N PRO E 180 34.70 42.45 52.32
CA PRO E 180 34.75 42.19 53.75
C PRO E 180 33.41 42.49 54.43
N PRO E 181 32.97 41.62 55.37
CA PRO E 181 33.65 40.48 55.99
C PRO E 181 33.64 39.19 55.19
N CYS E 182 33.28 39.24 53.92
CA CYS E 182 33.26 38.08 53.02
C CYS E 182 32.36 36.96 53.51
N THR E 183 31.26 37.34 54.16
CA THR E 183 30.32 36.39 54.73
C THR E 183 29.89 35.33 53.74
N GLU E 184 29.87 34.08 54.17
CA GLU E 184 29.47 33.02 53.29
C GLU E 184 28.03 32.64 53.51
N GLY E 185 27.57 31.61 52.80
CA GLY E 185 26.19 31.20 52.84
C GLY E 185 25.33 32.07 51.95
N VAL E 186 25.97 32.67 50.95
CA VAL E 186 25.29 33.54 49.98
C VAL E 186 24.84 32.77 48.75
N ALA E 187 23.55 32.79 48.46
CA ALA E 187 23.04 32.23 47.23
C ALA E 187 23.22 33.23 46.11
N TRP E 188 24.13 32.94 45.18
CA TRP E 188 24.42 33.87 44.10
C TRP E 188 23.58 33.59 42.85
N PHE E 189 23.09 34.65 42.23
CA PHE E 189 22.48 34.49 40.94
C PHE E 189 23.09 35.46 39.95
N VAL E 190 23.94 34.93 39.08
CA VAL E 190 24.62 35.76 38.11
C VAL E 190 23.99 35.58 36.77
N ILE E 191 23.46 36.68 36.24
CA ILE E 191 22.69 36.71 35.01
C ILE E 191 23.58 36.83 33.79
N GLU E 192 23.30 36.02 32.79
CA GLU E 192 24.12 35.97 31.59
C GLU E 192 23.93 37.16 30.67
N GLU E 193 22.69 37.58 30.50
CA GLU E 193 22.34 38.68 29.62
C GLU E 193 22.77 40.03 30.19
N PRO E 194 23.55 40.80 29.41
CA PRO E 194 24.01 42.12 29.79
C PRO E 194 22.97 43.22 29.66
N LEU E 195 22.98 44.16 30.58
CA LEU E 195 22.25 45.39 30.43
C LEU E 195 23.13 46.34 29.65
N GLU E 196 22.60 47.49 29.25
CA GLU E 196 23.36 48.49 28.51
C GLU E 196 23.59 49.75 29.35
N VAL E 197 24.75 50.37 29.17
CA VAL E 197 25.06 51.61 29.84
C VAL E 197 25.82 52.45 28.82
N SER E 198 25.53 53.75 28.73
CA SER E 198 26.26 54.52 27.73
C SER E 198 27.66 54.89 28.20
N ALA E 199 28.51 55.28 27.27
CA ALA E 199 29.90 55.61 27.58
C ALA E 199 29.96 56.77 28.55
N LYS E 200 28.99 57.67 28.43
CA LYS E 200 28.90 58.82 29.30
C LYS E 200 28.49 58.41 30.70
N GLN E 201 27.52 57.51 30.77
CA GLN E 201 27.08 56.97 32.05
C GLN E 201 28.13 56.10 32.70
N LEU E 202 28.91 55.39 31.91
CA LEU E 202 29.95 54.54 32.46
C LEU E 202 31.00 55.35 33.14
N ALA E 203 31.41 56.45 32.50
CA ALA E 203 32.47 57.28 33.05
C ALA E 203 32.00 58.00 34.30
N GLU E 204 30.85 58.65 34.20
CA GLU E 204 30.24 59.37 35.32
C GLU E 204 30.06 58.51 36.55
N ILE E 205 29.65 57.28 36.33
CA ILE E 205 29.42 56.37 37.43
C ILE E 205 30.74 55.91 38.07
N LYS E 206 31.80 55.77 37.29
CA LYS E 206 33.12 55.45 37.82
C LYS E 206 33.65 56.63 38.60
N LYS E 207 33.24 57.82 38.19
CA LYS E 207 33.66 59.03 38.85
C LYS E 207 32.95 59.16 40.17
N ARG E 208 31.74 58.64 40.27
CA ARG E 208 31.10 58.62 41.57
C ARG E 208 31.73 57.53 42.42
N MET E 209 32.37 56.56 41.78
CA MET E 209 33.17 55.61 42.55
C MET E 209 34.63 56.03 42.49
N LYS E 210 34.79 57.34 42.30
CA LYS E 210 36.07 58.03 42.38
C LYS E 210 37.18 57.45 41.48
N ASN E 211 36.79 56.88 40.34
CA ASN E 211 37.69 56.28 39.36
C ASN E 211 38.74 55.30 39.92
N SER E 212 38.35 54.62 40.98
CA SER E 212 39.11 53.53 41.57
C SER E 212 38.33 52.21 41.54
N PRO E 213 38.83 51.23 40.76
CA PRO E 213 38.26 49.89 40.58
C PRO E 213 37.85 49.23 41.88
N ASN E 214 36.64 48.68 41.91
CA ASN E 214 36.21 47.96 43.09
C ASN E 214 35.82 46.54 42.75
N GLN E 215 36.78 45.84 42.15
CA GLN E 215 36.57 44.48 41.69
C GLN E 215 37.49 43.52 42.46
N ARG E 216 36.92 42.64 43.29
CA ARG E 216 37.73 41.65 43.99
C ARG E 216 38.24 40.64 42.99
N PRO E 217 39.53 40.30 43.06
CA PRO E 217 40.08 39.29 42.14
C PRO E 217 39.40 37.94 42.30
N VAL E 218 39.40 37.16 41.23
CA VAL E 218 38.79 35.85 41.29
C VAL E 218 39.48 34.99 42.31
N GLN E 219 38.65 34.33 43.12
CA GLN E 219 39.08 33.49 44.20
C GLN E 219 39.22 32.05 43.75
N PRO E 220 39.95 31.27 44.55
CA PRO E 220 40.05 29.84 44.27
C PRO E 220 38.71 29.19 44.39
N ASP E 221 38.43 28.35 43.41
CA ASP E 221 37.19 27.65 43.29
C ASP E 221 37.41 26.22 43.72
N TYR E 222 36.76 25.83 44.79
CA TYR E 222 36.90 24.48 45.27
C TYR E 222 35.80 23.66 44.68
N ASN E 223 35.78 23.66 43.35
CA ASN E 223 34.80 22.93 42.56
C ASN E 223 33.37 23.29 42.93
N THR E 224 33.08 24.59 42.92
CA THR E 224 31.74 25.05 43.23
C THR E 224 30.75 24.41 42.27
N VAL E 225 29.66 23.90 42.80
CA VAL E 225 28.60 23.35 41.97
C VAL E 225 27.67 24.45 41.46
N ILE E 226 27.67 24.62 40.15
CA ILE E 226 26.93 25.67 39.43
C ILE E 226 25.89 25.11 38.46
N ILE E 227 24.67 25.64 38.50
CA ILE E 227 23.66 25.26 37.53
C ILE E 227 23.37 26.42 36.57
N LYS E 228 23.10 26.12 35.31
CA LYS E 228 22.67 27.18 34.41
C LYS E 228 21.20 27.03 34.17
N SER E 229 20.47 28.11 34.36
CA SER E 229 19.04 28.05 34.20
C SER E 229 18.53 29.37 33.73
N SER E 230 17.22 29.52 33.73
CA SER E 230 16.60 30.73 33.23
C SER E 230 15.31 31.10 33.97
N ALA E 231 14.88 32.33 33.81
CA ALA E 231 13.63 32.76 34.42
C ALA E 231 13.06 33.98 33.75
N GLU E 232 11.85 34.31 34.16
CA GLU E 232 11.15 35.51 33.70
C GLU E 232 11.15 36.50 34.84
N THR E 233 11.52 37.74 34.57
CA THR E 233 11.54 38.70 35.63
C THR E 233 10.16 39.36 35.84
N ARG E 234 9.57 39.93 34.80
CA ARG E 234 8.18 40.41 34.88
C ARG E 234 7.18 39.67 33.94
N TRP F 10 34.93 15.44 72.34
CA TRP F 10 33.63 15.59 71.68
C TRP F 10 32.85 14.29 71.57
N ASP F 11 31.57 14.36 71.91
CA ASP F 11 30.69 13.19 71.85
C ASP F 11 29.34 13.54 71.28
N TYR F 12 28.43 12.59 71.25
CA TYR F 12 27.11 12.89 70.77
C TYR F 12 26.14 12.84 71.93
N LYS F 13 26.69 12.66 73.14
CA LYS F 13 25.82 12.65 74.31
C LYS F 13 25.48 14.12 74.53
N ASN F 14 24.31 14.38 75.10
CA ASN F 14 23.68 15.69 75.00
C ASN F 14 24.22 16.87 75.82
N LYS F 15 25.52 16.86 76.16
CA LYS F 15 26.06 17.93 77.00
C LYS F 15 27.45 18.48 76.63
N GLU F 16 28.27 18.81 77.63
CA GLU F 16 29.47 19.66 77.47
C GLU F 16 30.31 19.34 76.23
N ASN F 17 30.53 18.05 75.95
CA ASN F 17 31.32 17.67 74.78
C ASN F 17 30.41 17.23 73.63
N GLY F 18 29.13 17.56 73.73
CA GLY F 18 28.15 17.20 72.71
C GLY F 18 28.31 18.04 71.45
N PRO F 19 27.59 17.66 70.38
CA PRO F 19 27.72 18.29 69.08
C PRO F 19 27.46 19.79 69.09
N HIS F 20 26.51 20.23 69.91
CA HIS F 20 26.17 21.64 69.98
C HIS F 20 27.31 22.54 70.49
N ARG F 21 28.32 21.94 71.11
CA ARG F 21 29.41 22.73 71.68
C ARG F 21 30.78 22.29 71.19
N TRP F 22 30.80 21.44 70.16
CA TRP F 22 32.04 20.95 69.55
C TRP F 22 32.94 22.11 69.21
N ASP F 23 32.29 23.19 68.79
CA ASP F 23 32.94 24.43 68.45
C ASP F 23 33.72 25.08 69.59
N LYS F 24 33.18 24.98 70.81
CA LYS F 24 33.80 25.59 71.97
C LYS F 24 34.91 24.68 72.46
N LEU F 25 34.81 23.42 72.09
CA LEU F 25 35.75 22.37 72.50
C LEU F 25 37.16 22.61 71.99
N HIS F 26 37.31 23.25 70.86
CA HIS F 26 38.64 23.49 70.31
C HIS F 26 38.60 24.72 69.42
N LYS F 27 39.71 25.43 69.33
CA LYS F 27 39.74 26.64 68.52
C LYS F 27 39.66 26.23 67.02
N ASP F 28 40.23 25.08 66.71
CA ASP F 28 40.19 24.52 65.35
C ASP F 28 38.83 24.00 64.89
N PHE F 29 37.91 23.79 65.81
CA PHE F 29 36.61 23.25 65.46
C PHE F 29 35.66 24.39 65.28
N GLU F 30 36.21 25.59 65.14
CA GLU F 30 35.38 26.78 65.04
C GLU F 30 34.49 26.66 63.82
N VAL F 31 35.01 25.97 62.81
CA VAL F 31 34.32 25.81 61.57
C VAL F 31 33.08 24.95 61.74
N CYS F 32 33.07 24.13 62.78
CA CYS F 32 31.91 23.32 63.08
C CYS F 32 30.68 24.17 63.37
N LYS F 33 30.87 25.37 63.89
CA LYS F 33 29.71 26.24 64.15
C LYS F 33 29.60 27.38 63.14
N SER F 34 30.74 27.96 62.80
CA SER F 34 30.78 29.19 62.04
C SER F 34 30.65 28.97 60.53
N GLY F 35 30.90 27.74 60.07
CA GLY F 35 30.83 27.42 58.65
C GLY F 35 29.43 27.55 58.07
N LYS F 36 29.34 27.87 56.78
CA LYS F 36 28.05 28.09 56.14
C LYS F 36 27.74 26.97 55.16
N SER F 37 28.61 25.97 55.13
CA SER F 37 28.44 24.85 54.21
C SER F 37 28.54 23.58 55.00
N GLN F 38 27.84 23.53 56.12
CA GLN F 38 28.00 22.40 57.01
C GLN F 38 27.14 21.18 56.69
N SER F 39 27.75 20.02 56.83
CA SER F 39 27.06 18.75 56.65
C SER F 39 27.03 18.04 58.00
N PRO F 40 26.01 17.18 58.22
CA PRO F 40 25.01 16.74 57.25
C PRO F 40 23.85 17.69 57.13
N ILE F 41 23.01 17.46 56.13
CA ILE F 41 21.82 18.28 55.93
C ILE F 41 20.63 17.44 55.53
N ASN F 42 19.48 18.08 55.57
CA ASN F 42 18.27 17.46 55.13
C ASN F 42 18.01 17.79 53.68
N ILE F 43 18.06 16.76 52.84
CA ILE F 43 17.89 16.93 51.41
C ILE F 43 16.43 17.11 51.01
N GLU F 44 16.09 18.34 50.65
CA GLU F 44 14.72 18.67 50.28
C GLU F 44 14.64 19.38 48.92
N HIS F 45 15.61 20.25 48.63
CA HIS F 45 15.61 21.04 47.40
C HIS F 45 16.77 20.68 46.46
N TYR F 46 16.44 20.34 45.21
CA TYR F 46 17.45 19.97 44.24
C TYR F 46 17.09 20.33 42.81
N TYR F 47 18.08 20.18 41.93
CA TYR F 47 17.97 20.47 40.50
C TYR F 47 18.27 19.21 39.66
N HIS F 48 17.40 18.90 38.72
CA HIS F 48 17.55 17.76 37.83
C HIS F 48 18.43 18.10 36.64
N THR F 49 19.16 17.15 36.08
CA THR F 49 20.02 17.48 34.94
C THR F 49 20.24 16.30 33.99
N GLN F 50 21.05 16.53 32.96
CA GLN F 50 21.34 15.54 31.92
C GLN F 50 22.08 14.31 32.45
N ASP F 51 22.35 14.35 33.75
CA ASP F 51 23.10 13.39 34.57
C ASP F 51 24.46 12.83 34.11
N LYS F 52 25.51 13.64 34.20
CA LYS F 52 26.86 13.08 34.12
C LYS F 52 27.91 14.13 34.48
N ALA F 53 28.52 13.96 35.64
CA ALA F 53 29.55 14.88 36.10
C ALA F 53 30.92 14.51 35.56
N ASP F 54 30.94 13.70 34.50
CA ASP F 54 32.21 13.24 33.94
C ASP F 54 32.96 12.65 35.13
N LEU F 55 32.36 11.62 35.69
CA LEU F 55 32.75 11.07 36.98
C LEU F 55 32.98 9.57 36.88
N GLN F 56 34.25 9.19 36.81
CA GLN F 56 34.58 7.78 36.60
C GLN F 56 35.37 7.18 37.76
N PHE F 57 34.94 6.01 38.21
CA PHE F 57 35.55 5.29 39.32
C PHE F 57 36.69 4.42 38.83
N LYS F 58 37.74 4.29 39.64
CA LYS F 58 38.79 3.31 39.33
C LYS F 58 39.08 2.42 40.55
N TYR F 59 38.06 1.65 40.91
CA TYR F 59 38.05 0.76 42.08
C TYR F 59 38.31 -0.73 41.82
N ALA F 60 38.83 -1.38 42.86
CA ALA F 60 39.01 -2.81 42.83
C ALA F 60 38.65 -3.38 44.19
N ALA F 61 38.47 -4.69 44.25
CA ALA F 61 38.26 -5.37 45.51
C ALA F 61 39.52 -5.16 46.34
N SER F 62 39.35 -4.77 47.61
CA SER F 62 40.50 -4.38 48.41
C SER F 62 40.47 -4.90 49.83
N LYS F 63 41.65 -5.29 50.32
CA LYS F 63 41.85 -5.68 51.71
C LYS F 63 42.34 -4.47 52.52
N PRO F 64 41.67 -4.18 53.65
CA PRO F 64 42.00 -3.04 54.50
C PRO F 64 43.43 -3.03 55.00
N LYS F 65 44.07 -1.86 55.02
CA LYS F 65 45.33 -1.76 55.74
C LYS F 65 45.04 -2.05 57.19
N ALA F 66 43.93 -1.52 57.67
CA ALA F 66 43.54 -1.74 59.03
C ALA F 66 42.06 -1.49 59.22
N VAL F 67 41.51 -2.18 60.21
CA VAL F 67 40.18 -1.91 60.69
C VAL F 67 40.24 -1.67 62.19
N PHE F 68 39.86 -0.48 62.62
CA PHE F 68 39.97 -0.09 64.03
C PHE F 68 38.94 0.96 64.42
N PHE F 69 38.67 1.02 65.72
CA PHE F 69 37.83 2.05 66.31
C PHE F 69 38.67 3.24 66.73
N THR F 70 38.28 4.41 66.24
CA THR F 70 38.95 5.63 66.61
C THR F 70 37.90 6.72 66.60
N HIS F 71 37.90 7.54 67.64
CA HIS F 71 37.00 8.68 67.72
C HIS F 71 35.55 8.35 67.37
N HIS F 72 34.99 7.30 67.99
CA HIS F 72 33.54 7.05 67.91
C HIS F 72 33.00 6.44 66.60
N THR F 73 33.87 6.16 65.62
CA THR F 73 33.38 5.57 64.36
C THR F 73 34.16 4.32 64.01
N LEU F 74 33.62 3.45 63.16
CA LEU F 74 34.39 2.31 62.68
C LEU F 74 34.94 2.53 61.27
N LYS F 75 36.27 2.50 61.15
CA LYS F 75 36.98 2.95 59.94
C LYS F 75 37.91 1.93 59.30
N ALA F 76 37.94 1.89 57.97
CA ALA F 76 38.90 1.07 57.23
C ALA F 76 39.85 1.88 56.36
N SER F 77 41.14 1.87 56.69
CA SER F 77 42.12 2.64 55.92
C SER F 77 42.69 1.85 54.76
N PHE F 78 43.19 2.55 53.74
CA PHE F 78 43.69 1.89 52.54
C PHE F 78 44.93 2.49 51.89
N GLU F 79 45.56 1.65 51.07
CA GLU F 79 46.60 2.09 50.19
C GLU F 79 46.04 3.10 49.22
N PRO F 80 46.91 3.91 48.62
CA PRO F 80 46.38 4.77 47.57
C PRO F 80 46.02 3.91 46.36
N THR F 81 45.14 2.92 46.58
CA THR F 81 44.84 1.92 45.57
C THR F 81 43.47 2.09 44.92
N ASN F 82 42.55 2.69 45.65
CA ASN F 82 41.24 2.93 45.06
C ASN F 82 41.07 4.41 44.85
N HIS F 83 40.65 4.76 43.65
CA HIS F 83 40.69 6.14 43.21
C HIS F 83 39.36 6.59 42.64
N ILE F 84 39.14 7.91 42.69
CA ILE F 84 38.05 8.53 41.96
C ILE F 84 38.55 9.70 41.12
N ASN F 85 38.12 9.79 39.87
CA ASN F 85 38.46 10.94 39.05
C ASN F 85 37.27 11.90 38.90
N TYR F 86 37.51 13.16 39.26
CA TYR F 86 36.49 14.20 39.21
C TYR F 86 37.10 15.45 38.60
N ARG F 87 36.57 15.84 37.45
CA ARG F 87 37.10 16.95 36.66
C ARG F 87 38.57 16.69 36.30
N GLY F 88 38.88 15.46 35.93
CA GLY F 88 40.20 15.09 35.43
C GLY F 88 41.37 15.09 36.40
N HIS F 89 41.09 15.01 37.70
CA HIS F 89 42.12 14.88 38.73
C HIS F 89 41.72 13.82 39.78
N ASP F 90 42.67 12.96 40.16
CA ASP F 90 42.41 11.79 41.02
C ASP F 90 42.38 12.01 42.55
N TYR F 91 41.28 11.58 43.17
CA TYR F 91 41.09 11.65 44.62
C TYR F 91 41.17 10.24 45.19
N VAL F 92 42.21 9.96 45.99
CA VAL F 92 42.37 8.63 46.53
C VAL F 92 41.44 8.37 47.70
N LEU F 93 40.74 7.24 47.68
CA LEU F 93 39.87 6.90 48.80
C LEU F 93 40.69 6.55 50.04
N ASP F 94 40.42 7.27 51.11
CA ASP F 94 41.12 7.00 52.34
C ASP F 94 40.42 6.00 53.22
N ASN F 95 39.13 6.18 53.42
CA ASN F 95 38.46 5.30 54.36
C ASN F 95 36.98 5.18 54.19
N VAL F 96 36.46 4.13 54.82
CA VAL F 96 35.04 3.94 54.97
C VAL F 96 34.70 3.84 56.43
N HIS F 97 33.74 4.63 56.84
CA HIS F 97 33.35 4.70 58.22
C HIS F 97 31.86 4.74 58.38
N PHE F 98 31.39 4.69 59.61
CA PHE F 98 29.97 4.52 59.81
C PHE F 98 29.37 5.56 60.74
N HIS F 99 28.11 5.90 60.46
CA HIS F 99 27.32 6.81 61.28
C HIS F 99 25.99 6.10 61.50
N ALA F 100 25.48 6.16 62.73
CA ALA F 100 24.20 5.53 63.05
C ALA F 100 23.26 6.43 63.84
N PRO F 101 22.05 6.67 63.28
CA PRO F 101 21.64 6.25 61.93
C PRO F 101 22.33 7.09 60.86
N MET F 102 21.97 6.88 59.60
CA MET F 102 22.49 7.71 58.54
C MET F 102 22.11 9.13 58.93
N GLU F 103 23.06 10.04 58.79
CA GLU F 103 22.89 11.42 59.28
C GLU F 103 22.10 12.25 58.28
N PHE F 104 22.34 12.02 56.99
CA PHE F 104 21.60 12.74 55.98
C PHE F 104 20.20 12.21 55.89
N LEU F 105 19.26 13.11 55.72
CA LEU F 105 17.89 12.72 55.46
C LEU F 105 17.58 13.21 54.07
N ILE F 106 16.89 12.38 53.31
CA ILE F 106 16.44 12.77 52.00
C ILE F 106 14.93 12.93 52.11
N ASN F 107 14.50 14.18 52.00
CA ASN F 107 13.11 14.55 52.22
C ASN F 107 12.62 14.09 53.59
N ASN F 108 13.49 14.34 54.57
CA ASN F 108 13.23 14.12 56.00
C ASN F 108 13.18 12.66 56.38
N LYS F 109 13.55 11.80 55.45
CA LYS F 109 13.55 10.36 55.70
C LYS F 109 14.96 9.85 55.86
N THR F 110 15.19 9.01 56.86
CA THR F 110 16.55 8.55 57.09
C THR F 110 16.62 7.06 57.30
N ARG F 111 17.63 6.46 56.69
CA ARG F 111 17.91 5.04 56.87
C ARG F 111 18.51 4.70 58.23
N PRO F 112 18.52 3.40 58.62
CA PRO F 112 19.18 2.98 59.86
C PRO F 112 20.75 3.05 59.79
N LEU F 113 21.35 3.23 58.61
CA LEU F 113 22.81 3.16 58.51
C LEU F 113 23.35 3.68 57.19
N SER F 114 24.56 4.27 57.21
CA SER F 114 25.30 4.67 56.00
C SER F 114 26.80 4.55 56.17
N ALA F 115 27.52 4.61 55.05
CA ALA F 115 28.98 4.59 55.06
C ALA F 115 29.50 5.78 54.26
N HIS F 116 30.58 6.39 54.72
CA HIS F 116 31.09 7.59 54.08
C HIS F 116 32.49 7.35 53.55
N PHE F 117 32.64 7.57 52.26
CA PHE F 117 33.88 7.30 51.56
C PHE F 117 34.74 8.49 51.33
N VAL F 118 35.82 8.57 52.08
CA VAL F 118 36.61 9.76 52.04
C VAL F 118 37.74 9.69 51.06
N HIS F 119 37.76 10.64 50.15
CA HIS F 119 38.80 10.71 49.15
C HIS F 119 39.46 12.06 49.30
N LYS F 120 40.74 12.09 48.97
CA LYS F 120 41.51 13.31 49.00
C LYS F 120 42.56 13.26 47.93
N ASP F 121 42.77 14.37 47.23
CA ASP F 121 43.86 14.37 46.28
C ASP F 121 45.14 14.91 46.88
N ALA F 122 46.13 15.12 46.02
CA ALA F 122 47.44 15.59 46.42
C ALA F 122 47.39 16.97 47.05
N LYS F 123 46.50 17.81 46.52
CA LYS F 123 46.40 19.20 46.96
C LYS F 123 45.46 19.26 48.14
N GLY F 124 45.09 18.10 48.65
CA GLY F 124 44.35 18.04 49.90
C GLY F 124 42.87 18.30 49.76
N ARG F 125 42.38 18.27 48.53
CA ARG F 125 40.98 18.54 48.29
C ARG F 125 40.12 17.32 48.57
N LEU F 126 38.94 17.56 49.14
CA LEU F 126 38.14 16.51 49.74
C LEU F 126 36.93 16.08 48.92
N LEU F 127 36.74 14.77 48.80
CA LEU F 127 35.55 14.15 48.19
C LEU F 127 34.97 13.01 49.03
N VAL F 128 33.72 13.13 49.46
CA VAL F 128 33.10 12.07 50.25
C VAL F 128 31.84 11.56 49.61
N LEU F 129 31.65 10.25 49.69
CA LEU F 129 30.48 9.64 49.12
C LEU F 129 29.75 8.91 50.25
N ALA F 130 28.44 9.15 50.32
CA ALA F 130 27.57 8.54 51.30
C ALA F 130 26.48 7.69 50.64
N ILE F 131 26.22 6.52 51.19
CA ILE F 131 25.08 5.73 50.74
C ILE F 131 24.41 5.07 51.94
N GLY F 132 23.08 5.07 51.93
CA GLY F 132 22.30 4.57 53.03
C GLY F 132 22.07 3.09 52.92
N PHE F 133 21.60 2.50 54.01
CA PHE F 133 21.28 1.07 54.05
C PHE F 133 19.82 0.79 54.38
N GLU F 134 19.28 -0.28 53.78
CA GLU F 134 17.89 -0.66 54.04
C GLU F 134 17.80 -2.00 54.76
N GLU F 135 16.77 -2.12 55.59
CA GLU F 135 16.50 -3.29 56.42
C GLU F 135 16.44 -4.59 55.62
N GLU F 138 21.51 -9.90 54.88
CA GLU F 138 22.93 -9.91 55.19
C GLU F 138 23.72 -9.43 53.98
N ASN F 139 24.54 -8.41 54.14
CA ASN F 139 25.32 -7.99 53.01
C ASN F 139 26.64 -8.72 53.09
N PRO F 140 26.92 -9.52 52.07
CA PRO F 140 28.19 -10.25 52.09
C PRO F 140 29.37 -9.29 51.97
N ASN F 141 29.15 -8.09 51.44
CA ASN F 141 30.24 -7.15 51.18
C ASN F 141 30.89 -6.71 52.49
N LEU F 142 30.12 -6.73 53.58
CA LEU F 142 30.55 -6.22 54.89
C LEU F 142 31.50 -7.05 55.77
N ASP F 143 31.41 -8.36 55.73
CA ASP F 143 32.14 -9.18 56.70
C ASP F 143 33.71 -9.24 56.61
N PRO F 144 34.34 -8.87 55.48
CA PRO F 144 35.82 -8.78 55.51
C PRO F 144 36.33 -7.83 56.59
N ILE F 145 35.54 -6.83 56.96
CA ILE F 145 35.94 -5.95 58.06
C ILE F 145 35.48 -6.73 59.28
N LEU F 146 34.37 -7.45 59.12
CA LEU F 146 33.92 -8.27 60.24
C LEU F 146 34.92 -9.44 60.38
N GLU F 147 35.96 -9.44 59.54
CA GLU F 147 37.06 -10.38 59.62
C GLU F 147 38.22 -9.60 60.22
N GLY F 148 38.03 -8.29 60.25
CA GLY F 148 39.05 -7.41 60.78
C GLY F 148 38.65 -6.85 62.13
N ILE F 149 37.62 -7.43 62.73
CA ILE F 149 37.20 -6.96 64.04
C ILE F 149 38.20 -7.33 65.18
N GLN F 150 38.85 -8.47 65.05
CA GLN F 150 39.79 -8.89 66.06
C GLN F 150 41.23 -8.97 65.57
N LYS F 151 41.46 -9.05 64.27
CA LYS F 151 42.83 -9.20 63.85
C LYS F 151 43.42 -7.96 63.23
N LYS F 152 44.70 -8.04 62.90
CA LYS F 152 45.43 -6.95 62.27
C LYS F 152 46.51 -7.51 61.35
N ASP F 161 35.05 -3.08 44.96
CA ASP F 161 34.65 -3.14 43.54
C ASP F 161 33.29 -3.82 43.38
N ALA F 162 32.83 -4.44 44.45
CA ALA F 162 31.54 -5.15 44.42
C ALA F 162 30.58 -4.43 45.33
N PHE F 163 31.08 -3.39 45.97
CA PHE F 163 30.37 -2.68 47.00
C PHE F 163 29.18 -1.91 46.50
N LEU F 164 29.41 -1.11 45.48
CA LEU F 164 28.37 -0.25 44.97
C LEU F 164 27.56 -0.95 43.95
N PRO F 165 26.28 -0.55 43.83
CA PRO F 165 25.60 -0.98 42.62
C PRO F 165 26.30 -0.20 41.52
N LYS F 166 26.44 -0.74 40.32
CA LYS F 166 27.00 0.10 39.28
C LYS F 166 25.93 1.12 38.92
N SER F 167 24.73 0.95 39.44
CA SER F 167 23.67 1.87 39.06
C SER F 167 23.45 2.81 40.21
N ILE F 168 23.90 4.05 39.99
CA ILE F 168 23.79 5.04 41.01
C ILE F 168 23.14 6.31 40.51
N ASN F 169 22.19 6.79 41.28
CA ASN F 169 21.73 8.15 41.23
C ASN F 169 22.28 8.82 42.49
N TYR F 170 22.88 9.99 42.34
CA TYR F 170 23.52 10.65 43.45
C TYR F 170 23.16 12.11 43.49
N TYR F 171 23.36 12.73 44.65
CA TYR F 171 23.18 14.16 44.81
C TYR F 171 24.56 14.78 45.01
N HIS F 172 24.89 15.82 44.26
CA HIS F 172 26.24 16.37 44.33
C HIS F 172 26.25 17.82 44.77
N PHE F 173 27.17 18.15 45.67
CA PHE F 173 27.21 19.48 46.24
C PHE F 173 28.49 19.77 47.00
N ASN F 174 28.58 20.99 47.48
CA ASN F 174 29.65 21.42 48.36
C ASN F 174 29.13 21.42 49.79
N GLY F 175 29.89 20.79 50.69
CA GLY F 175 29.52 20.74 52.08
C GLY F 175 30.73 20.71 52.98
N SER F 176 30.54 20.15 54.17
CA SER F 176 31.59 20.02 55.17
C SER F 176 31.73 18.59 55.61
N LEU F 177 32.76 18.31 56.40
CA LEU F 177 32.86 17.02 57.08
C LEU F 177 31.84 16.87 58.19
N THR F 178 31.41 15.64 58.40
CA THR F 178 30.36 15.33 59.36
C THR F 178 30.97 15.07 60.73
N ALA F 179 32.30 15.21 60.77
CA ALA F 179 33.05 15.07 62.00
C ALA F 179 33.99 16.25 62.19
N PRO F 180 34.30 16.60 63.43
CA PRO F 180 35.27 17.67 63.71
C PRO F 180 36.59 17.45 63.00
N PRO F 181 37.19 18.52 62.48
CA PRO F 181 36.81 19.93 62.66
C PRO F 181 35.70 20.43 61.76
N CYS F 182 34.97 19.56 61.08
CA CYS F 182 33.87 19.96 60.19
C CYS F 182 34.31 20.80 59.00
N THR F 183 35.49 20.51 58.46
CA THR F 183 36.07 21.23 57.33
C THR F 183 35.18 21.28 56.09
N GLU F 184 35.13 22.45 55.42
CA GLU F 184 34.32 22.66 54.20
C GLU F 184 35.14 22.55 52.92
N GLY F 185 34.49 22.76 51.77
CA GLY F 185 35.15 22.58 50.50
C GLY F 185 35.18 21.11 50.13
N VAL F 186 34.22 20.37 50.68
CA VAL F 186 34.08 18.95 50.42
C VAL F 186 33.10 18.65 49.31
N ALA F 187 33.56 17.92 48.30
CA ALA F 187 32.66 17.45 47.27
C ALA F 187 31.94 16.19 47.77
N TRP F 188 30.66 16.34 48.08
CA TRP F 188 29.82 15.26 48.60
C TRP F 188 28.97 14.54 47.55
N PHE F 189 28.91 13.23 47.65
CA PHE F 189 27.98 12.45 46.84
C PHE F 189 27.10 11.52 47.64
N VAL F 190 25.82 11.87 47.73
CA VAL F 190 24.83 11.11 48.47
C VAL F 190 23.99 10.31 47.49
N ILE F 191 24.01 8.98 47.61
CA ILE F 191 23.27 8.13 46.68
C ILE F 191 21.86 7.88 47.22
N GLU F 192 20.85 7.99 46.36
CA GLU F 192 19.45 7.86 46.80
C GLU F 192 19.07 6.42 47.15
N GLU F 193 19.47 5.46 46.32
CA GLU F 193 19.19 4.04 46.56
C GLU F 193 20.11 3.40 47.63
N PRO F 194 19.52 2.76 48.65
CA PRO F 194 20.13 2.02 49.76
C PRO F 194 20.60 0.60 49.35
N LEU F 195 21.68 0.09 49.94
CA LEU F 195 22.04 -1.31 49.71
C LEU F 195 21.15 -2.22 50.58
N GLU F 196 21.21 -3.54 50.40
CA GLU F 196 20.37 -4.40 51.25
C GLU F 196 21.18 -5.20 52.26
N VAL F 197 20.85 -4.99 53.54
CA VAL F 197 21.51 -5.62 54.70
C VAL F 197 20.54 -5.91 55.88
N SER F 198 20.73 -7.05 56.57
CA SER F 198 19.84 -7.49 57.68
C SER F 198 19.96 -6.88 59.09
N ALA F 199 18.92 -7.13 59.89
CA ALA F 199 18.75 -6.69 61.29
C ALA F 199 19.77 -7.22 62.31
N LYS F 200 20.32 -8.40 62.09
CA LYS F 200 21.31 -8.96 63.02
C LYS F 200 22.57 -8.12 62.95
N GLN F 201 22.85 -7.64 61.73
CA GLN F 201 23.88 -6.67 61.48
C GLN F 201 23.59 -5.35 62.22
N LEU F 202 22.30 -5.07 62.42
CA LEU F 202 21.82 -3.84 63.07
C LEU F 202 22.29 -3.83 64.52
N ALA F 203 23.18 -4.76 64.81
CA ALA F 203 23.80 -4.91 66.09
C ALA F 203 25.17 -5.50 65.84
N GLU F 204 25.83 -5.90 66.92
CA GLU F 204 27.19 -6.43 66.94
C GLU F 204 28.10 -5.33 66.53
N ILE F 205 27.76 -4.67 65.43
CA ILE F 205 28.50 -3.53 64.94
C ILE F 205 27.88 -2.28 65.64
N LYS F 206 26.61 -2.35 66.06
CA LYS F 206 26.05 -1.27 66.90
C LYS F 206 26.45 -1.29 68.37
N LYS F 207 26.59 -2.46 68.99
CA LYS F 207 27.07 -2.45 70.35
C LYS F 207 28.59 -2.37 70.27
N ARG F 208 29.15 -2.73 69.11
CA ARG F 208 30.56 -2.52 68.86
C ARG F 208 30.72 -1.02 68.74
N MET F 209 29.61 -0.35 68.45
CA MET F 209 29.54 1.09 68.47
C MET F 209 29.00 1.47 69.85
N LYS F 210 29.14 0.55 70.82
CA LYS F 210 28.75 0.82 72.20
C LYS F 210 27.36 1.43 72.33
N ASN F 211 26.50 1.16 71.35
CA ASN F 211 25.16 1.73 71.28
C ASN F 211 25.03 3.21 71.59
N SER F 212 26.05 3.96 71.24
CA SER F 212 25.94 5.40 71.27
C SER F 212 26.12 5.92 69.84
N PRO F 213 25.03 6.49 69.27
CA PRO F 213 24.92 7.08 67.93
C PRO F 213 26.06 8.06 67.56
N ASN F 214 26.61 7.92 66.36
CA ASN F 214 27.65 8.84 65.92
C ASN F 214 27.18 9.59 64.68
N GLN F 215 26.00 10.17 64.79
CA GLN F 215 25.43 10.87 63.67
C GLN F 215 25.34 12.31 64.10
N ARG F 216 26.08 13.15 63.39
CA ARG F 216 26.03 14.56 63.66
C ARG F 216 24.64 14.99 63.26
N PRO F 217 23.98 15.77 64.12
CA PRO F 217 22.64 16.26 63.76
C PRO F 217 22.74 17.12 62.51
N VAL F 218 21.63 17.25 61.80
CA VAL F 218 21.58 18.04 60.59
C VAL F 218 21.98 19.50 60.89
N GLN F 219 22.81 20.06 60.01
CA GLN F 219 23.34 21.40 60.16
C GLN F 219 22.43 22.41 59.45
N PRO F 220 22.58 23.71 59.75
CA PRO F 220 21.76 24.71 59.07
C PRO F 220 21.98 24.72 57.57
N ASP F 221 20.91 24.75 56.79
CA ASP F 221 21.05 24.71 55.34
C ASP F 221 20.81 26.09 54.76
N TYR F 222 21.81 26.62 54.09
CA TYR F 222 21.69 27.93 53.46
C TYR F 222 21.31 27.83 52.00
N ASN F 223 20.17 27.23 51.69
CA ASN F 223 19.76 27.07 50.30
C ASN F 223 20.88 26.46 49.50
N THR F 224 21.37 25.34 50.02
CA THR F 224 22.46 24.61 49.40
C THR F 224 22.04 24.27 47.98
N VAL F 225 22.92 24.54 47.02
CA VAL F 225 22.69 24.17 45.63
C VAL F 225 23.13 22.72 45.34
N ILE F 226 22.14 21.90 45.01
CA ILE F 226 22.28 20.46 44.83
C ILE F 226 21.85 19.95 43.44
N ILE F 227 22.67 19.15 42.76
CA ILE F 227 22.27 18.52 41.49
C ILE F 227 22.07 17.00 41.63
N LYS F 228 21.09 16.45 40.92
CA LYS F 228 20.91 14.99 40.85
C LYS F 228 21.38 14.46 39.50
N SER F 229 22.19 13.43 39.55
CA SER F 229 22.82 12.93 38.35
C SER F 229 23.00 11.42 38.46
N SER F 230 23.70 10.81 37.51
CA SER F 230 23.93 9.38 37.53
C SER F 230 25.26 9.06 36.90
N ALA F 231 25.77 7.89 37.23
CA ALA F 231 27.04 7.45 36.67
C ALA F 231 27.17 5.94 36.82
N GLU F 232 28.22 5.39 36.23
CA GLU F 232 28.55 3.98 36.32
C GLU F 232 29.82 3.75 37.17
N THR F 233 29.74 2.89 38.18
CA THR F 233 30.84 2.68 39.12
C THR F 233 31.92 1.70 38.65
N ARG F 234 31.55 0.49 38.26
CA ARG F 234 32.59 -0.42 37.77
C ARG F 234 32.62 -0.37 36.26
N ASN G 7 -36.06 -8.87 -70.00
CA ASN G 7 -35.94 -9.20 -71.42
C ASN G 7 -35.84 -10.71 -71.65
N THR G 8 -36.72 -11.47 -70.99
CA THR G 8 -36.75 -12.93 -71.09
C THR G 8 -38.12 -13.57 -70.79
N LYS G 9 -38.06 -14.74 -70.13
CA LYS G 9 -39.22 -15.55 -69.78
C LYS G 9 -39.26 -15.71 -68.25
N TRP G 10 -38.08 -15.86 -67.63
CA TRP G 10 -37.94 -16.17 -66.19
C TRP G 10 -38.21 -15.01 -65.22
N ASP G 11 -38.89 -15.32 -64.12
CA ASP G 11 -39.22 -14.31 -63.11
C ASP G 11 -38.91 -14.85 -61.73
N TYR G 12 -39.21 -14.06 -60.69
CA TYR G 12 -38.97 -14.53 -59.35
C TYR G 12 -40.29 -14.93 -58.70
N LYS G 13 -41.35 -15.02 -59.48
CA LYS G 13 -42.65 -15.30 -58.89
C LYS G 13 -42.89 -16.80 -58.65
N ASN G 14 -43.74 -17.10 -57.68
CA ASN G 14 -44.01 -18.47 -57.25
C ASN G 14 -44.85 -19.23 -58.27
N LYS G 15 -44.76 -18.81 -59.52
CA LYS G 15 -45.62 -19.28 -60.59
C LYS G 15 -44.80 -20.22 -61.47
N GLU G 16 -44.82 -19.97 -62.77
CA GLU G 16 -44.32 -20.91 -63.75
C GLU G 16 -42.89 -20.57 -64.08
N ASN G 17 -42.60 -19.27 -64.05
CA ASN G 17 -41.28 -18.78 -64.44
C ASN G 17 -40.37 -18.58 -63.20
N GLY G 18 -40.77 -19.18 -62.10
CA GLY G 18 -40.03 -19.13 -60.85
C GLY G 18 -38.77 -20.00 -60.79
N PRO G 19 -37.97 -19.83 -59.72
CA PRO G 19 -36.67 -20.44 -59.44
C PRO G 19 -36.71 -21.96 -59.40
N HIS G 20 -37.82 -22.48 -58.90
CA HIS G 20 -38.03 -23.92 -58.83
C HIS G 20 -38.02 -24.52 -60.21
N ARG G 21 -38.23 -23.68 -61.21
CA ARG G 21 -38.42 -24.15 -62.57
C ARG G 21 -37.46 -23.53 -63.58
N TRP G 22 -36.53 -22.72 -63.10
CA TRP G 22 -35.59 -22.07 -64.00
C TRP G 22 -34.82 -23.04 -64.87
N ASP G 23 -34.42 -24.15 -64.28
CA ASP G 23 -33.66 -25.16 -65.02
C ASP G 23 -34.48 -25.66 -66.20
N LYS G 24 -35.79 -25.68 -66.01
CA LYS G 24 -36.67 -26.22 -67.01
C LYS G 24 -36.99 -25.22 -68.12
N LEU G 25 -36.86 -23.93 -67.85
CA LEU G 25 -37.21 -22.93 -68.83
C LEU G 25 -36.34 -22.97 -70.08
N HIS G 26 -35.07 -23.29 -69.91
CA HIS G 26 -34.13 -23.23 -71.01
C HIS G 26 -33.07 -24.25 -70.66
N LYS G 27 -32.44 -24.86 -71.65
CA LYS G 27 -31.42 -25.85 -71.33
C LYS G 27 -30.18 -25.19 -70.74
N ASP G 28 -29.99 -23.91 -71.06
CA ASP G 28 -28.91 -23.12 -70.50
C ASP G 28 -29.08 -22.86 -69.00
N PHE G 29 -30.29 -23.06 -68.49
CA PHE G 29 -30.53 -22.83 -67.07
C PHE G 29 -30.51 -24.11 -66.25
N GLU G 30 -30.08 -25.23 -66.82
CA GLU G 30 -30.13 -26.48 -66.09
C GLU G 30 -29.19 -26.40 -64.89
N VAL G 31 -28.11 -25.63 -65.03
CA VAL G 31 -27.13 -25.51 -63.96
C VAL G 31 -27.72 -24.78 -62.76
N CYS G 32 -28.81 -24.05 -62.97
CA CYS G 32 -29.50 -23.45 -61.85
C CYS G 32 -29.92 -24.53 -60.88
N LYS G 33 -30.15 -25.74 -61.40
CA LYS G 33 -30.50 -26.86 -60.55
C LYS G 33 -29.33 -27.83 -60.35
N SER G 34 -28.59 -28.09 -61.42
CA SER G 34 -27.62 -29.17 -61.43
C SER G 34 -26.32 -28.78 -60.76
N GLY G 35 -26.10 -27.48 -60.61
CA GLY G 35 -24.89 -26.98 -59.96
C GLY G 35 -24.68 -27.28 -58.48
N LYS G 36 -23.42 -27.35 -58.08
CA LYS G 36 -23.09 -27.69 -56.70
C LYS G 36 -22.54 -26.50 -55.92
N SER G 37 -22.58 -25.34 -56.55
CA SER G 37 -22.08 -24.13 -55.91
CA SER G 37 -22.07 -24.12 -55.92
C SER G 37 -22.98 -22.95 -56.25
N GLN G 38 -24.27 -23.15 -56.03
CA GLN G 38 -25.29 -22.16 -56.37
C GLN G 38 -25.44 -21.13 -55.27
N SER G 39 -25.60 -19.88 -55.71
CA SER G 39 -25.78 -18.76 -54.82
C SER G 39 -27.19 -18.20 -55.01
N PRO G 40 -27.73 -17.52 -53.98
CA PRO G 40 -27.05 -17.15 -52.74
C PRO G 40 -27.15 -18.23 -51.70
N ILE G 41 -26.40 -18.04 -50.62
CA ILE G 41 -26.46 -18.93 -49.48
C ILE G 41 -26.43 -18.07 -48.22
N ASN G 42 -26.66 -18.69 -47.08
CA ASN G 42 -26.51 -17.99 -45.81
C ASN G 42 -25.12 -18.19 -45.27
N ILE G 43 -24.35 -17.12 -45.19
CA ILE G 43 -22.97 -17.27 -44.74
C ILE G 43 -23.00 -17.45 -43.24
N GLU G 44 -22.87 -18.69 -42.79
CA GLU G 44 -23.03 -19.00 -41.37
C GLU G 44 -21.84 -19.71 -40.81
N HIS G 45 -21.25 -20.59 -41.60
CA HIS G 45 -20.07 -21.31 -41.17
C HIS G 45 -18.92 -20.79 -42.02
N TYR G 46 -17.90 -20.27 -41.36
CA TYR G 46 -16.79 -19.67 -42.07
C TYR G 46 -15.50 -19.74 -41.27
N TYR G 47 -14.39 -19.42 -41.92
CA TYR G 47 -13.08 -19.52 -41.29
C TYR G 47 -12.41 -18.16 -41.20
N HIS G 48 -11.94 -17.80 -40.02
CA HIS G 48 -11.20 -16.56 -39.86
C HIS G 48 -9.78 -16.76 -40.29
N THR G 49 -9.18 -15.70 -40.82
CA THR G 49 -7.80 -15.78 -41.25
C THR G 49 -7.13 -14.43 -41.14
N GLN G 50 -5.81 -14.40 -41.32
CA GLN G 50 -5.07 -13.15 -41.30
C GLN G 50 -4.49 -12.75 -42.65
N ASP G 54 -3.74 -9.26 -51.91
CA ASP G 54 -4.46 -10.28 -52.68
C ASP G 54 -5.58 -9.65 -53.51
N LEU G 55 -6.04 -8.47 -53.08
CA LEU G 55 -7.19 -7.74 -53.63
C LEU G 55 -6.95 -6.22 -53.85
N GLN G 56 -6.76 -5.76 -55.08
CA GLN G 56 -6.44 -4.33 -55.25
C GLN G 56 -7.60 -3.60 -55.93
N PHE G 57 -8.04 -2.49 -55.33
CA PHE G 57 -9.12 -1.71 -55.93
C PHE G 57 -8.63 -0.56 -56.79
N LYS G 58 -9.30 -0.39 -57.93
CA LYS G 58 -9.15 0.80 -58.78
C LYS G 58 -10.48 1.35 -59.23
N TYR G 59 -11.20 1.97 -58.31
CA TYR G 59 -12.45 2.59 -58.66
C TYR G 59 -12.16 4.06 -58.87
N ALA G 60 -12.95 4.70 -59.71
CA ALA G 60 -12.82 6.12 -59.90
C ALA G 60 -14.20 6.69 -60.08
N ALA G 61 -14.31 8.00 -60.01
CA ALA G 61 -15.58 8.62 -60.28
C ALA G 61 -15.94 8.26 -61.71
N SER G 62 -17.14 7.73 -61.91
CA SER G 62 -17.48 7.23 -63.24
C SER G 62 -18.92 7.55 -63.63
N LYS G 63 -19.11 7.93 -64.89
CA LYS G 63 -20.45 8.15 -65.44
C LYS G 63 -21.02 6.89 -66.07
N PRO G 64 -22.23 6.51 -65.66
CA PRO G 64 -22.88 5.30 -66.18
C PRO G 64 -23.07 5.32 -67.69
N LYS G 65 -22.81 4.19 -68.34
CA LYS G 65 -23.16 4.02 -69.73
C LYS G 65 -24.66 4.06 -69.89
N ALA G 66 -25.35 3.44 -68.96
CA ALA G 66 -26.79 3.43 -68.97
C ALA G 66 -27.33 3.08 -67.60
N VAL G 67 -28.50 3.62 -67.29
CA VAL G 67 -29.23 3.25 -66.10
C VAL G 67 -30.58 2.83 -66.61
N PHE G 68 -30.91 1.59 -66.36
CA PHE G 68 -32.12 1.09 -66.93
C PHE G 68 -32.57 -0.06 -66.10
N PHE G 69 -33.84 -0.32 -66.19
CA PHE G 69 -34.42 -1.46 -65.56
C PHE G 69 -34.33 -2.59 -66.57
N THR G 70 -33.76 -3.71 -66.17
CA THR G 70 -33.65 -4.86 -67.05
C THR G 70 -33.72 -6.12 -66.21
N HIS G 71 -34.50 -7.09 -66.67
CA HIS G 71 -34.63 -8.37 -65.99
C HIS G 71 -34.92 -8.19 -64.50
N HIS G 72 -35.85 -7.30 -64.17
CA HIS G 72 -36.31 -7.09 -62.79
C HIS G 72 -35.30 -6.36 -61.91
N THR G 73 -34.19 -5.91 -62.47
CA THR G 73 -33.24 -5.18 -61.66
C THR G 73 -32.94 -3.80 -62.24
N LEU G 74 -32.44 -2.93 -61.38
CA LEU G 74 -31.95 -1.63 -61.82
C LEU G 74 -30.43 -1.67 -61.95
N LYS G 75 -29.94 -1.43 -63.15
CA LYS G 75 -28.55 -1.68 -63.42
C LYS G 75 -27.87 -0.48 -64.06
N ALA G 76 -26.63 -0.23 -63.66
CA ALA G 76 -25.83 0.82 -64.26
C ALA G 76 -24.61 0.23 -64.94
N SER G 77 -24.53 0.37 -66.26
CA SER G 77 -23.42 -0.20 -66.98
C SER G 77 -22.26 0.78 -67.00
N PHE G 78 -21.04 0.29 -67.12
CA PHE G 78 -19.87 1.17 -67.15
C PHE G 78 -18.86 0.74 -68.20
N GLU G 79 -18.07 1.69 -68.66
CA GLU G 79 -16.96 1.40 -69.56
C GLU G 79 -15.94 0.58 -68.82
N PRO G 80 -15.12 -0.19 -69.56
CA PRO G 80 -14.11 -1.06 -68.95
C PRO G 80 -12.97 -0.27 -68.35
N THR G 81 -13.31 0.63 -67.43
CA THR G 81 -12.37 1.58 -66.88
C THR G 81 -11.97 1.20 -65.46
N ASN G 82 -12.82 0.43 -64.80
CA ASN G 82 -12.55 0.08 -63.42
C ASN G 82 -12.17 -1.39 -63.23
N HIS G 83 -11.10 -1.61 -62.49
CA HIS G 83 -10.52 -2.93 -62.37
C HIS G 83 -10.41 -3.34 -60.93
N ILE G 84 -10.43 -4.64 -60.73
CA ILE G 84 -10.03 -5.28 -59.50
C ILE G 84 -9.04 -6.38 -59.87
N ASN G 85 -7.93 -6.47 -59.15
CA ASN G 85 -6.96 -7.55 -59.33
C ASN G 85 -7.04 -8.62 -58.24
N TYR G 86 -7.21 -9.88 -58.65
CA TYR G 86 -7.29 -10.98 -57.70
C TYR G 86 -6.54 -12.25 -58.13
N ARG G 87 -5.51 -12.57 -57.36
CA ARG G 87 -4.64 -13.72 -57.58
C ARG G 87 -3.95 -13.72 -58.94
N GLY G 88 -3.42 -12.56 -59.29
CA GLY G 88 -2.63 -12.28 -60.48
C GLY G 88 -3.33 -12.16 -61.81
N HIS G 89 -4.64 -11.92 -61.79
CA HIS G 89 -5.39 -11.67 -63.02
C HIS G 89 -6.51 -10.63 -62.86
N ASP G 90 -6.60 -9.72 -63.82
CA ASP G 90 -7.44 -8.51 -63.78
C ASP G 90 -8.89 -8.64 -64.22
N TYR G 91 -9.81 -8.26 -63.32
CA TYR G 91 -11.26 -8.28 -63.57
C TYR G 91 -11.81 -6.89 -63.71
N VAL G 92 -12.35 -6.59 -64.88
CA VAL G 92 -12.93 -5.29 -65.17
C VAL G 92 -14.33 -5.12 -64.60
N LEU G 93 -14.61 -3.99 -63.95
CA LEU G 93 -15.96 -3.73 -63.49
C LEU G 93 -16.86 -3.47 -64.67
N ASP G 94 -17.93 -4.25 -64.77
CA ASP G 94 -18.87 -4.07 -65.85
C ASP G 94 -20.04 -3.21 -65.43
N ASN G 95 -20.64 -3.55 -64.29
CA ASN G 95 -21.86 -2.89 -63.87
C ASN G 95 -22.13 -2.99 -62.39
N VAL G 96 -23.09 -2.20 -61.92
CA VAL G 96 -23.59 -2.27 -60.55
CA VAL G 96 -23.59 -2.29 -60.56
C VAL G 96 -25.11 -2.32 -60.54
N HIS G 97 -25.68 -3.34 -59.89
CA HIS G 97 -27.13 -3.47 -59.86
C HIS G 97 -27.59 -3.83 -58.46
N PHE G 98 -28.91 -3.89 -58.28
CA PHE G 98 -29.49 -4.02 -56.95
C PHE G 98 -30.43 -5.19 -56.81
N HIS G 99 -30.51 -5.71 -55.59
CA HIS G 99 -31.45 -6.77 -55.23
C HIS G 99 -32.20 -6.38 -53.96
N ALA G 100 -33.51 -6.59 -53.96
CA ALA G 100 -34.33 -6.32 -52.77
C ALA G 100 -35.25 -7.50 -52.56
N PRO G 101 -35.14 -8.17 -51.40
CA PRO G 101 -34.14 -7.91 -50.36
C PRO G 101 -32.75 -8.35 -50.77
N MET G 102 -31.80 -8.14 -49.86
CA MET G 102 -30.43 -8.60 -50.01
C MET G 102 -30.40 -10.09 -50.21
N GLU G 103 -29.57 -10.58 -51.12
CA GLU G 103 -29.65 -12.00 -51.46
C GLU G 103 -28.87 -12.89 -50.51
N PHE G 104 -27.62 -12.54 -50.24
CA PHE G 104 -26.82 -13.33 -49.30
C PHE G 104 -27.23 -12.96 -47.90
N LEU G 105 -27.27 -13.93 -46.99
CA LEU G 105 -27.46 -13.57 -45.59
C LEU G 105 -26.20 -13.94 -44.85
N ILE G 106 -25.78 -13.03 -44.00
CA ILE G 106 -24.64 -13.29 -43.17
C ILE G 106 -25.20 -13.54 -41.79
N ASN G 107 -25.05 -14.78 -41.37
CA ASN G 107 -25.62 -15.30 -40.14
C ASN G 107 -27.15 -15.04 -40.04
N ASN G 108 -27.84 -15.26 -41.15
CA ASN G 108 -29.32 -15.19 -41.23
C ASN G 108 -29.96 -13.81 -41.09
N LYS G 109 -29.17 -12.76 -41.29
CA LYS G 109 -29.68 -11.40 -41.27
C LYS G 109 -29.99 -10.93 -42.68
N THR G 110 -31.02 -10.11 -42.79
CA THR G 110 -31.51 -9.66 -44.07
C THR G 110 -31.49 -8.13 -44.08
N ARG G 111 -31.02 -7.57 -45.19
CA ARG G 111 -31.07 -6.13 -45.39
C ARG G 111 -32.17 -5.88 -46.37
N PRO G 112 -32.79 -4.71 -46.28
CA PRO G 112 -33.86 -4.43 -47.23
C PRO G 112 -33.27 -4.16 -48.61
N LEU G 113 -31.95 -4.13 -48.67
CA LEU G 113 -31.29 -3.79 -49.92
C LEU G 113 -29.82 -4.19 -50.00
N SER G 114 -29.39 -4.57 -51.20
CA SER G 114 -27.99 -4.80 -51.48
C SER G 114 -27.66 -4.35 -52.90
N ALA G 115 -26.37 -4.22 -53.18
CA ALA G 115 -25.89 -3.89 -54.52
C ALA G 115 -24.80 -4.86 -54.96
N HIS G 116 -24.77 -5.18 -56.25
CA HIS G 116 -23.78 -6.09 -56.79
C HIS G 116 -22.83 -5.43 -57.77
N PHE G 117 -21.54 -5.54 -57.49
CA PHE G 117 -20.50 -5.00 -58.35
C PHE G 117 -19.94 -6.12 -59.19
N VAL G 118 -20.32 -6.16 -60.45
CA VAL G 118 -19.95 -7.27 -61.31
C VAL G 118 -18.69 -6.98 -62.09
N HIS G 119 -17.70 -7.86 -61.97
CA HIS G 119 -16.45 -7.66 -62.67
C HIS G 119 -16.27 -8.84 -63.58
N LYS G 120 -15.61 -8.64 -64.71
CA LYS G 120 -15.47 -9.74 -65.62
C LYS G 120 -14.09 -9.64 -66.24
N ASP G 121 -13.39 -10.75 -66.38
CA ASP G 121 -12.08 -10.73 -67.03
C ASP G 121 -12.18 -11.02 -68.52
N ALA G 122 -11.03 -11.18 -69.17
CA ALA G 122 -10.98 -11.44 -70.61
C ALA G 122 -11.59 -12.78 -70.94
N LYS G 123 -11.30 -13.75 -70.07
CA LYS G 123 -11.67 -15.13 -70.29
C LYS G 123 -13.08 -15.37 -69.80
N GLY G 124 -13.74 -14.29 -69.38
CA GLY G 124 -15.12 -14.33 -68.99
C GLY G 124 -15.33 -14.78 -67.56
N ARG G 125 -14.26 -14.87 -66.78
CA ARG G 125 -14.37 -15.25 -65.37
C ARG G 125 -14.83 -14.09 -64.49
N LEU G 126 -15.62 -14.44 -63.49
CA LEU G 126 -16.39 -13.48 -62.72
C LEU G 126 -15.89 -13.17 -61.33
N LEU G 127 -15.91 -11.88 -61.00
CA LEU G 127 -15.64 -11.45 -59.66
C LEU G 127 -16.79 -10.57 -59.27
N VAL G 128 -17.54 -10.98 -58.27
CA VAL G 128 -18.65 -10.17 -57.83
C VAL G 128 -18.54 -9.84 -56.38
N LEU G 129 -18.88 -8.61 -56.09
CA LEU G 129 -18.77 -8.04 -54.77
C LEU G 129 -20.17 -7.62 -54.35
N ALA G 130 -20.58 -8.06 -53.17
CA ALA G 130 -21.88 -7.69 -52.66
C ALA G 130 -21.70 -6.92 -51.36
N ILE G 131 -22.42 -5.82 -51.22
CA ILE G 131 -22.41 -5.07 -49.98
C ILE G 131 -23.86 -4.69 -49.67
N GLY G 132 -24.25 -4.84 -48.42
CA GLY G 132 -25.64 -4.64 -48.03
C GLY G 132 -25.94 -3.23 -47.65
N PHE G 133 -27.23 -2.92 -47.57
CA PHE G 133 -27.61 -1.57 -47.18
C PHE G 133 -28.43 -1.55 -45.92
N GLU G 134 -28.14 -0.55 -45.11
CA GLU G 134 -28.81 -0.31 -43.86
C GLU G 134 -29.64 0.94 -43.96
N GLU G 135 -30.88 0.86 -43.50
CA GLU G 135 -31.79 1.99 -43.54
C GLU G 135 -31.22 3.07 -42.63
N GLY G 136 -31.09 4.30 -43.15
CA GLY G 136 -30.49 5.36 -42.39
C GLY G 136 -30.31 6.66 -43.14
N LYS G 137 -29.05 7.10 -43.19
CA LYS G 137 -28.64 8.33 -43.84
C LYS G 137 -28.73 8.27 -45.35
N GLU G 138 -29.17 9.35 -45.99
CA GLU G 138 -29.09 9.44 -47.44
C GLU G 138 -27.67 9.17 -47.89
N ASN G 139 -27.49 8.19 -48.76
CA ASN G 139 -26.15 7.97 -49.25
C ASN G 139 -25.99 8.82 -50.48
N PRO G 140 -25.02 9.74 -50.46
CA PRO G 140 -24.83 10.65 -51.59
C PRO G 140 -24.36 9.88 -52.81
N ASN G 141 -23.75 8.73 -52.58
CA ASN G 141 -23.21 7.92 -53.67
C ASN G 141 -24.33 7.43 -54.54
N LEU G 142 -25.50 7.30 -53.95
CA LEU G 142 -26.70 6.79 -54.60
C LEU G 142 -27.38 7.76 -55.54
N ASP G 143 -27.28 9.06 -55.28
CA ASP G 143 -28.09 10.02 -56.01
C ASP G 143 -27.85 10.12 -57.50
N PRO G 144 -26.60 9.93 -57.97
CA PRO G 144 -26.42 9.92 -59.43
C PRO G 144 -27.24 8.82 -60.09
N ILE G 145 -27.47 7.75 -59.33
CA ILE G 145 -28.22 6.59 -59.79
C ILE G 145 -29.71 6.81 -59.66
N LEU G 146 -30.11 7.47 -58.58
CA LEU G 146 -31.52 7.73 -58.40
C LEU G 146 -32.00 8.81 -59.35
N GLU G 147 -31.20 9.22 -60.32
CA GLU G 147 -31.66 10.13 -61.35
C GLU G 147 -31.56 9.48 -62.72
N GLY G 148 -31.10 8.23 -62.73
CA GLY G 148 -30.86 7.51 -63.96
C GLY G 148 -32.10 6.90 -64.56
N ILE G 149 -33.12 6.69 -63.74
CA ILE G 149 -34.39 6.17 -64.23
C ILE G 149 -35.38 7.34 -64.25
N GLN G 150 -34.84 8.51 -63.98
CA GLN G 150 -35.59 9.77 -63.97
C GLN G 150 -35.10 10.61 -65.14
N LYS G 151 -33.83 10.49 -65.45
CA LYS G 151 -33.26 11.04 -66.68
C LYS G 151 -32.77 9.83 -67.45
N LYS G 152 -32.32 10.01 -68.69
CA LYS G 152 -31.92 8.86 -69.49
C LYS G 152 -30.89 9.07 -70.60
N GLN G 153 -30.10 10.14 -70.55
CA GLN G 153 -29.03 10.26 -71.55
C GLN G 153 -27.73 10.84 -71.00
N ASN G 154 -27.74 12.06 -70.50
CA ASN G 154 -26.49 12.58 -69.97
C ASN G 154 -26.43 12.40 -68.46
N PHE G 155 -25.63 11.42 -68.06
CA PHE G 155 -25.39 11.05 -66.67
C PHE G 155 -24.24 11.69 -65.88
N LYS G 156 -24.55 11.97 -64.62
CA LYS G 156 -23.68 12.59 -63.63
C LYS G 156 -22.67 11.62 -62.96
N GLU G 157 -21.53 12.16 -62.51
CA GLU G 157 -20.45 11.33 -61.94
C GLU G 157 -20.82 10.51 -60.70
N VAL G 158 -20.41 9.24 -60.67
CA VAL G 158 -20.54 8.45 -59.45
C VAL G 158 -19.20 8.13 -58.84
N ALA G 159 -19.05 8.46 -57.57
CA ALA G 159 -17.81 8.24 -56.88
C ALA G 159 -17.65 6.75 -56.56
N LEU G 160 -17.23 5.99 -57.56
CA LEU G 160 -17.01 4.57 -57.36
C LEU G 160 -15.89 4.36 -56.36
N ASP G 161 -14.88 5.21 -56.46
CA ASP G 161 -13.73 5.20 -55.57
C ASP G 161 -14.09 5.63 -54.17
N ALA G 162 -15.25 6.24 -54.02
CA ALA G 162 -15.68 6.75 -52.73
C ALA G 162 -16.87 5.96 -52.25
N PHE G 163 -17.32 5.05 -53.09
CA PHE G 163 -18.56 4.34 -52.84
C PHE G 163 -18.51 3.39 -51.65
N LEU G 164 -17.51 2.52 -51.66
CA LEU G 164 -17.37 1.49 -50.64
C LEU G 164 -16.59 2.01 -49.46
N PRO G 165 -16.75 1.38 -48.29
CA PRO G 165 -15.92 1.76 -47.15
C PRO G 165 -14.45 1.54 -47.47
N LYS G 166 -13.57 2.31 -46.83
CA LYS G 166 -12.14 2.17 -47.04
C LYS G 166 -11.61 0.87 -46.50
N SER G 167 -12.15 0.48 -45.35
CA SER G 167 -11.72 -0.75 -44.68
C SER G 167 -12.89 -1.68 -44.60
N ILE G 168 -12.74 -2.85 -45.23
CA ILE G 168 -13.85 -3.78 -45.30
C ILE G 168 -13.52 -5.14 -44.71
N ASN G 169 -14.48 -5.71 -44.00
CA ASN G 169 -14.48 -7.13 -43.65
C ASN G 169 -15.46 -7.86 -44.55
N TYR G 170 -15.01 -8.96 -45.15
CA TYR G 170 -15.87 -9.67 -46.10
C TYR G 170 -15.83 -11.18 -45.92
N TYR G 171 -16.84 -11.85 -46.46
CA TYR G 171 -16.87 -13.30 -46.54
C TYR G 171 -16.69 -13.68 -47.97
N HIS G 172 -15.73 -14.54 -48.22
CA HIS G 172 -15.32 -14.87 -49.57
C HIS G 172 -15.42 -16.35 -49.82
N PHE G 173 -15.94 -16.70 -51.00
CA PHE G 173 -16.19 -18.08 -51.39
C PHE G 173 -16.41 -18.18 -52.87
N ASN G 174 -16.52 -19.40 -53.39
CA ASN G 174 -16.87 -19.61 -54.79
C ASN G 174 -18.32 -20.05 -54.94
N GLY G 175 -19.04 -19.38 -55.84
CA GLY G 175 -20.45 -19.66 -56.04
C GLY G 175 -20.83 -19.44 -57.46
N SER G 176 -22.10 -19.09 -57.66
CA SER G 176 -22.66 -18.84 -58.98
C SER G 176 -23.31 -17.47 -59.05
N LEU G 177 -23.69 -17.06 -60.26
CA LEU G 177 -24.53 -15.89 -60.44
C LEU G 177 -25.89 -16.18 -59.80
N THR G 178 -26.54 -15.16 -59.25
CA THR G 178 -27.76 -15.39 -58.52
C THR G 178 -28.97 -15.27 -59.44
N ALA G 179 -28.68 -15.02 -60.70
CA ALA G 179 -29.69 -14.91 -61.74
C ALA G 179 -29.31 -15.81 -62.91
N PRO G 180 -30.30 -16.26 -63.68
CA PRO G 180 -29.98 -17.07 -64.87
C PRO G 180 -28.96 -16.36 -65.76
N PRO G 181 -28.01 -17.08 -66.36
CA PRO G 181 -27.88 -18.54 -66.47
C PRO G 181 -27.27 -19.26 -65.26
N CYS G 182 -27.09 -18.55 -64.16
CA CYS G 182 -26.56 -19.11 -62.93
C CYS G 182 -25.16 -19.69 -63.06
N THR G 183 -24.37 -19.09 -63.93
CA THR G 183 -23.01 -19.54 -64.20
C THR G 183 -22.19 -19.62 -62.90
N GLU G 184 -21.45 -20.71 -62.68
CA GLU G 184 -20.65 -20.86 -61.46
C GLU G 184 -19.19 -20.45 -61.68
N GLY G 185 -18.35 -20.58 -60.67
CA GLY G 185 -16.97 -20.15 -60.80
C GLY G 185 -16.87 -18.65 -60.62
N VAL G 186 -17.88 -18.12 -59.94
CA VAL G 186 -17.97 -16.70 -59.67
C VAL G 186 -17.29 -16.44 -58.34
N ALA G 187 -16.30 -15.56 -58.34
CA ALA G 187 -15.66 -15.19 -57.09
C ALA G 187 -16.48 -14.16 -56.37
N TRP G 188 -17.10 -14.57 -55.26
CA TRP G 188 -17.91 -13.68 -54.43
C TRP G 188 -17.16 -13.09 -53.25
N PHE G 189 -17.39 -11.80 -53.03
CA PHE G 189 -16.92 -11.15 -51.84
C PHE G 189 -18.09 -10.43 -51.23
N VAL G 190 -18.57 -10.91 -50.09
CA VAL G 190 -19.72 -10.30 -49.44
C VAL G 190 -19.31 -9.45 -48.22
N ILE G 191 -19.63 -8.17 -48.23
CA ILE G 191 -19.15 -7.23 -47.22
C ILE G 191 -19.95 -7.16 -45.93
N GLU G 192 -19.25 -7.19 -44.80
CA GLU G 192 -19.86 -7.15 -43.48
C GLU G 192 -20.45 -5.78 -43.21
N GLU G 193 -19.65 -4.76 -43.53
CA GLU G 193 -20.04 -3.40 -43.25
C GLU G 193 -21.12 -2.94 -44.17
N PRO G 194 -22.29 -2.60 -43.61
CA PRO G 194 -23.37 -2.06 -44.43
C PRO G 194 -23.17 -0.57 -44.73
N LEU G 195 -23.48 -0.19 -45.95
CA LEU G 195 -23.53 1.20 -46.32
C LEU G 195 -24.88 1.75 -45.89
N GLU G 196 -25.09 3.03 -46.13
CA GLU G 196 -26.31 3.70 -45.70
C GLU G 196 -27.27 4.06 -46.83
N VAL G 197 -28.56 3.94 -46.56
CA VAL G 197 -29.57 4.41 -47.49
C VAL G 197 -30.75 5.01 -46.71
N SER G 198 -31.23 6.17 -47.14
CA SER G 198 -32.36 6.80 -46.48
C SER G 198 -33.67 6.20 -46.94
N ALA G 199 -34.73 6.44 -46.18
CA ALA G 199 -36.05 5.90 -46.49
C ALA G 199 -36.60 6.38 -47.83
N LYS G 200 -36.27 7.61 -48.21
CA LYS G 200 -36.71 8.14 -49.49
C LYS G 200 -35.95 7.49 -50.61
N GLN G 201 -34.64 7.32 -50.41
CA GLN G 201 -33.84 6.65 -51.39
C GLN G 201 -34.22 5.18 -51.50
N LEU G 202 -34.53 4.56 -50.37
CA LEU G 202 -34.85 3.14 -50.29
C LEU G 202 -36.17 2.77 -50.98
N ALA G 203 -37.21 3.55 -50.75
CA ALA G 203 -38.50 3.22 -51.36
C ALA G 203 -38.37 3.45 -52.84
N GLU G 204 -37.83 4.60 -53.18
CA GLU G 204 -37.64 4.98 -54.58
C GLU G 204 -36.90 3.95 -55.42
N ILE G 205 -35.79 3.42 -54.94
CA ILE G 205 -35.09 2.32 -55.60
CA ILE G 205 -35.14 2.39 -55.72
C ILE G 205 -36.04 1.15 -55.77
N LYS G 206 -36.78 0.87 -54.71
CA LYS G 206 -37.71 -0.25 -54.69
C LYS G 206 -38.84 0.04 -55.67
N LYS G 207 -39.11 1.32 -55.89
CA LYS G 207 -40.16 1.71 -56.81
C LYS G 207 -39.72 1.48 -58.26
N ARG G 208 -38.44 1.69 -58.52
CA ARG G 208 -37.89 1.45 -59.84
C ARG G 208 -37.65 0.01 -60.22
N MET G 209 -37.69 -0.89 -59.25
CA MET G 209 -37.70 -2.31 -59.53
C MET G 209 -39.13 -2.86 -59.57
N LYS G 210 -40.05 -1.99 -59.96
CA LYS G 210 -41.47 -2.33 -60.12
C LYS G 210 -42.07 -2.93 -58.86
N ASN G 211 -41.51 -2.50 -57.71
CA ASN G 211 -41.95 -2.93 -56.39
C ASN G 211 -42.16 -4.44 -56.28
N SER G 212 -41.36 -5.17 -57.04
CA SER G 212 -41.33 -6.62 -56.97
C SER G 212 -39.92 -7.06 -56.54
N PRO G 213 -39.81 -7.73 -55.39
CA PRO G 213 -38.55 -8.25 -54.86
C PRO G 213 -37.72 -9.04 -55.88
N ASN G 214 -36.44 -8.74 -56.01
CA ASN G 214 -35.61 -9.47 -56.94
C ASN G 214 -34.47 -10.20 -56.25
N GLN G 215 -34.84 -11.05 -55.31
CA GLN G 215 -33.88 -11.76 -54.51
C GLN G 215 -34.03 -13.25 -54.73
N ARG G 216 -33.03 -13.88 -55.32
CA ARG G 216 -33.07 -15.32 -55.47
C ARG G 216 -32.98 -15.95 -54.10
N PRO G 217 -33.84 -16.92 -53.83
CA PRO G 217 -33.79 -17.60 -52.53
C PRO G 217 -32.45 -18.30 -52.27
N VAL G 218 -32.16 -18.53 -50.99
CA VAL G 218 -30.96 -19.22 -50.56
C VAL G 218 -30.86 -20.60 -51.17
N GLN G 219 -29.68 -20.93 -51.69
CA GLN G 219 -29.43 -22.18 -52.38
C GLN G 219 -28.85 -23.28 -51.50
N PRO G 220 -28.91 -24.53 -51.98
CA PRO G 220 -28.30 -25.66 -51.28
C PRO G 220 -26.78 -25.51 -51.11
N ASP G 221 -26.29 -25.79 -49.90
CA ASP G 221 -24.88 -25.63 -49.60
C ASP G 221 -24.14 -26.97 -49.48
N TYR G 222 -23.19 -27.17 -50.37
CA TYR G 222 -22.35 -28.38 -50.36
C TYR G 222 -21.04 -28.08 -49.67
N ASN G 223 -21.13 -27.70 -48.39
CA ASN G 223 -19.96 -27.35 -47.58
C ASN G 223 -19.14 -26.26 -48.21
N THR G 224 -19.78 -25.19 -48.63
CA THR G 224 -19.04 -24.10 -49.25
C THR G 224 -17.99 -23.61 -48.26
N VAL G 225 -16.75 -23.51 -48.71
CA VAL G 225 -15.67 -23.00 -47.88
C VAL G 225 -15.63 -21.48 -47.91
N ILE G 226 -15.90 -20.85 -46.77
CA ILE G 226 -15.99 -19.40 -46.66
C ILE G 226 -14.93 -18.85 -45.73
N ILE G 227 -14.23 -17.83 -46.19
CA ILE G 227 -13.28 -17.16 -45.34
C ILE G 227 -13.78 -15.76 -44.99
N LYS G 228 -13.49 -15.31 -43.76
CA LYS G 228 -13.75 -13.93 -43.39
C LYS G 228 -12.42 -13.21 -43.41
N SER G 229 -12.36 -12.09 -44.10
CA SER G 229 -11.10 -11.36 -44.22
C SER G 229 -11.30 -9.85 -44.41
N SER G 230 -10.24 -9.16 -44.79
CA SER G 230 -10.31 -7.71 -44.93
C SER G 230 -9.44 -7.14 -46.06
N ALA G 231 -9.70 -5.88 -46.40
CA ALA G 231 -8.89 -5.18 -47.38
C ALA G 231 -9.04 -3.68 -47.28
N GLU G 232 -8.19 -2.97 -48.01
CA GLU G 232 -8.26 -1.52 -48.15
C GLU G 232 -8.73 -1.23 -49.57
N THR G 233 -9.80 -0.47 -49.72
CA THR G 233 -10.31 -0.23 -51.05
C THR G 233 -9.61 0.94 -51.71
N ARG G 234 -9.66 2.08 -51.05
CA ARG G 234 -8.98 3.28 -51.47
C ARG G 234 -7.80 3.59 -50.54
N TRP H 10 -12.92 -44.46 -70.74
CA TRP H 10 -12.02 -43.35 -70.40
C TRP H 10 -10.73 -43.86 -69.79
N ASP H 11 -9.64 -43.27 -70.23
CA ASP H 11 -8.33 -43.63 -69.73
C ASP H 11 -7.55 -42.36 -69.42
N TYR H 12 -6.29 -42.52 -69.03
CA TYR H 12 -5.44 -41.38 -68.72
C TYR H 12 -4.42 -41.14 -69.80
N LYS H 13 -4.59 -41.81 -70.94
CA LYS H 13 -3.60 -41.73 -71.99
C LYS H 13 -3.68 -40.42 -72.78
N ASN H 14 -2.56 -40.06 -73.39
CA ASN H 14 -2.42 -38.82 -74.14
C ASN H 14 -3.21 -38.87 -75.43
N LYS H 15 -4.06 -39.89 -75.56
CA LYS H 15 -4.63 -40.19 -76.86
C LYS H 15 -6.11 -39.85 -76.90
N GLU H 16 -6.89 -40.71 -77.54
CA GLU H 16 -8.25 -40.34 -77.92
C GLU H 16 -9.19 -40.35 -76.72
N ASN H 17 -8.95 -41.29 -75.82
CA ASN H 17 -9.84 -41.51 -74.68
C ASN H 17 -9.34 -40.76 -73.48
N GLY H 18 -8.40 -39.85 -73.72
CA GLY H 18 -7.74 -39.16 -72.66
C GLY H 18 -8.52 -38.12 -71.92
N PRO H 19 -7.94 -37.64 -70.82
CA PRO H 19 -8.52 -36.70 -69.87
C PRO H 19 -8.91 -35.43 -70.57
N HIS H 20 -8.07 -35.03 -71.53
CA HIS H 20 -8.32 -33.84 -72.33
C HIS H 20 -9.57 -34.00 -73.17
N ARG H 21 -10.05 -35.22 -73.29
CA ARG H 21 -11.21 -35.50 -74.11
C ARG H 21 -12.32 -36.23 -73.33
N TRP H 22 -12.17 -36.38 -72.02
CA TRP H 22 -13.14 -37.09 -71.19
C TRP H 22 -14.58 -36.61 -71.33
N ASP H 23 -14.74 -35.31 -71.48
CA ASP H 23 -16.04 -34.67 -71.62
C ASP H 23 -16.82 -35.14 -72.84
N LYS H 24 -16.08 -35.52 -73.87
CA LYS H 24 -16.63 -35.95 -75.14
C LYS H 24 -17.06 -37.42 -75.17
N LEU H 25 -16.47 -38.27 -74.33
CA LEU H 25 -16.82 -39.69 -74.36
C LEU H 25 -18.26 -39.97 -73.97
N HIS H 26 -18.84 -39.18 -73.08
CA HIS H 26 -20.19 -39.45 -72.63
C HIS H 26 -20.79 -38.12 -72.23
N LYS H 27 -22.10 -37.96 -72.38
CA LYS H 27 -22.72 -36.71 -71.96
C LYS H 27 -22.68 -36.62 -70.42
N ASP H 28 -22.57 -37.78 -69.78
CA ASP H 28 -22.46 -37.80 -68.32
C ASP H 28 -21.22 -37.08 -67.86
N PHE H 29 -20.23 -36.97 -68.74
CA PHE H 29 -18.93 -36.41 -68.41
C PHE H 29 -18.74 -34.95 -68.83
N GLU H 30 -19.78 -34.23 -69.21
CA GLU H 30 -19.58 -32.86 -69.67
C GLU H 30 -19.00 -31.99 -68.54
N VAL H 31 -19.25 -32.38 -67.28
CA VAL H 31 -18.76 -31.60 -66.13
C VAL H 31 -17.24 -31.63 -66.03
N CYS H 32 -16.62 -32.67 -66.58
CA CYS H 32 -15.15 -32.75 -66.62
C CYS H 32 -14.56 -31.55 -67.34
N LYS H 33 -15.31 -30.99 -68.30
CA LYS H 33 -14.90 -29.79 -69.01
C LYS H 33 -15.67 -28.57 -68.52
N SER H 34 -16.97 -28.75 -68.30
CA SER H 34 -17.83 -27.62 -68.02
C SER H 34 -17.79 -27.17 -66.56
N GLY H 35 -17.46 -28.08 -65.66
CA GLY H 35 -17.44 -27.72 -64.25
C GLY H 35 -16.41 -26.64 -63.98
N LYS H 36 -16.69 -25.81 -62.99
CA LYS H 36 -15.82 -24.67 -62.65
C LYS H 36 -15.07 -24.90 -61.35
N SER H 37 -15.25 -26.07 -60.77
CA SER H 37 -14.57 -26.45 -59.54
C SER H 37 -14.03 -27.84 -59.74
N GLN H 38 -13.28 -28.00 -60.80
CA GLN H 38 -12.76 -29.30 -61.13
C GLN H 38 -11.47 -29.55 -60.36
N SER H 39 -11.31 -30.77 -59.87
CA SER H 39 -10.12 -31.18 -59.15
C SER H 39 -9.39 -32.21 -59.99
N PRO H 40 -8.08 -32.38 -59.77
CA PRO H 40 -7.19 -31.78 -58.77
C PRO H 40 -6.57 -30.49 -59.23
N ILE H 41 -5.91 -29.79 -58.32
CA ILE H 41 -5.22 -28.54 -58.64
C ILE H 41 -3.88 -28.36 -57.93
N ASN H 42 -3.13 -27.33 -58.33
CA ASN H 42 -1.92 -26.92 -57.63
C ASN H 42 -2.18 -25.80 -56.62
N ILE H 43 -2.01 -26.15 -55.36
CA ILE H 43 -2.30 -25.26 -54.25
C ILE H 43 -1.19 -24.22 -54.03
N GLU H 44 -1.46 -22.96 -54.33
CA GLU H 44 -0.41 -21.95 -54.24
C GLU H 44 -0.78 -20.80 -53.30
N HIS H 45 -2.01 -20.33 -53.35
CA HIS H 45 -2.42 -19.33 -52.39
C HIS H 45 -3.55 -19.89 -51.56
N TYR H 46 -3.42 -19.75 -50.24
CA TYR H 46 -4.43 -20.23 -49.34
C TYR H 46 -4.49 -19.33 -48.14
N TYR H 47 -5.49 -19.61 -47.28
CA TYR H 47 -5.79 -18.83 -46.09
C TYR H 47 -5.56 -19.67 -44.82
N HIS H 48 -4.81 -19.14 -43.87
CA HIS H 48 -4.55 -19.81 -42.61
C HIS H 48 -5.71 -19.59 -41.66
N THR H 49 -6.03 -20.53 -40.78
CA THR H 49 -7.19 -20.30 -39.91
C THR H 49 -7.11 -20.91 -38.51
N GLN H 50 -8.21 -20.84 -37.76
CA GLN H 50 -8.19 -21.28 -36.39
C GLN H 50 -8.80 -22.67 -36.15
N ASP H 51 -10.10 -22.80 -35.99
CA ASP H 51 -10.62 -24.02 -35.42
C ASP H 51 -10.36 -25.27 -36.28
N LYS H 52 -10.42 -26.42 -35.60
CA LYS H 52 -10.18 -27.75 -36.15
C LYS H 52 -11.38 -28.13 -37.00
N ALA H 53 -11.82 -27.24 -37.83
CA ALA H 53 -12.76 -27.47 -38.91
C ALA H 53 -13.85 -28.42 -38.46
N ASP H 54 -14.29 -28.33 -37.19
CA ASP H 54 -15.39 -29.15 -36.68
C ASP H 54 -15.35 -30.54 -37.28
N LEU H 55 -14.26 -31.24 -37.04
CA LEU H 55 -14.01 -32.48 -37.76
C LEU H 55 -13.61 -33.65 -36.86
N GLN H 56 -14.52 -34.56 -36.56
CA GLN H 56 -14.22 -35.66 -35.64
C GLN H 56 -14.33 -37.05 -36.29
N PHE H 57 -13.29 -37.86 -36.08
CA PHE H 57 -13.21 -39.18 -36.70
C PHE H 57 -13.82 -40.34 -35.95
N LYS H 58 -14.42 -41.27 -36.69
CA LYS H 58 -14.87 -42.53 -36.11
C LYS H 58 -14.40 -43.71 -36.93
N TYR H 59 -13.09 -43.96 -36.95
CA TYR H 59 -12.49 -45.05 -37.71
C TYR H 59 -12.11 -46.28 -36.88
N ALA H 60 -12.13 -47.44 -37.51
CA ALA H 60 -11.67 -48.66 -36.86
C ALA H 60 -10.96 -49.55 -37.85
N ALA H 61 -10.25 -50.55 -37.34
CA ALA H 61 -9.65 -51.57 -38.17
C ALA H 61 -10.76 -52.29 -38.89
N SER H 62 -10.63 -52.42 -40.21
CA SER H 62 -11.71 -52.97 -41.02
C SER H 62 -11.27 -53.90 -42.13
N LYS H 63 -12.09 -54.92 -42.37
CA LYS H 63 -11.93 -55.84 -43.50
C LYS H 63 -12.67 -55.32 -44.72
N PRO H 64 -11.97 -55.24 -45.88
CA PRO H 64 -12.62 -54.82 -47.12
C PRO H 64 -13.74 -55.76 -47.52
N LYS H 65 -14.86 -55.23 -48.01
CA LYS H 65 -15.85 -56.09 -48.63
C LYS H 65 -15.13 -56.75 -49.80
N ALA H 66 -14.26 -55.97 -50.43
CA ALA H 66 -13.45 -56.40 -51.55
C ALA H 66 -12.22 -55.54 -51.77
N VAL H 67 -11.17 -56.13 -52.34
CA VAL H 67 -10.00 -55.39 -52.82
C VAL H 67 -9.77 -55.74 -54.28
N PHE H 68 -9.83 -54.76 -55.17
CA PHE H 68 -9.75 -55.07 -56.60
C PHE H 68 -9.27 -53.89 -57.41
N PHE H 69 -8.75 -54.18 -58.61
CA PHE H 69 -8.37 -53.13 -59.54
C PHE H 69 -9.59 -52.75 -60.33
N THR H 70 -9.90 -51.46 -60.35
CA THR H 70 -11.01 -50.98 -61.13
C THR H 70 -10.76 -49.58 -61.63
N HIS H 71 -11.07 -49.38 -62.91
CA HIS H 71 -10.97 -48.09 -63.54
C HIS H 71 -9.62 -47.46 -63.28
N HIS H 72 -8.58 -48.25 -63.53
CA HIS H 72 -7.19 -47.82 -63.57
C HIS H 72 -6.57 -47.61 -62.20
N THR H 73 -7.35 -47.83 -61.15
CA THR H 73 -6.85 -47.62 -59.80
C THR H 73 -7.05 -48.86 -58.93
N LEU H 74 -6.30 -48.95 -57.83
CA LEU H 74 -6.50 -50.04 -56.89
C LEU H 74 -7.39 -49.56 -55.76
N LYS H 75 -8.49 -50.26 -55.54
CA LYS H 75 -9.55 -49.78 -54.65
C LYS H 75 -9.87 -50.79 -53.57
N ALA H 76 -10.11 -50.27 -52.37
CA ALA H 76 -10.56 -51.10 -51.27
C ALA H 76 -11.91 -50.64 -50.76
N SER H 77 -12.94 -51.46 -50.90
CA SER H 77 -14.24 -51.05 -50.41
C SER H 77 -14.38 -51.47 -48.96
N PHE H 78 -15.25 -50.81 -48.20
CA PHE H 78 -15.44 -51.15 -46.79
C PHE H 78 -16.89 -51.16 -46.44
N GLU H 79 -17.22 -51.86 -45.36
CA GLU H 79 -18.56 -51.80 -44.85
C GLU H 79 -18.79 -50.41 -44.29
N PRO H 80 -20.05 -49.96 -44.30
CA PRO H 80 -20.37 -48.60 -43.87
C PRO H 80 -20.30 -48.40 -42.36
N THR H 81 -19.17 -48.72 -41.76
CA THR H 81 -19.05 -48.68 -40.32
C THR H 81 -18.17 -47.53 -39.86
N ASN H 82 -17.38 -46.99 -40.78
CA ASN H 82 -16.43 -45.94 -40.45
C ASN H 82 -16.92 -44.57 -40.93
N HIS H 83 -16.82 -43.59 -40.03
CA HIS H 83 -17.43 -42.28 -40.23
C HIS H 83 -16.44 -41.16 -39.99
N ILE H 84 -16.74 -40.00 -40.58
CA ILE H 84 -16.12 -38.74 -40.20
C ILE H 84 -17.25 -37.78 -39.97
N ASN H 85 -17.25 -37.07 -38.85
CA ASN H 85 -18.29 -36.07 -38.64
C ASN H 85 -17.79 -34.67 -38.88
N TYR H 86 -18.48 -33.94 -39.75
CA TYR H 86 -18.10 -32.60 -40.13
C TYR H 86 -19.27 -31.66 -40.21
N ARG H 87 -19.29 -30.66 -39.32
CA ARG H 87 -20.37 -29.69 -39.26
C ARG H 87 -21.73 -30.31 -38.98
N GLY H 88 -21.76 -31.24 -38.03
CA GLY H 88 -23.02 -31.83 -37.63
C GLY H 88 -23.59 -32.79 -38.67
N HIS H 89 -22.72 -33.38 -39.48
CA HIS H 89 -23.15 -34.35 -40.50
C HIS H 89 -22.30 -35.63 -40.47
N ASP H 90 -22.94 -36.79 -40.53
CA ASP H 90 -22.25 -38.07 -40.48
C ASP H 90 -21.86 -38.51 -41.90
N TYR H 91 -20.56 -38.70 -42.15
CA TYR H 91 -20.09 -39.16 -43.46
C TYR H 91 -19.49 -40.56 -43.44
N VAL H 92 -20.14 -41.49 -44.14
CA VAL H 92 -19.66 -42.88 -44.19
C VAL H 92 -18.56 -43.10 -45.21
N LEU H 93 -17.47 -43.72 -44.78
CA LEU H 93 -16.37 -44.08 -45.70
C LEU H 93 -16.78 -45.25 -46.60
N ASP H 94 -16.68 -45.04 -47.89
CA ASP H 94 -17.03 -46.08 -48.84
C ASP H 94 -15.86 -46.92 -49.21
N ASN H 95 -14.77 -46.24 -49.54
CA ASN H 95 -13.56 -46.88 -50.03
C ASN H 95 -12.32 -46.00 -49.90
N VAL H 96 -11.17 -46.62 -50.04
CA VAL H 96 -9.94 -45.88 -50.21
C VAL H 96 -9.31 -46.36 -51.49
N HIS H 97 -8.82 -45.44 -52.31
CA HIS H 97 -8.16 -45.83 -53.54
C HIS H 97 -6.88 -45.03 -53.71
N PHE H 98 -6.10 -45.41 -54.71
CA PHE H 98 -4.75 -44.89 -54.83
C PHE H 98 -4.53 -44.24 -56.15
N HIS H 99 -3.67 -43.25 -56.17
CA HIS H 99 -3.30 -42.59 -57.40
C HIS H 99 -1.78 -42.46 -57.48
N ALA H 100 -1.20 -42.80 -58.63
CA ALA H 100 0.22 -42.62 -58.82
C ALA H 100 0.47 -42.00 -60.18
N PRO H 101 1.11 -40.81 -60.23
CA PRO H 101 1.51 -40.04 -59.04
C PRO H 101 0.33 -39.39 -58.32
N MET H 102 0.63 -38.76 -57.20
CA MET H 102 -0.35 -38.06 -56.40
C MET H 102 -1.01 -37.01 -57.27
N GLU H 103 -2.31 -36.83 -57.12
CA GLU H 103 -3.04 -35.92 -58.00
C GLU H 103 -2.95 -34.48 -57.56
N PHE H 104 -3.14 -34.21 -56.28
CA PHE H 104 -3.04 -32.84 -55.79
C PHE H 104 -1.61 -32.34 -55.60
N LEU H 105 -1.42 -31.06 -55.86
CA LEU H 105 -0.13 -30.45 -55.62
C LEU H 105 -0.21 -29.50 -54.47
N ILE H 106 0.80 -29.54 -53.62
CA ILE H 106 0.93 -28.61 -52.53
C ILE H 106 2.15 -27.75 -52.79
N ASN H 107 1.95 -26.47 -53.12
CA ASN H 107 3.03 -25.55 -53.47
C ASN H 107 3.99 -26.16 -54.49
N ASN H 108 3.43 -26.85 -55.47
CA ASN H 108 4.15 -27.46 -56.57
C ASN H 108 5.02 -28.66 -56.21
N LYS H 109 4.78 -29.27 -55.05
CA LYS H 109 5.55 -30.46 -54.73
C LYS H 109 4.75 -31.73 -55.02
N THR H 110 5.46 -32.76 -55.42
CA THR H 110 4.82 -33.94 -55.94
C THR H 110 5.18 -35.16 -55.13
N ARG H 111 4.18 -35.97 -54.84
CA ARG H 111 4.42 -37.24 -54.21
C ARG H 111 4.23 -38.29 -55.25
N PRO H 112 4.97 -39.38 -55.14
CA PRO H 112 4.84 -40.51 -56.07
C PRO H 112 3.54 -41.31 -55.84
N LEU H 113 2.79 -41.01 -54.79
CA LEU H 113 1.59 -41.79 -54.57
C LEU H 113 0.67 -41.07 -53.61
N SER H 114 -0.62 -41.28 -53.75
CA SER H 114 -1.57 -40.81 -52.77
C SER H 114 -2.68 -41.82 -52.60
N ALA H 115 -3.48 -41.66 -51.56
CA ALA H 115 -4.66 -42.49 -51.34
C ALA H 115 -5.85 -41.58 -51.08
N HIS H 116 -7.03 -41.95 -51.56
CA HIS H 116 -8.22 -41.13 -51.35
C HIS H 116 -9.30 -41.87 -50.58
N PHE H 117 -9.75 -41.26 -49.48
CA PHE H 117 -10.76 -41.83 -48.59
C PHE H 117 -12.11 -41.27 -48.92
N VAL H 118 -12.96 -42.09 -49.53
CA VAL H 118 -14.22 -41.63 -50.09
C VAL H 118 -15.42 -41.73 -49.17
N HIS H 119 -16.04 -40.59 -48.87
CA HIS H 119 -17.15 -40.53 -47.93
C HIS H 119 -18.39 -39.93 -48.52
N LYS H 120 -19.52 -40.35 -47.98
CA LYS H 120 -20.83 -39.84 -48.40
C LYS H 120 -21.73 -39.67 -47.21
N ASP H 121 -22.47 -38.58 -47.15
CA ASP H 121 -23.39 -38.45 -46.04
C ASP H 121 -24.74 -39.02 -46.46
N ALA H 122 -25.74 -38.77 -45.64
CA ALA H 122 -27.08 -39.26 -45.86
C ALA H 122 -27.70 -38.65 -47.12
N LYS H 123 -27.41 -37.39 -47.35
CA LYS H 123 -28.01 -36.62 -48.43
C LYS H 123 -27.26 -36.77 -49.73
N GLY H 124 -26.24 -37.64 -49.73
CA GLY H 124 -25.46 -37.91 -50.92
C GLY H 124 -24.36 -36.88 -51.13
N ARG H 125 -24.08 -36.06 -50.11
CA ARG H 125 -23.04 -35.05 -50.19
C ARG H 125 -21.67 -35.69 -50.01
N LEU H 126 -20.68 -35.24 -50.77
CA LEU H 126 -19.39 -35.94 -50.86
C LEU H 126 -18.24 -35.32 -50.06
N LEU H 127 -17.51 -36.16 -49.36
CA LEU H 127 -16.31 -35.74 -48.65
C LEU H 127 -15.14 -36.71 -48.93
N VAL H 128 -14.08 -36.19 -49.53
CA VAL H 128 -12.92 -36.99 -49.87
C VAL H 128 -11.71 -36.48 -49.16
N LEU H 129 -10.87 -37.43 -48.75
CA LEU H 129 -9.70 -37.16 -47.95
C LEU H 129 -8.45 -37.58 -48.74
N ALA H 130 -7.48 -36.70 -48.87
CA ALA H 130 -6.29 -37.04 -49.64
C ALA H 130 -5.00 -36.95 -48.85
N ILE H 131 -4.14 -37.95 -48.99
CA ILE H 131 -2.84 -37.93 -48.35
C ILE H 131 -1.78 -38.53 -49.27
N GLY H 132 -0.62 -37.88 -49.35
CA GLY H 132 0.44 -38.34 -50.22
C GLY H 132 1.39 -39.32 -49.55
N PHE H 133 2.17 -40.05 -50.36
CA PHE H 133 3.16 -41.00 -49.87
C PHE H 133 4.54 -40.63 -50.31
N GLU H 134 5.52 -40.80 -49.43
CA GLU H 134 6.90 -40.56 -49.80
C GLU H 134 7.69 -41.87 -49.68
N GLU H 135 8.53 -42.18 -50.65
CA GLU H 135 9.30 -43.43 -50.66
C GLU H 135 10.19 -43.58 -49.43
N GLY H 136 10.09 -44.70 -48.73
CA GLY H 136 10.83 -44.86 -47.49
C GLY H 136 10.58 -46.15 -46.71
N LYS H 137 10.16 -45.99 -45.45
CA LYS H 137 9.90 -47.13 -44.59
C LYS H 137 8.61 -47.85 -45.02
N GLU H 138 8.62 -49.17 -44.91
CA GLU H 138 7.47 -50.03 -45.18
C GLU H 138 6.23 -49.57 -44.47
N ASN H 139 5.17 -49.33 -45.21
CA ASN H 139 3.96 -48.96 -44.54
C ASN H 139 3.15 -50.23 -44.32
N PRO H 140 2.95 -50.57 -43.05
CA PRO H 140 2.23 -51.75 -42.60
C PRO H 140 0.75 -51.61 -42.89
N ASN H 141 0.31 -50.36 -43.04
CA ASN H 141 -1.10 -50.10 -43.31
C ASN H 141 -1.53 -50.58 -44.70
N LEU H 142 -0.55 -50.64 -45.59
CA LEU H 142 -0.76 -51.06 -46.97
C LEU H 142 -0.93 -52.55 -47.18
N ASP H 143 -0.30 -53.34 -46.32
CA ASP H 143 -0.16 -54.77 -46.57
C ASP H 143 -1.40 -55.65 -46.52
N PRO H 144 -2.40 -55.33 -45.67
CA PRO H 144 -3.64 -56.12 -45.75
C PRO H 144 -4.28 -56.05 -47.13
N ILE H 145 -4.07 -54.90 -47.76
CA ILE H 145 -4.60 -54.59 -49.08
C ILE H 145 -3.74 -55.12 -50.21
N LEU H 146 -2.43 -55.08 -50.01
CA LEU H 146 -1.50 -55.58 -51.01
C LEU H 146 -1.52 -57.09 -51.05
N GLU H 147 -2.17 -57.67 -50.06
CA GLU H 147 -2.33 -59.11 -50.02
C GLU H 147 -3.81 -59.40 -50.20
N GLY H 148 -4.63 -58.36 -50.30
CA GLY H 148 -6.05 -58.61 -50.40
C GLY H 148 -6.43 -58.58 -51.85
N ILE H 149 -5.44 -58.40 -52.72
CA ILE H 149 -5.68 -58.55 -54.14
C ILE H 149 -5.65 -60.05 -54.42
N GLN H 150 -4.85 -60.77 -53.62
CA GLN H 150 -4.66 -62.22 -53.73
C GLN H 150 -5.94 -63.01 -53.89
N LYS H 151 -6.77 -62.98 -52.86
CA LYS H 151 -8.04 -63.68 -52.90
C LYS H 151 -9.23 -62.74 -52.96
N LYS H 152 -10.42 -63.33 -52.79
CA LYS H 152 -11.67 -62.60 -52.87
C LYS H 152 -12.51 -63.06 -51.71
N GLN H 153 -11.82 -63.75 -50.83
CA GLN H 153 -12.37 -64.18 -49.57
C GLN H 153 -11.26 -63.89 -48.58
N ASN H 154 -11.56 -63.91 -47.29
CA ASN H 154 -10.51 -63.82 -46.29
C ASN H 154 -9.56 -62.63 -46.47
N PHE H 155 -10.09 -61.40 -46.37
CA PHE H 155 -9.24 -60.21 -46.39
C PHE H 155 -8.82 -59.89 -44.95
N LYS H 156 -7.55 -59.56 -44.68
CA LYS H 156 -7.25 -59.22 -43.30
C LYS H 156 -7.62 -57.76 -43.03
N GLU H 157 -7.91 -57.48 -41.76
CA GLU H 157 -8.34 -56.16 -41.32
C GLU H 157 -7.27 -55.12 -41.63
N VAL H 158 -7.74 -53.93 -41.97
CA VAL H 158 -6.89 -52.77 -42.21
C VAL H 158 -6.96 -51.76 -41.08
N ALA H 159 -5.79 -51.37 -40.57
CA ALA H 159 -5.71 -50.48 -39.42
C ALA H 159 -6.06 -49.02 -39.78
N LEU H 160 -7.36 -48.76 -39.95
CA LEU H 160 -7.81 -47.43 -40.31
C LEU H 160 -7.51 -46.46 -39.18
N ASP H 161 -7.65 -46.92 -37.95
CA ASP H 161 -7.36 -46.10 -36.79
C ASP H 161 -5.87 -45.79 -36.69
N ALA H 162 -5.04 -46.45 -37.48
CA ALA H 162 -3.60 -46.20 -37.41
C ALA H 162 -3.01 -45.61 -38.69
N PHE H 163 -3.84 -45.51 -39.72
CA PHE H 163 -3.36 -45.20 -41.07
C PHE H 163 -2.73 -43.83 -41.16
N LEU H 164 -3.46 -42.85 -40.66
CA LEU H 164 -3.07 -41.46 -40.70
C LEU H 164 -2.23 -41.07 -39.52
N PRO H 165 -1.44 -40.01 -39.66
CA PRO H 165 -0.78 -39.50 -38.47
C PRO H 165 -1.82 -39.07 -37.47
N LYS H 166 -1.49 -39.05 -36.19
CA LYS H 166 -2.42 -38.58 -35.18
C LYS H 166 -2.67 -37.11 -35.45
N SER H 167 -1.61 -36.45 -35.93
CA SER H 167 -1.65 -35.03 -36.20
C SER H 167 -1.46 -34.73 -37.66
N ILE H 168 -2.43 -34.02 -38.21
CA ILE H 168 -2.43 -33.69 -39.62
C ILE H 168 -2.58 -32.19 -39.87
N ASN H 169 -1.85 -31.71 -40.87
CA ASN H 169 -2.10 -30.40 -41.47
C ASN H 169 -2.82 -30.62 -42.77
N TYR H 170 -3.90 -29.90 -43.00
CA TYR H 170 -4.67 -30.20 -44.18
C TYR H 170 -5.10 -28.95 -44.88
N TYR H 171 -5.44 -29.15 -46.15
CA TYR H 171 -6.05 -28.13 -46.98
C TYR H 171 -7.50 -28.51 -47.26
N HIS H 172 -8.40 -27.55 -47.09
CA HIS H 172 -9.81 -27.84 -47.31
C HIS H 172 -10.38 -26.88 -48.35
N PHE H 173 -11.18 -27.41 -49.28
CA PHE H 173 -11.79 -26.60 -50.33
C PHE H 173 -12.90 -27.39 -51.02
N ASN H 174 -13.66 -26.73 -51.90
CA ASN H 174 -14.70 -27.44 -52.64
C ASN H 174 -14.22 -27.78 -54.03
N GLY H 175 -14.37 -29.04 -54.38
CA GLY H 175 -13.89 -29.46 -55.67
C GLY H 175 -14.77 -30.52 -56.27
N SER H 176 -14.17 -31.30 -57.14
CA SER H 176 -14.86 -32.36 -57.84
C SER H 176 -14.13 -33.65 -57.68
N LEU H 177 -14.76 -34.72 -58.13
CA LEU H 177 -14.07 -36.00 -58.25
C LEU H 177 -12.97 -35.82 -59.27
N THR H 178 -11.89 -36.57 -59.09
CA THR H 178 -10.77 -36.43 -59.99
C THR H 178 -10.88 -37.45 -61.13
N ALA H 179 -11.94 -38.25 -61.09
CA ALA H 179 -12.18 -39.24 -62.12
C ALA H 179 -13.59 -39.05 -62.61
N PRO H 180 -13.89 -39.43 -63.86
CA PRO H 180 -15.26 -39.31 -64.35
C PRO H 180 -16.26 -39.98 -63.39
N PRO H 181 -17.44 -39.36 -63.15
CA PRO H 181 -18.04 -38.19 -63.83
C PRO H 181 -17.57 -36.81 -63.37
N CYS H 182 -16.52 -36.74 -62.57
CA CYS H 182 -15.94 -35.47 -62.15
C CYS H 182 -16.99 -34.64 -61.44
N THR H 183 -17.89 -35.35 -60.75
CA THR H 183 -19.01 -34.76 -60.05
C THR H 183 -18.53 -33.68 -59.09
N GLU H 184 -19.27 -32.60 -59.00
CA GLU H 184 -18.87 -31.55 -58.12
C GLU H 184 -19.60 -31.55 -56.78
N GLY H 185 -19.35 -30.56 -55.95
CA GLY H 185 -19.91 -30.55 -54.61
C GLY H 185 -19.09 -31.46 -53.73
N VAL H 186 -17.84 -31.66 -54.10
CA VAL H 186 -16.98 -32.51 -53.33
C VAL H 186 -16.18 -31.68 -52.33
N ALA H 187 -16.34 -31.98 -51.05
CA ALA H 187 -15.56 -31.34 -49.99
C ALA H 187 -14.20 -32.04 -49.81
N TRP H 188 -13.12 -31.38 -50.21
CA TRP H 188 -11.80 -31.98 -50.14
C TRP H 188 -11.02 -31.65 -48.86
N PHE H 189 -10.35 -32.64 -48.29
CA PHE H 189 -9.37 -32.40 -47.23
C PHE H 189 -8.07 -33.02 -47.70
N VAL H 190 -7.11 -32.19 -48.05
CA VAL H 190 -5.83 -32.72 -48.52
C VAL H 190 -4.72 -32.58 -47.48
N ILE H 191 -4.14 -33.70 -47.08
CA ILE H 191 -3.14 -33.71 -46.01
C ILE H 191 -1.71 -33.49 -46.46
N GLU H 192 -1.05 -32.56 -45.77
CA GLU H 192 0.30 -32.11 -46.10
C GLU H 192 1.36 -33.13 -45.74
N GLU H 193 1.19 -33.76 -44.59
CA GLU H 193 2.16 -34.74 -44.12
C GLU H 193 2.03 -36.00 -44.95
N PRO H 194 3.13 -36.43 -45.57
CA PRO H 194 3.16 -37.65 -46.36
C PRO H 194 3.26 -38.88 -45.48
N LEU H 195 2.56 -39.94 -45.82
CA LEU H 195 2.76 -41.20 -45.13
C LEU H 195 3.98 -41.88 -45.67
N GLU H 196 4.17 -43.11 -45.26
CA GLU H 196 5.37 -43.81 -45.59
C GLU H 196 5.09 -44.88 -46.61
N VAL H 197 5.98 -45.03 -47.57
CA VAL H 197 5.88 -46.14 -48.48
C VAL H 197 7.28 -46.60 -48.82
N SER H 198 7.48 -47.91 -48.84
CA SER H 198 8.77 -48.48 -49.19
C SER H 198 8.96 -48.53 -50.71
N ALA H 199 10.19 -48.70 -51.16
CA ALA H 199 10.47 -48.79 -52.58
C ALA H 199 9.75 -50.00 -53.17
N LYS H 200 9.68 -51.06 -52.36
CA LYS H 200 9.02 -52.31 -52.73
C LYS H 200 7.48 -52.24 -52.74
N GLN H 201 6.90 -51.56 -51.76
CA GLN H 201 5.46 -51.32 -51.69
C GLN H 201 5.01 -50.46 -52.87
N LEU H 202 5.86 -49.53 -53.25
CA LEU H 202 5.58 -48.61 -54.32
C LEU H 202 5.53 -49.38 -55.65
N ALA H 203 6.45 -50.30 -55.85
CA ALA H 203 6.54 -51.03 -57.10
C ALA H 203 5.30 -51.91 -57.31
N GLU H 204 4.95 -52.66 -56.27
CA GLU H 204 3.80 -53.57 -56.34
C GLU H 204 2.45 -52.96 -56.73
N ILE H 205 2.11 -51.82 -56.12
CA ILE H 205 0.84 -51.16 -56.44
C ILE H 205 0.84 -50.41 -57.75
N LYS H 206 2.02 -49.99 -58.18
CA LYS H 206 2.16 -49.26 -59.42
C LYS H 206 1.96 -50.23 -60.56
N LYS H 207 2.41 -51.46 -60.33
CA LYS H 207 2.24 -52.54 -61.29
C LYS H 207 0.87 -53.21 -61.22
N ARG H 208 0.23 -53.18 -60.06
CA ARG H 208 -1.11 -53.71 -59.90
C ARG H 208 -2.16 -52.77 -60.49
N MET H 209 -1.75 -51.52 -60.70
CA MET H 209 -2.54 -50.54 -61.43
C MET H 209 -2.04 -50.47 -62.89
N LYS H 210 -1.54 -51.63 -63.35
CA LYS H 210 -1.02 -51.93 -64.70
C LYS H 210 0.12 -51.04 -65.19
N ASN H 211 0.94 -50.56 -64.25
CA ASN H 211 2.06 -49.66 -64.55
C ASN H 211 1.69 -48.52 -65.47
N SER H 212 0.42 -48.15 -65.36
CA SER H 212 -0.12 -47.03 -66.07
C SER H 212 -0.58 -46.02 -65.05
N PRO H 213 0.10 -44.85 -65.02
CA PRO H 213 -0.22 -43.71 -64.15
C PRO H 213 -1.71 -43.37 -64.19
N ASN H 214 -2.32 -43.17 -63.03
CA ASN H 214 -3.73 -42.78 -62.97
C ASN H 214 -3.91 -41.43 -62.29
N GLN H 215 -3.24 -40.44 -62.86
CA GLN H 215 -3.23 -39.11 -62.31
C GLN H 215 -3.89 -38.14 -63.29
N ARG H 216 -5.02 -37.57 -62.89
CA ARG H 216 -5.66 -36.56 -63.72
C ARG H 216 -4.83 -35.30 -63.74
N PRO H 217 -4.66 -34.71 -64.93
CA PRO H 217 -3.91 -33.46 -64.95
C PRO H 217 -4.54 -32.39 -64.09
N VAL H 218 -3.72 -31.44 -63.70
CA VAL H 218 -4.18 -30.33 -62.91
C VAL H 218 -5.21 -29.54 -63.70
N GLN H 219 -6.32 -29.23 -63.03
CA GLN H 219 -7.43 -28.58 -63.68
C GLN H 219 -7.38 -27.06 -63.48
N PRO H 220 -8.12 -26.31 -64.32
CA PRO H 220 -8.23 -24.85 -64.14
C PRO H 220 -8.86 -24.46 -62.80
N ASP H 221 -8.28 -23.45 -62.20
CA ASP H 221 -8.73 -22.98 -60.90
C ASP H 221 -9.56 -21.74 -61.08
N TYR H 222 -10.83 -21.80 -60.70
CA TYR H 222 -11.61 -20.59 -60.74
C TYR H 222 -11.49 -19.96 -59.35
N ASN H 223 -10.23 -19.75 -59.00
CA ASN H 223 -9.80 -19.12 -57.78
C ASN H 223 -10.42 -19.78 -56.56
N THR H 224 -10.23 -21.10 -56.47
CA THR H 224 -10.74 -21.91 -55.37
C THR H 224 -10.28 -21.41 -54.01
N VAL H 225 -11.24 -21.31 -53.09
CA VAL H 225 -10.99 -20.90 -51.72
C VAL H 225 -10.51 -22.11 -50.91
N ILE H 226 -9.27 -22.03 -50.43
CA ILE H 226 -8.60 -23.13 -49.73
C ILE H 226 -8.17 -22.74 -48.32
N ILE H 227 -8.48 -23.52 -47.30
CA ILE H 227 -7.95 -23.20 -45.98
C ILE H 227 -6.87 -24.21 -45.56
N LYS H 228 -5.84 -23.72 -44.90
CA LYS H 228 -4.86 -24.61 -44.28
C LYS H 228 -5.10 -24.62 -42.78
N SER H 229 -5.24 -25.79 -42.22
CA SER H 229 -5.53 -25.88 -40.80
C SER H 229 -4.88 -27.15 -40.29
N SER H 230 -5.20 -27.54 -39.07
CA SER H 230 -4.58 -28.72 -38.52
C SER H 230 -5.56 -29.48 -37.64
N ALA H 231 -5.31 -30.76 -37.42
CA ALA H 231 -6.22 -31.57 -36.63
C ALA H 231 -5.60 -32.82 -36.05
N GLU H 232 -6.36 -33.45 -35.17
CA GLU H 232 -5.96 -34.69 -34.53
C GLU H 232 -6.80 -35.82 -35.06
N THR H 233 -6.15 -36.86 -35.56
CA THR H 233 -6.90 -37.95 -36.17
C THR H 233 -7.34 -38.98 -35.13
N ARG H 234 -6.41 -39.48 -34.31
CA ARG H 234 -6.81 -40.31 -33.18
C ARG H 234 -6.53 -39.56 -31.87
ZN ZN I . 10.04 -7.48 23.08
CL CL J . 14.17 -2.66 25.27
N1 MZM K . 8.92 -6.76 21.68
S1 MZM K . 7.37 -6.51 22.09
O1 MZM K . 7.20 -6.57 23.52
O2 MZM K . 6.93 -5.20 21.74
C1 MZM K . 6.35 -7.75 21.38
S2 MZM K . 5.60 -8.83 22.16
C2 MZM K . 4.88 -9.70 21.12
N2 MZM K . 5.19 -9.16 19.86
C5 MZM K . 4.72 -9.66 18.62
N3 MZM K . 6.13 -7.92 20.02
N4 MZM K . 4.05 -10.84 21.34
C3 MZM K . 3.71 -11.42 22.61
O3 MZM K . 4.15 -10.98 23.65
C4 MZM K . 2.81 -12.64 22.67
ZN ZN L . -9.08 22.47 14.68
CL CL M . -11.09 21.65 22.00
N1 MZM N . -9.09 20.78 13.76
S1 MZM N . -7.64 20.07 13.65
O1 MZM N . -6.66 20.85 14.34
O2 MZM N . -7.64 18.81 14.32
C1 MZM N . -7.39 20.03 11.90
S2 MZM N . -6.55 21.05 11.15
C2 MZM N . -6.61 20.67 9.67
N2 MZM N . -7.43 19.53 9.54
C5 MZM N . -7.73 18.88 8.30
N3 MZM N . -7.94 19.12 10.97
N4 MZM N . -5.99 21.29 8.56
C3 MZM N . -5.16 22.44 8.66
O3 MZM N . -4.92 22.96 9.73
C4 MZM N . -4.55 23.01 7.41
ZN ZN O . -8.48 -25.05 -4.64
CL CL P . -14.16 -26.54 -8.26
N1 MZM Q . -8.50 -23.27 -4.44
S1 MZM Q . -7.33 -22.48 -5.28
O1 MZM Q . -6.84 -23.33 -6.30
O2 MZM Q . -7.89 -21.36 -5.94
C1 MZM Q . -5.97 -21.98 -4.30
S2 MZM Q . -4.52 -22.46 -4.47
C2 MZM Q . -3.76 -21.76 -3.34
N2 MZM Q . -4.65 -20.95 -2.61
C5 MZM Q . -4.30 -20.15 -1.50
N3 MZM Q . -6.07 -21.09 -3.22
N4 MZM Q . -2.39 -21.85 -3.01
C3 MZM Q . -1.44 -22.64 -3.70
O3 MZM Q . -1.76 -23.33 -4.64
C4 MZM Q . -0.01 -22.61 -3.22
C1 GOL R . -4.13 -24.64 -1.50
O1 GOL R . -2.74 -24.55 -1.67
C2 GOL R . -4.44 -24.15 -0.11
O2 GOL R . -3.32 -23.45 0.39
C3 GOL R . -5.65 -23.27 -0.22
O3 GOL R . -6.65 -24.05 -0.83
ZN ZN S . -14.63 7.79 -19.24
N1 MZM T . -13.94 7.21 -17.71
S1 MZM T . -14.52 6.08 -16.69
O1 MZM T . -15.43 5.24 -17.40
O2 MZM T . -13.48 5.16 -16.36
C1 MZM T . -15.21 6.85 -15.24
S2 MZM T . -16.67 7.25 -14.91
C2 MZM T . -16.67 7.90 -13.51
N2 MZM T . -15.34 7.89 -13.05
C5 MZM T . -14.90 8.39 -11.79
N3 MZM T . -14.41 7.22 -14.13
N4 MZM T . -17.75 8.43 -12.74
C3 MZM T . -19.12 8.50 -13.08
O3 MZM T . -19.54 8.09 -14.13
C4 MZM T . -20.09 9.12 -12.09
C1 GOL U . -13.70 10.59 -16.56
O1 GOL U . -12.50 11.30 -16.32
C2 GOL U . -14.53 10.45 -15.30
O2 GOL U . -13.88 11.11 -14.25
C3 GOL U . -15.87 11.13 -15.52
O3 GOL U . -16.61 11.08 -14.32
ZN ZN V . 28.85 43.87 45.37
CL CL W . 29.49 40.66 39.51
N1 MZM X . 29.65 42.73 46.56
S1 MZM X . 28.77 41.91 47.67
O1 MZM X . 27.41 41.80 47.28
O2 MZM X . 29.24 40.58 47.73
C1 MZM X . 28.72 42.60 49.26
S2 MZM X . 27.53 43.34 49.87
C2 MZM X . 28.00 43.75 51.26
N2 MZM X . 29.32 43.27 51.45
C5 MZM X . 30.10 43.45 52.62
N3 MZM X . 29.78 42.53 50.17
N4 MZM X . 27.32 44.48 52.26
C3 MZM X . 26.01 44.97 52.10
O3 MZM X . 25.39 44.81 51.07
C4 MZM X . 25.38 45.73 53.25
C1 GOL Y . 29.31 46.87 48.56
O1 GOL Y . 30.19 45.81 48.27
C2 GOL Y . 29.86 47.45 49.84
O2 GOL Y . 30.78 46.51 50.32
C3 GOL Y . 28.74 47.58 50.86
O3 GOL Y . 29.30 48.09 52.04
ZN ZN Z . 31.42 9.80 57.65
N1 MZM AA . 32.39 11.18 58.97
S1 MZM AA . 33.05 11.84 57.64
O1 MZM AA . 32.87 11.02 56.49
O2 MZM AA . 32.34 13.01 57.28
C1 MZM AA . 34.75 12.17 58.00
S2 MZM AA . 35.97 11.48 57.39
C2 MZM AA . 37.23 12.11 58.01
N2 MZM AA . 36.79 13.09 58.92
C5 MZM AA . 37.64 13.92 59.71
N3 MZM AA . 35.21 13.13 58.92
N4 MZM AA . 38.61 11.84 57.79
C3 MZM AA . 39.20 10.88 56.93
O3 MZM AA . 38.52 10.15 56.25
C4 MZM AA . 40.70 10.76 56.86
ZN ZN BA . -27.02 -9.44 -58.60
CL CL CA . -25.96 -9.57 -51.70
N1 MZM DA . -26.78 -11.01 -59.44
S1 MZM DA . -25.36 -11.30 -60.20
O1 MZM DA . -24.40 -10.31 -59.87
O2 MZM DA . -24.75 -12.49 -59.70
C1 MZM DA . -25.58 -11.42 -61.96
S2 MZM DA . -24.90 -10.56 -63.05
C2 MZM DA . -25.41 -11.06 -64.41
N2 MZM DA . -26.31 -12.11 -64.17
C5 MZM DA . -27.01 -12.84 -65.16
N3 MZM DA . -26.42 -12.34 -62.62
N4 MZM DA . -25.08 -10.59 -65.72
C3 MZM DA . -24.17 -9.54 -66.03
O3 MZM DA . -23.59 -8.94 -65.17
C4 MZM DA . -23.92 -9.15 -67.48
C1 GOL EA . -29.95 -9.83 -62.76
O1 GOL EA . -29.21 -9.86 -61.57
C2 GOL EA . -28.95 -9.96 -63.89
O2 GOL EA . -29.57 -9.71 -65.13
C3 GOL EA . -27.88 -8.93 -63.60
O3 GOL EA . -27.58 -8.23 -64.79
ZN ZN FA . -9.38 -40.75 -56.29
CL CL GA . -4.22 -37.23 -53.94
N1 MZM HA . -10.21 -39.98 -57.67
S1 MZM HA . -11.48 -39.58 -56.72
O1 MZM HA . -11.12 -39.77 -55.37
O2 MZM HA . -11.71 -38.17 -56.83
C1 MZM HA . -12.94 -40.50 -57.11
S2 MZM HA . -13.85 -41.38 -56.19
C2 MZM HA . -14.97 -41.94 -57.12
N2 MZM HA . -14.75 -41.44 -58.42
C5 MZM HA . -15.57 -41.72 -59.54
N3 MZM HA . -13.47 -40.53 -58.42
N4 MZM HA . -16.08 -42.80 -56.87
C3 MZM HA . -16.45 -43.40 -55.66
O3 MZM HA . -15.80 -43.23 -54.65
C4 MZM HA . -17.67 -44.29 -55.62
#